data_1G3N
#
_entry.id   1G3N
#
_cell.length_a   77.780
_cell.length_b   146.950
_cell.length_c   164.820
_cell.angle_alpha   90.00
_cell.angle_beta   90.00
_cell.angle_gamma   90.00
#
_symmetry.space_group_name_H-M   'P 21 21 21'
#
loop_
_entity.id
_entity.type
_entity.pdbx_description
1 polymer 'CYCLIN-DEPENDENT KINASE 6'
2 polymer 'CYCLIN-DEPENDENT KINASE 6 INHIBITOR'
3 polymer V-CYCLIN
#
loop_
_entity_poly.entity_id
_entity_poly.type
_entity_poly.pdbx_seq_one_letter_code
_entity_poly.pdbx_strand_id
1 'polypeptide(L)'
;MEKDGLCRADQQYECVAEIGEGAYGKVFKARDLKNGGRFVALKRVRVQTGEEGMPLSTIREVAVLRHLETFEHPNVVRLF
DVCTVSRTDRETKLTLVFEHVDQDLTTYLDKVPEPGVPTETIKDMMFQLLRGLDFLHSHRVVHRDLKPQNILVTSSGQIK
LADFGLARIYSFQMALTSVVVTLWYRAPEVLLQSSYATPVDLWSVGCIFAEMFRRKPLFRGSSDVDQLGKILDVIGLPGE
EDWPRDVALPRQAFHSKSAQPIEKFVTDIDELGKDLLLKCLTFNPAKRISAYSALSHPYFQDLERCKENLDSHLPPSQNT
SELNTA
;
A,E
2 'polypeptide(L)'
;MAEPWGNELASAAARGDLEQLTSLLQNNVNVNAQNGFGRTALQVMKLGNPEIARRLLLRGANPDLKDRTGFAVIHDAARA
GFLDTLQTLLEFQADVNIEDNEGNLPLHLAAKEGHLRVVEFLVKHTASNVGHRNHKGDTACDLARLYGRNEVVSLMQANG
AGGATNLQ
;
B,F
3 'polypeptide(L)'
;MATANNPPSGLLDPTLCEDRIFYNILEIEPRFLTSDSVFGTFQQSLTSHMRKLLGTWMFSVCQEYNLEPNVVALALNLLD
RLLLIKQVSKEHFQKTGSACLLVASKLRSLTPISTSSLCYAAADSFSRQELIDQEKELLEKLAWRTEAVLATDVTSFLLL
KLVGGSQHLDFWHHEVNTLITKALVDPLTGSLPASIISAAGCALLVPANVIPQDTHSGGVVPQLASILGCDVSVLQAAVE
QILTSVSDFDLRILDSY
;
C,G
#
# COMPACT_ATOMS: atom_id res chain seq x y z
N ALA A 9 -7.70 -27.10 19.00
CA ALA A 9 -8.85 -27.41 19.86
C ALA A 9 -10.00 -28.00 19.04
N ASP A 10 -11.08 -27.22 18.86
CA ASP A 10 -12.27 -27.62 18.08
C ASP A 10 -13.02 -28.82 18.72
N GLN A 11 -13.11 -28.80 20.05
CA GLN A 11 -13.77 -29.85 20.83
C GLN A 11 -13.68 -29.31 22.26
N GLN A 12 -12.96 -28.21 22.41
CA GLN A 12 -12.80 -27.51 23.69
C GLN A 12 -13.60 -26.21 23.58
N TYR A 13 -13.66 -25.69 22.35
CA TYR A 13 -14.36 -24.46 22.07
C TYR A 13 -15.62 -24.82 21.34
N GLU A 14 -16.76 -24.37 21.89
CA GLU A 14 -18.06 -24.67 21.33
C GLU A 14 -18.82 -23.39 20.86
N CYS A 15 -18.95 -23.21 19.56
CA CYS A 15 -19.64 -22.07 19.01
C CYS A 15 -21.10 -22.02 19.45
N VAL A 16 -21.61 -20.79 19.61
CA VAL A 16 -22.98 -20.56 20.04
C VAL A 16 -23.66 -19.54 19.14
N ALA A 17 -22.85 -18.69 18.51
CA ALA A 17 -23.36 -17.68 17.61
C ALA A 17 -22.32 -17.09 16.71
N GLU A 18 -22.70 -16.78 15.47
CA GLU A 18 -21.79 -16.14 14.54
C GLU A 18 -22.07 -14.65 14.74
N ILE A 19 -21.01 -13.88 14.97
CA ILE A 19 -21.14 -12.44 15.19
C ILE A 19 -21.10 -11.70 13.88
N GLY A 20 -20.33 -12.23 12.95
CA GLY A 20 -20.25 -11.59 11.66
C GLY A 20 -19.05 -12.04 10.88
N GLU A 21 -18.70 -11.31 9.82
CA GLU A 21 -17.54 -11.67 9.07
C GLU A 21 -17.01 -10.46 8.36
N GLY A 22 -15.70 -10.37 8.27
CA GLY A 22 -15.07 -9.23 7.65
C GLY A 22 -13.64 -9.55 7.30
N ALA A 23 -12.78 -8.56 7.42
CA ALA A 23 -11.40 -8.72 7.07
C ALA A 23 -10.63 -9.81 7.76
N TYR A 24 -11.12 -10.38 8.86
CA TYR A 24 -10.32 -11.44 9.48
C TYR A 24 -11.01 -12.77 9.51
N GLY A 25 -11.91 -12.98 8.57
CA GLY A 25 -12.65 -14.23 8.54
C GLY A 25 -13.93 -14.05 9.35
N LYS A 26 -14.58 -15.14 9.74
CA LYS A 26 -15.80 -15.05 10.51
C LYS A 26 -15.49 -14.97 11.99
N VAL A 27 -16.32 -14.21 12.70
CA VAL A 27 -16.17 -14.00 14.13
C VAL A 27 -17.29 -14.70 14.89
N PHE A 28 -16.96 -15.59 15.83
CA PHE A 28 -18.01 -16.24 16.58
C PHE A 28 -17.93 -15.99 18.05
N LYS A 29 -19.00 -16.36 18.73
CA LYS A 29 -19.06 -16.29 20.16
C LYS A 29 -19.10 -17.79 20.50
N ALA A 30 -18.22 -18.24 21.40
CA ALA A 30 -18.16 -19.66 21.78
C ALA A 30 -17.94 -19.85 23.27
N ARG A 31 -18.15 -21.07 23.75
CA ARG A 31 -17.90 -21.31 25.15
C ARG A 31 -16.54 -22.01 25.25
N ASP A 32 -15.78 -21.62 26.28
CA ASP A 32 -14.48 -22.22 26.58
C ASP A 32 -14.82 -23.36 27.51
N LEU A 33 -14.94 -24.55 26.95
CA LEU A 33 -15.31 -25.70 27.76
C LEU A 33 -14.28 -26.12 28.80
N LYS A 34 -13.09 -25.56 28.78
CA LYS A 34 -12.13 -25.97 29.79
C LYS A 34 -11.91 -24.90 30.85
N ASN A 35 -12.83 -23.93 30.86
CA ASN A 35 -12.80 -22.85 31.83
C ASN A 35 -14.21 -22.45 32.22
N GLY A 36 -15.02 -23.47 32.47
CA GLY A 36 -16.40 -23.28 32.89
C GLY A 36 -17.34 -22.78 31.84
N GLY A 37 -17.02 -22.98 30.56
CA GLY A 37 -17.89 -22.53 29.48
C GLY A 37 -18.04 -21.03 29.36
N ARG A 38 -17.05 -20.29 29.90
CA ARG A 38 -17.03 -18.84 29.87
C ARG A 38 -16.98 -18.45 28.40
N PHE A 39 -17.62 -17.33 28.03
CA PHE A 39 -17.60 -16.90 26.63
C PHE A 39 -16.24 -16.43 26.15
N VAL A 40 -15.96 -16.81 24.91
CA VAL A 40 -14.69 -16.51 24.30
C VAL A 40 -14.98 -16.17 22.83
N ALA A 41 -14.17 -15.33 22.22
CA ALA A 41 -14.39 -14.97 20.82
C ALA A 41 -13.45 -15.72 19.88
N LEU A 42 -13.96 -16.11 18.73
CA LEU A 42 -13.14 -16.82 17.77
C LEU A 42 -13.11 -16.18 16.39
N LYS A 43 -11.98 -16.27 15.71
CA LYS A 43 -11.87 -15.76 14.36
C LYS A 43 -11.44 -16.96 13.52
N ARG A 44 -12.17 -17.21 12.44
CA ARG A 44 -11.88 -18.34 11.58
C ARG A 44 -11.59 -17.95 10.15
N VAL A 45 -10.41 -18.37 9.67
CA VAL A 45 -9.96 -18.08 8.32
C VAL A 45 -9.67 -19.36 7.57
N ARG A 46 -9.86 -19.31 6.26
CA ARG A 46 -9.60 -20.44 5.43
C ARG A 46 -8.32 -20.02 4.72
N VAL A 47 -7.20 -20.60 5.14
CA VAL A 47 -5.90 -20.28 4.56
C VAL A 47 -5.56 -21.18 3.36
N GLN A 48 -5.21 -20.47 2.28
CA GLN A 48 -4.88 -21.01 0.97
C GLN A 48 -3.41 -21.42 0.86
N THR A 49 -3.16 -22.69 0.59
CA THR A 49 -1.80 -23.19 0.43
C THR A 49 -1.25 -22.80 -0.92
N GLY A 50 0.00 -22.35 -0.94
CA GLY A 50 0.61 -21.98 -2.21
C GLY A 50 1.65 -23.02 -2.57
N GLU A 51 2.36 -22.78 -3.67
CA GLU A 51 3.43 -23.69 -4.08
C GLU A 51 4.63 -23.22 -3.28
N GLU A 52 4.36 -22.22 -2.44
CA GLU A 52 5.37 -21.61 -1.59
C GLU A 52 5.05 -22.00 -0.15
N GLY A 53 3.96 -22.74 0.02
CA GLY A 53 3.56 -23.18 1.33
C GLY A 53 2.53 -22.32 2.02
N MET A 54 2.83 -21.94 3.26
CA MET A 54 1.89 -21.12 4.01
C MET A 54 2.13 -19.66 3.69
N PRO A 55 1.05 -18.92 3.38
CA PRO A 55 1.11 -17.51 3.03
C PRO A 55 1.84 -16.61 4.04
N LEU A 56 2.84 -15.88 3.58
CA LEU A 56 3.57 -14.97 4.43
C LEU A 56 2.74 -14.23 5.47
N SER A 57 1.80 -13.42 5.00
CA SER A 57 1.01 -12.62 5.94
C SER A 57 0.31 -13.44 7.01
N THR A 58 -0.27 -14.57 6.63
CA THR A 58 -0.95 -15.40 7.60
C THR A 58 0.05 -15.68 8.70
N ILE A 59 1.23 -16.14 8.30
CA ILE A 59 2.27 -16.45 9.26
C ILE A 59 2.65 -15.22 10.06
N ARG A 60 2.98 -14.13 9.36
CA ARG A 60 3.38 -12.91 10.04
C ARG A 60 2.36 -12.40 11.05
N GLU A 61 1.08 -12.40 10.65
CA GLU A 61 0.07 -11.86 11.54
C GLU A 61 -0.12 -12.67 12.81
N VAL A 62 -0.16 -13.99 12.66
CA VAL A 62 -0.34 -14.85 13.83
C VAL A 62 0.90 -14.75 14.70
N ALA A 63 2.04 -14.59 14.04
CA ALA A 63 3.35 -14.46 14.71
C ALA A 63 3.34 -13.27 15.66
N VAL A 64 2.93 -12.12 15.12
CA VAL A 64 2.87 -10.89 15.89
C VAL A 64 1.84 -10.94 17.04
N LEU A 65 0.70 -11.55 16.78
CA LEU A 65 -0.30 -11.62 17.82
C LEU A 65 0.27 -12.45 18.95
N ARG A 66 0.72 -13.66 18.61
CA ARG A 66 1.31 -14.55 19.59
C ARG A 66 2.41 -13.85 20.36
N HIS A 67 3.21 -13.07 19.65
CA HIS A 67 4.30 -12.43 20.29
C HIS A 67 3.94 -11.31 21.25
N LEU A 68 2.99 -10.44 20.87
CA LEU A 68 2.57 -9.34 21.71
C LEU A 68 1.87 -9.89 22.96
N GLU A 69 1.30 -11.09 22.82
CA GLU A 69 0.60 -11.74 23.89
C GLU A 69 1.55 -12.06 25.04
N THR A 70 2.80 -12.37 24.68
CA THR A 70 3.82 -12.69 25.67
C THR A 70 3.82 -11.62 26.75
N PHE A 71 3.78 -10.35 26.32
CA PHE A 71 3.80 -9.20 27.24
C PHE A 71 2.58 -9.03 28.11
N GLU A 72 1.47 -9.66 27.73
CA GLU A 72 0.23 -9.55 28.49
C GLU A 72 -0.17 -8.12 28.94
N HIS A 73 -0.28 -7.20 27.99
CA HIS A 73 -0.68 -5.87 28.36
C HIS A 73 -2.18 -5.90 28.71
N PRO A 74 -2.54 -5.30 29.85
CA PRO A 74 -3.91 -5.22 30.37
C PRO A 74 -4.91 -4.49 29.47
N ASN A 75 -4.39 -3.66 28.58
CA ASN A 75 -5.23 -2.87 27.71
C ASN A 75 -5.37 -3.35 26.28
N VAL A 76 -4.98 -4.60 26.06
CA VAL A 76 -5.09 -5.26 24.77
C VAL A 76 -5.82 -6.58 25.05
N VAL A 77 -6.69 -6.99 24.13
CA VAL A 77 -7.47 -8.21 24.34
C VAL A 77 -6.59 -9.48 24.32
N ARG A 78 -6.76 -10.36 25.31
CA ARG A 78 -5.96 -11.60 25.37
C ARG A 78 -6.18 -12.53 24.21
N LEU A 79 -5.12 -13.17 23.75
CA LEU A 79 -5.18 -14.18 22.70
C LEU A 79 -4.94 -15.54 23.38
N PHE A 80 -5.99 -16.24 23.75
CA PHE A 80 -5.80 -17.52 24.42
C PHE A 80 -5.20 -18.67 23.57
N ASP A 81 -5.61 -18.78 22.31
CA ASP A 81 -5.14 -19.95 21.61
C ASP A 81 -5.17 -19.90 20.08
N VAL A 82 -4.54 -20.88 19.46
CA VAL A 82 -4.50 -20.99 18.00
C VAL A 82 -4.69 -22.46 17.61
N CYS A 83 -5.83 -22.72 16.98
CA CYS A 83 -6.15 -24.08 16.57
C CYS A 83 -6.07 -24.22 15.05
N THR A 84 -5.60 -25.38 14.60
CA THR A 84 -5.43 -25.66 13.15
C THR A 84 -6.15 -26.91 12.72
N VAL A 85 -6.81 -26.84 11.57
CA VAL A 85 -7.52 -28.00 11.03
C VAL A 85 -7.25 -28.10 9.54
N SER A 86 -6.25 -28.89 9.14
CA SER A 86 -5.92 -29.06 7.72
C SER A 86 -6.89 -30.00 6.98
N ARG A 87 -7.64 -29.40 6.06
CA ARG A 87 -8.64 -30.06 5.22
C ARG A 87 -7.94 -30.96 4.20
N THR A 88 -7.44 -30.34 3.12
CA THR A 88 -6.70 -31.03 2.06
C THR A 88 -5.37 -30.25 1.95
N ASP A 89 -4.70 -30.30 0.81
CA ASP A 89 -3.48 -29.51 0.73
C ASP A 89 -3.89 -28.06 0.67
N ARG A 90 -4.57 -27.70 -0.42
CA ARG A 90 -5.01 -26.32 -0.64
C ARG A 90 -5.74 -25.57 0.49
N GLU A 91 -6.24 -26.28 1.51
CA GLU A 91 -6.94 -25.59 2.60
C GLU A 91 -6.60 -25.98 4.01
N THR A 92 -6.55 -24.98 4.89
CA THR A 92 -6.29 -25.18 6.31
C THR A 92 -7.24 -24.22 7.05
N LYS A 93 -8.04 -24.76 7.96
CA LYS A 93 -8.94 -23.91 8.72
C LYS A 93 -8.18 -23.43 9.96
N LEU A 94 -7.86 -22.14 9.95
CA LEU A 94 -7.12 -21.50 11.03
C LEU A 94 -8.07 -20.78 12.01
N THR A 95 -7.87 -21.00 13.30
CA THR A 95 -8.75 -20.38 14.30
C THR A 95 -8.06 -19.73 15.51
N LEU A 96 -8.29 -18.43 15.67
CA LEU A 96 -7.73 -17.72 16.80
C LEU A 96 -8.79 -17.55 17.89
N VAL A 97 -8.42 -17.90 19.10
CA VAL A 97 -9.28 -17.80 20.27
C VAL A 97 -8.85 -16.60 21.13
N PHE A 98 -9.77 -15.70 21.44
CA PHE A 98 -9.44 -14.50 22.26
C PHE A 98 -10.33 -14.30 23.51
N GLU A 99 -9.90 -13.47 24.46
CA GLU A 99 -10.83 -13.20 25.56
C GLU A 99 -12.00 -12.38 24.95
N HIS A 100 -13.18 -12.60 25.48
CA HIS A 100 -14.37 -11.93 25.00
C HIS A 100 -14.97 -10.95 26.01
N VAL A 101 -15.29 -9.73 25.57
CA VAL A 101 -15.91 -8.74 26.45
C VAL A 101 -17.20 -8.39 25.73
N ASP A 102 -18.34 -8.71 26.34
CA ASP A 102 -19.65 -8.46 25.72
C ASP A 102 -20.14 -7.03 25.77
N GLN A 103 -19.22 -6.10 25.57
CA GLN A 103 -19.54 -4.70 25.56
C GLN A 103 -18.39 -3.90 25.01
N ASP A 104 -18.72 -2.97 24.10
CA ASP A 104 -17.73 -2.08 23.51
C ASP A 104 -18.07 -0.66 23.89
N LEU A 105 -17.19 0.26 23.53
CA LEU A 105 -17.43 1.68 23.86
C LEU A 105 -18.81 2.23 23.45
N THR A 106 -19.26 1.90 22.24
CA THR A 106 -20.56 2.35 21.74
C THR A 106 -21.73 1.84 22.59
N THR A 107 -21.78 0.53 22.85
CA THR A 107 -22.85 0.00 23.65
C THR A 107 -22.87 0.64 25.03
N TYR A 108 -21.70 1.04 25.55
CA TYR A 108 -21.58 1.71 26.86
C TYR A 108 -22.03 3.19 26.80
N LEU A 109 -21.33 4.00 26.02
CA LEU A 109 -21.67 5.41 25.88
C LEU A 109 -23.16 5.61 25.67
N ASP A 110 -23.73 5.07 24.62
CA ASP A 110 -25.13 5.34 24.42
C ASP A 110 -26.08 4.51 25.33
N LYS A 111 -25.64 4.32 26.58
CA LYS A 111 -26.41 3.58 27.57
C LYS A 111 -26.35 4.36 28.88
N VAL A 112 -25.39 5.25 28.99
CA VAL A 112 -25.27 6.01 30.21
C VAL A 112 -26.46 6.95 30.37
N PRO A 113 -26.87 7.17 31.64
CA PRO A 113 -28.00 8.05 31.96
C PRO A 113 -27.75 9.37 31.27
N GLU A 114 -28.71 10.27 31.37
CA GLU A 114 -28.57 11.57 30.72
C GLU A 114 -27.45 12.51 31.08
N PRO A 115 -27.14 12.72 32.37
CA PRO A 115 -26.02 13.66 32.62
C PRO A 115 -24.78 13.44 31.71
N GLY A 116 -24.46 12.18 31.39
CA GLY A 116 -23.32 11.86 30.52
C GLY A 116 -22.36 10.96 31.28
N VAL A 117 -21.20 10.65 30.71
CA VAL A 117 -20.23 9.81 31.42
C VAL A 117 -19.52 10.69 32.41
N PRO A 118 -19.25 10.17 33.62
CA PRO A 118 -18.55 10.95 34.66
C PRO A 118 -17.23 11.43 34.10
N THR A 119 -16.87 12.68 34.36
CA THR A 119 -15.63 13.21 33.80
C THR A 119 -14.45 12.42 34.26
N GLU A 120 -14.58 11.80 35.42
CA GLU A 120 -13.47 11.03 35.96
C GLU A 120 -13.32 9.67 35.28
N THR A 121 -14.42 9.16 34.73
CA THR A 121 -14.44 7.90 34.01
C THR A 121 -13.88 8.13 32.61
N ILE A 122 -14.19 9.28 32.03
CA ILE A 122 -13.73 9.65 30.70
C ILE A 122 -12.21 9.69 30.74
N LYS A 123 -11.68 10.17 31.86
CA LYS A 123 -10.24 10.29 32.03
C LYS A 123 -9.64 8.91 32.17
N ASP A 124 -10.22 8.11 33.06
CA ASP A 124 -9.71 6.78 33.28
C ASP A 124 -9.71 5.91 32.04
N MET A 125 -10.79 5.94 31.27
CA MET A 125 -10.87 5.15 30.04
C MET A 125 -9.87 5.65 29.01
N MET A 126 -9.79 6.96 28.92
CA MET A 126 -8.92 7.60 27.99
C MET A 126 -7.45 7.29 28.27
N PHE A 127 -7.12 7.10 29.55
CA PHE A 127 -5.74 6.84 29.95
C PHE A 127 -5.37 5.45 29.54
N GLN A 128 -6.28 4.53 29.82
CA GLN A 128 -6.07 3.14 29.46
C GLN A 128 -5.98 2.98 27.95
N LEU A 129 -6.82 3.70 27.25
CA LEU A 129 -6.84 3.63 25.82
C LEU A 129 -5.45 3.97 25.29
N LEU A 130 -4.89 5.09 25.74
CA LEU A 130 -3.54 5.49 25.29
C LEU A 130 -2.44 4.55 25.82
N ARG A 131 -2.73 3.86 26.92
CA ARG A 131 -1.77 2.93 27.51
C ARG A 131 -1.54 1.77 26.57
N GLY A 132 -2.64 1.11 26.17
CA GLY A 132 -2.60 -0.02 25.26
C GLY A 132 -2.14 0.42 23.88
N LEU A 133 -2.51 1.64 23.49
CA LEU A 133 -2.11 2.15 22.20
C LEU A 133 -0.61 2.40 22.17
N ASP A 134 -0.06 2.92 23.28
CA ASP A 134 1.38 3.17 23.35
C ASP A 134 2.12 1.82 23.25
N PHE A 135 1.57 0.80 23.91
CA PHE A 135 2.16 -0.53 23.87
C PHE A 135 2.28 -0.99 22.42
N LEU A 136 1.20 -0.93 21.65
CA LEU A 136 1.27 -1.36 20.24
C LEU A 136 2.30 -0.58 19.40
N HIS A 137 2.28 0.74 19.49
CA HIS A 137 3.22 1.55 18.72
C HIS A 137 4.66 1.19 19.09
N SER A 138 4.96 1.19 20.38
CA SER A 138 6.30 0.90 20.86
C SER A 138 6.83 -0.44 20.36
N HIS A 139 5.95 -1.32 19.85
CA HIS A 139 6.42 -2.59 19.29
C HIS A 139 6.20 -2.59 17.80
N ARG A 140 6.21 -1.38 17.25
CA ARG A 140 6.06 -1.09 15.82
C ARG A 140 4.78 -1.57 15.14
N VAL A 141 3.69 -1.57 15.89
CA VAL A 141 2.41 -1.99 15.37
C VAL A 141 1.48 -0.81 15.30
N VAL A 142 0.83 -0.65 14.14
CA VAL A 142 -0.17 0.40 13.92
C VAL A 142 -1.53 -0.28 13.75
N HIS A 143 -2.52 0.19 14.50
CA HIS A 143 -3.86 -0.37 14.46
C HIS A 143 -4.58 -0.05 13.13
N ARG A 144 -4.55 1.22 12.73
CA ARG A 144 -5.18 1.69 11.49
C ARG A 144 -6.70 1.61 11.41
N ASP A 145 -7.37 1.05 12.42
CA ASP A 145 -8.82 0.98 12.40
C ASP A 145 -9.45 1.11 13.80
N LEU A 146 -8.96 2.10 14.54
CA LEU A 146 -9.43 2.40 15.88
C LEU A 146 -10.84 3.07 15.75
N LYS A 147 -11.90 2.32 16.03
CA LYS A 147 -13.28 2.78 15.94
C LYS A 147 -13.82 2.34 17.32
N PRO A 148 -14.83 3.06 17.89
CA PRO A 148 -15.34 2.63 19.20
C PRO A 148 -15.79 1.19 19.32
N GLN A 149 -16.24 0.60 18.24
CA GLN A 149 -16.68 -0.79 18.31
C GLN A 149 -15.47 -1.74 18.42
N ASN A 150 -14.27 -1.19 18.37
CA ASN A 150 -13.04 -1.97 18.53
C ASN A 150 -12.47 -1.66 19.90
N ILE A 151 -13.23 -0.94 20.70
CA ILE A 151 -12.77 -0.63 22.04
C ILE A 151 -13.65 -1.36 23.04
N LEU A 152 -13.09 -2.39 23.68
CA LEU A 152 -13.85 -3.17 24.64
C LEU A 152 -13.86 -2.56 26.02
N VAL A 153 -15.01 -2.66 26.67
CA VAL A 153 -15.18 -2.11 28.00
C VAL A 153 -15.80 -3.18 28.90
N THR A 154 -15.02 -3.61 29.89
CA THR A 154 -15.49 -4.60 30.84
C THR A 154 -16.45 -3.91 31.84
N SER A 155 -17.28 -4.69 32.50
CA SER A 155 -18.21 -4.13 33.48
C SER A 155 -17.41 -3.41 34.57
N SER A 156 -16.18 -3.85 34.73
CA SER A 156 -15.25 -3.33 35.71
C SER A 156 -14.89 -1.90 35.32
N GLY A 157 -15.02 -1.58 34.03
CA GLY A 157 -14.68 -0.26 33.55
C GLY A 157 -13.32 -0.26 32.89
N GLN A 158 -12.83 -1.46 32.56
CA GLN A 158 -11.52 -1.60 31.92
C GLN A 158 -11.55 -1.59 30.39
N ILE A 159 -10.56 -0.92 29.81
CA ILE A 159 -10.43 -0.78 28.37
C ILE A 159 -9.52 -1.84 27.78
N LYS A 160 -9.98 -2.52 26.74
CA LYS A 160 -9.19 -3.54 26.03
C LYS A 160 -9.34 -3.38 24.53
N LEU A 161 -8.25 -2.96 23.88
CA LEU A 161 -8.24 -2.75 22.42
C LEU A 161 -8.40 -4.04 21.59
N ALA A 162 -9.39 -4.07 20.70
CA ALA A 162 -9.66 -5.19 19.81
C ALA A 162 -9.46 -4.79 18.31
N ASP A 163 -9.75 -5.71 17.40
CA ASP A 163 -9.58 -5.47 15.97
C ASP A 163 -10.28 -6.62 15.22
N PHE A 164 -11.61 -6.58 15.21
CA PHE A 164 -12.40 -7.63 14.60
C PHE A 164 -12.47 -7.63 13.10
N GLY A 165 -12.11 -6.53 12.47
CA GLY A 165 -12.18 -6.50 11.02
C GLY A 165 -13.61 -6.43 10.50
N LEU A 166 -14.57 -6.12 11.37
CA LEU A 166 -15.99 -6.03 11.00
C LEU A 166 -16.49 -4.60 10.70
N ALA A 167 -16.95 -4.35 9.49
CA ALA A 167 -17.44 -3.03 9.12
C ALA A 167 -18.90 -2.83 9.51
N ARG A 168 -19.29 -1.59 9.83
CA ARG A 168 -20.69 -1.29 10.15
C ARG A 168 -21.13 -0.21 9.18
N ILE A 169 -22.32 -0.38 8.60
CA ILE A 169 -22.80 0.63 7.65
C ILE A 169 -23.82 1.53 8.32
N TYR A 170 -23.72 2.82 8.03
CA TYR A 170 -24.60 3.84 8.55
C TYR A 170 -25.28 4.51 7.36
N SER A 171 -26.60 4.64 7.43
CA SER A 171 -27.34 5.24 6.33
C SER A 171 -27.86 6.60 6.69
N PHE A 172 -27.48 7.59 5.90
CA PHE A 172 -27.91 8.96 6.12
C PHE A 172 -29.37 9.12 5.72
N GLN A 173 -30.13 9.63 6.67
CA GLN A 173 -31.55 9.87 6.51
C GLN A 173 -31.98 10.54 5.19
N MET A 174 -31.83 11.86 5.14
CA MET A 174 -32.20 12.68 3.98
C MET A 174 -31.38 12.40 2.72
N ALA A 175 -30.08 12.23 2.91
CA ALA A 175 -29.19 12.01 1.79
C ALA A 175 -29.39 10.71 0.99
N LEU A 176 -29.90 9.67 1.64
CA LEU A 176 -30.08 8.40 0.94
C LEU A 176 -28.70 7.92 0.41
N THR A 177 -27.70 8.04 1.27
CA THR A 177 -26.35 7.61 0.98
C THR A 177 -25.95 6.89 2.25
N SER A 178 -24.81 6.22 2.23
CA SER A 178 -24.38 5.49 3.39
C SER A 178 -22.88 5.48 3.44
N VAL A 179 -22.33 5.08 4.59
CA VAL A 179 -20.87 5.05 4.75
C VAL A 179 -20.51 3.99 5.72
N VAL A 180 -19.26 3.63 5.72
CA VAL A 180 -18.79 2.65 6.68
C VAL A 180 -18.27 3.55 7.81
N VAL A 181 -18.83 3.38 9.00
CA VAL A 181 -18.50 4.19 10.18
C VAL A 181 -17.03 4.48 10.46
N THR A 182 -16.16 3.56 10.07
CA THR A 182 -14.74 3.77 10.30
C THR A 182 -14.26 5.09 9.66
N LEU A 183 -14.87 5.45 8.54
CA LEU A 183 -14.52 6.68 7.82
C LEU A 183 -14.45 7.86 8.78
N TRP A 184 -15.35 7.84 9.76
CA TRP A 184 -15.48 8.88 10.78
C TRP A 184 -14.30 9.06 11.77
N TYR A 185 -13.35 8.13 11.70
CA TYR A 185 -12.19 8.13 12.58
C TYR A 185 -10.90 8.15 11.76
N ARG A 186 -11.03 8.00 10.45
CA ARG A 186 -9.90 8.03 9.55
C ARG A 186 -9.18 9.40 9.56
N ALA A 187 -7.86 9.38 9.75
CA ALA A 187 -7.02 10.57 9.78
C ALA A 187 -6.91 11.14 8.40
N PRO A 188 -6.68 12.45 8.34
CA PRO A 188 -6.56 13.15 7.06
C PRO A 188 -5.49 12.58 6.12
N GLU A 189 -4.27 12.31 6.61
CA GLU A 189 -3.21 11.75 5.75
C GLU A 189 -3.79 10.57 4.99
N VAL A 190 -4.61 9.79 5.70
CA VAL A 190 -5.20 8.61 5.12
C VAL A 190 -6.26 8.98 4.06
N LEU A 191 -7.10 9.94 4.41
CA LEU A 191 -8.16 10.41 3.52
C LEU A 191 -7.60 11.02 2.29
N LEU A 192 -6.48 11.70 2.44
CA LEU A 192 -5.80 12.37 1.32
C LEU A 192 -4.88 11.38 0.65
N GLN A 193 -4.96 10.12 1.08
CA GLN A 193 -4.11 9.10 0.50
C GLN A 193 -2.68 9.64 0.45
N SER A 194 -2.18 10.06 1.60
CA SER A 194 -0.82 10.57 1.68
C SER A 194 -0.08 9.55 2.57
N SER A 195 0.49 9.96 3.70
CA SER A 195 1.16 9.01 4.60
C SER A 195 0.19 8.11 5.41
N TYR A 196 0.65 6.94 5.83
CA TYR A 196 -0.21 6.04 6.61
C TYR A 196 0.50 5.56 7.86
N ALA A 197 1.36 6.43 8.40
CA ALA A 197 2.15 6.17 9.61
C ALA A 197 1.42 6.15 10.95
N THR A 198 2.14 5.67 11.97
CA THR A 198 1.63 5.58 13.33
C THR A 198 0.77 6.74 13.93
N PRO A 199 1.08 8.00 13.61
CA PRO A 199 0.27 9.10 14.17
C PRO A 199 -1.21 8.93 13.77
N VAL A 200 -1.40 8.23 12.66
CA VAL A 200 -2.71 7.92 12.13
C VAL A 200 -3.67 7.55 13.26
N ASP A 201 -3.23 6.65 14.16
CA ASP A 201 -4.05 6.20 15.27
C ASP A 201 -4.36 7.26 16.30
N LEU A 202 -3.49 8.26 16.43
CA LEU A 202 -3.72 9.33 17.40
C LEU A 202 -4.90 10.19 16.99
N TRP A 203 -5.04 10.39 15.69
CA TRP A 203 -6.14 11.16 15.21
C TRP A 203 -7.44 10.46 15.63
N SER A 204 -7.47 9.14 15.58
CA SER A 204 -8.69 8.47 15.96
C SER A 204 -8.96 8.58 17.44
N VAL A 205 -7.89 8.51 18.25
CA VAL A 205 -7.98 8.61 19.72
C VAL A 205 -8.67 9.94 20.01
N GLY A 206 -8.23 10.94 19.26
CA GLY A 206 -8.82 12.25 19.36
C GLY A 206 -10.30 12.21 19.06
N CYS A 207 -10.71 11.50 18.00
CA CYS A 207 -12.12 11.42 17.67
C CYS A 207 -12.92 10.70 18.74
N ILE A 208 -12.37 9.59 19.22
CA ILE A 208 -12.99 8.80 20.26
C ILE A 208 -13.04 9.61 21.53
N PHE A 209 -11.93 10.27 21.85
CA PHE A 209 -11.88 11.11 23.02
C PHE A 209 -13.08 12.07 23.03
N ALA A 210 -13.22 12.82 21.92
CA ALA A 210 -14.33 13.79 21.77
C ALA A 210 -15.69 13.13 21.86
N GLU A 211 -15.79 11.90 21.39
CA GLU A 211 -17.06 11.20 21.42
C GLU A 211 -17.51 10.82 22.82
N MET A 212 -16.55 10.62 23.71
CA MET A 212 -16.91 10.25 25.06
C MET A 212 -17.74 11.31 25.72
N PHE A 213 -17.44 12.57 25.41
CA PHE A 213 -18.20 13.70 25.93
C PHE A 213 -19.55 13.81 25.20
N ARG A 214 -19.48 13.87 23.88
CA ARG A 214 -20.66 14.01 23.05
C ARG A 214 -21.63 12.82 23.05
N ARG A 215 -21.10 11.60 23.23
CA ARG A 215 -21.94 10.40 23.17
C ARG A 215 -22.64 10.37 21.81
N LYS A 216 -22.01 11.04 20.85
CA LYS A 216 -22.41 11.19 19.45
C LYS A 216 -21.07 11.47 18.74
N PRO A 217 -20.85 10.91 17.53
CA PRO A 217 -19.61 11.10 16.78
C PRO A 217 -19.38 12.51 16.36
N LEU A 218 -18.11 12.91 16.35
CA LEU A 218 -17.76 14.27 16.00
C LEU A 218 -17.84 14.60 14.50
N PHE A 219 -17.12 13.87 13.66
CA PHE A 219 -17.14 14.18 12.24
C PHE A 219 -17.85 13.08 11.44
N ARG A 220 -19.13 13.27 11.17
CA ARG A 220 -19.88 12.27 10.42
C ARG A 220 -19.91 12.53 8.90
N GLY A 221 -18.79 12.30 8.22
CA GLY A 221 -18.71 12.51 6.78
C GLY A 221 -19.47 11.50 5.93
N SER A 222 -19.80 11.89 4.70
CA SER A 222 -20.56 11.05 3.78
C SER A 222 -19.69 10.49 2.66
N SER A 223 -18.43 10.92 2.63
CA SER A 223 -17.47 10.49 1.64
C SER A 223 -16.15 10.94 2.18
N ASP A 224 -15.07 10.74 1.47
CA ASP A 224 -13.83 11.13 2.05
C ASP A 224 -13.56 12.60 1.82
N VAL A 225 -14.19 13.15 0.80
CA VAL A 225 -13.96 14.56 0.50
C VAL A 225 -14.89 15.33 1.42
N ASP A 226 -16.01 14.71 1.75
CA ASP A 226 -17.00 15.31 2.65
C ASP A 226 -16.43 15.29 4.08
N GLN A 227 -15.82 14.18 4.45
CA GLN A 227 -15.22 14.02 5.77
C GLN A 227 -14.16 15.10 5.97
N LEU A 228 -13.28 15.23 4.98
CA LEU A 228 -12.21 16.22 5.04
C LEU A 228 -12.73 17.59 5.36
N GLY A 229 -13.84 17.93 4.71
CA GLY A 229 -14.47 19.22 4.92
C GLY A 229 -15.06 19.31 6.32
N LYS A 230 -15.75 18.28 6.76
CA LYS A 230 -16.34 18.31 8.09
C LYS A 230 -15.27 18.60 9.12
N ILE A 231 -14.06 18.14 8.83
CA ILE A 231 -12.94 18.32 9.72
C ILE A 231 -12.41 19.72 9.71
N LEU A 232 -12.16 20.23 8.52
CA LEU A 232 -11.63 21.57 8.37
C LEU A 232 -12.65 22.64 8.82
N ASP A 233 -13.93 22.27 8.89
CA ASP A 233 -14.94 23.21 9.35
C ASP A 233 -14.69 23.49 10.81
N VAL A 234 -14.30 22.47 11.55
CA VAL A 234 -14.05 22.64 12.97
C VAL A 234 -12.63 23.12 13.24
N ILE A 235 -11.61 22.33 12.88
CA ILE A 235 -10.22 22.71 13.13
C ILE A 235 -9.63 23.84 12.27
N GLY A 236 -10.33 24.21 11.18
CA GLY A 236 -9.86 25.29 10.32
C GLY A 236 -8.86 24.87 9.25
N LEU A 237 -8.81 25.63 8.16
CA LEU A 237 -7.92 25.28 7.07
C LEU A 237 -6.46 25.33 7.50
N PRO A 238 -5.70 24.23 7.28
CA PRO A 238 -4.29 24.24 7.67
C PRO A 238 -3.53 25.22 6.81
N GLY A 239 -2.35 25.64 7.26
CA GLY A 239 -1.56 26.56 6.48
C GLY A 239 -0.75 25.80 5.43
N GLU A 240 -0.31 26.54 4.42
CA GLU A 240 0.45 25.99 3.30
C GLU A 240 1.50 25.00 3.80
N GLU A 241 2.15 25.39 4.89
CA GLU A 241 3.22 24.59 5.50
C GLU A 241 2.74 23.25 6.03
N ASP A 242 1.48 23.18 6.46
CA ASP A 242 0.92 21.96 7.03
C ASP A 242 0.11 21.04 6.12
N TRP A 243 -0.06 21.38 4.83
CA TRP A 243 -0.82 20.52 3.93
C TRP A 243 0.21 19.62 3.26
N PRO A 244 -0.14 18.35 2.96
CA PRO A 244 0.74 17.37 2.32
C PRO A 244 1.16 17.75 0.92
N ARG A 245 2.45 17.58 0.62
CA ARG A 245 2.93 17.91 -0.71
C ARG A 245 2.55 16.82 -1.70
N ASP A 246 2.33 17.23 -2.94
CA ASP A 246 2.02 16.34 -4.06
C ASP A 246 0.88 15.37 -3.77
N VAL A 247 -0.29 15.93 -3.50
CA VAL A 247 -1.45 15.13 -3.17
C VAL A 247 -2.62 15.51 -4.08
N ALA A 248 -3.50 14.56 -4.40
CA ALA A 248 -4.62 14.79 -5.33
C ALA A 248 -5.60 15.90 -4.99
N LEU A 249 -5.76 16.21 -3.71
CA LEU A 249 -6.65 17.30 -3.27
C LEU A 249 -5.83 18.37 -2.56
N PRO A 250 -5.52 19.47 -3.26
CA PRO A 250 -4.74 20.59 -2.75
C PRO A 250 -5.45 21.46 -1.72
N ARG A 251 -4.67 22.16 -0.91
CA ARG A 251 -5.19 23.05 0.13
C ARG A 251 -6.22 23.98 -0.47
N GLN A 252 -5.92 24.48 -1.66
CA GLN A 252 -6.82 25.36 -2.41
C GLN A 252 -8.18 24.70 -2.65
N ALA A 253 -8.24 23.36 -2.71
CA ALA A 253 -9.50 22.67 -2.96
C ALA A 253 -10.59 22.93 -1.92
N PHE A 254 -10.21 23.47 -0.77
CA PHE A 254 -11.21 23.76 0.27
C PHE A 254 -11.18 25.23 0.60
N HIS A 255 -12.27 25.92 0.31
CA HIS A 255 -12.33 27.35 0.55
C HIS A 255 -12.04 27.70 1.99
N SER A 256 -11.93 29.00 2.24
CA SER A 256 -11.66 29.54 3.57
C SER A 256 -12.47 28.90 4.69
N LYS A 257 -11.75 28.43 5.70
CA LYS A 257 -12.35 27.79 6.87
C LYS A 257 -11.74 28.53 8.09
N SER A 258 -12.60 29.10 8.93
CA SER A 258 -12.14 29.83 10.12
C SER A 258 -11.43 28.86 11.10
N ALA A 259 -12.16 28.39 12.10
CA ALA A 259 -11.64 27.47 13.10
C ALA A 259 -12.48 27.69 14.36
N GLN A 260 -13.66 27.10 14.39
CA GLN A 260 -14.57 27.19 15.54
C GLN A 260 -13.97 26.59 16.85
N PRO A 261 -14.30 27.18 18.02
CA PRO A 261 -13.79 26.67 19.31
C PRO A 261 -14.28 25.26 19.55
N ILE A 262 -13.36 24.31 19.57
CA ILE A 262 -13.71 22.91 19.73
C ILE A 262 -14.81 22.64 20.76
N GLU A 263 -14.75 23.31 21.92
CA GLU A 263 -15.75 23.13 22.96
C GLU A 263 -17.16 23.38 22.47
N LYS A 264 -17.29 24.09 21.35
CA LYS A 264 -18.61 24.36 20.77
C LYS A 264 -19.28 23.02 20.44
N PHE A 265 -18.48 21.97 20.25
CA PHE A 265 -19.02 20.66 19.91
C PHE A 265 -18.71 19.61 20.93
N VAL A 266 -17.51 19.66 21.50
CA VAL A 266 -17.18 18.69 22.53
C VAL A 266 -17.60 19.38 23.81
N THR A 267 -18.91 19.56 23.90
CA THR A 267 -19.55 20.23 25.02
C THR A 267 -19.15 19.72 26.39
N ASP A 268 -18.91 20.68 27.29
CA ASP A 268 -18.59 20.35 28.66
C ASP A 268 -17.19 19.78 28.90
N ILE A 269 -16.31 19.83 27.90
CA ILE A 269 -14.93 19.34 28.08
C ILE A 269 -14.23 20.43 28.92
N ASP A 270 -13.07 20.13 29.50
CA ASP A 270 -12.38 21.13 30.31
C ASP A 270 -11.17 21.70 29.60
N GLU A 271 -10.57 22.69 30.22
CA GLU A 271 -9.41 23.35 29.65
C GLU A 271 -8.27 22.42 29.25
N LEU A 272 -7.83 21.53 30.14
CA LEU A 272 -6.73 20.64 29.78
C LEU A 272 -7.17 19.53 28.85
N GLY A 273 -8.44 19.16 28.95
CA GLY A 273 -8.99 18.12 28.09
C GLY A 273 -8.96 18.67 26.69
N LYS A 274 -9.40 19.91 26.55
CA LYS A 274 -9.41 20.58 25.26
C LYS A 274 -8.00 20.61 24.66
N ASP A 275 -7.02 20.86 25.51
CA ASP A 275 -5.66 20.94 25.01
C ASP A 275 -5.20 19.59 24.40
N LEU A 276 -5.37 18.53 25.17
CA LEU A 276 -5.00 17.21 24.71
C LEU A 276 -5.79 16.88 23.42
N LEU A 277 -7.11 17.05 23.49
CA LEU A 277 -7.96 16.78 22.36
C LEU A 277 -7.47 17.43 21.07
N LEU A 278 -7.07 18.70 21.13
CA LEU A 278 -6.61 19.34 19.90
C LEU A 278 -5.21 18.86 19.49
N LYS A 279 -4.42 18.33 20.43
CA LYS A 279 -3.08 17.84 20.09
C LYS A 279 -3.15 16.52 19.33
N CYS A 280 -4.26 15.82 19.56
CA CYS A 280 -4.55 14.57 18.86
C CYS A 280 -5.13 15.03 17.52
N LEU A 281 -6.18 15.86 17.57
CA LEU A 281 -6.83 16.38 16.37
C LEU A 281 -6.04 17.47 15.64
N THR A 282 -4.74 17.25 15.50
CA THR A 282 -3.80 18.12 14.79
C THR A 282 -3.59 17.59 13.34
N PHE A 283 -3.88 18.42 12.34
CA PHE A 283 -3.82 18.03 10.92
C PHE A 283 -2.48 17.42 10.43
N ASN A 284 -1.39 18.18 10.60
CA ASN A 284 -0.05 17.76 10.21
C ASN A 284 0.36 16.56 11.11
N PRO A 285 0.40 15.37 10.53
CA PRO A 285 0.78 14.21 11.33
C PRO A 285 2.08 14.31 12.09
N ALA A 286 3.02 15.11 11.59
CA ALA A 286 4.33 15.24 12.20
C ALA A 286 4.33 16.11 13.45
N LYS A 287 3.25 16.87 13.61
CA LYS A 287 3.14 17.75 14.73
C LYS A 287 2.03 17.22 15.60
N ARG A 288 1.56 16.02 15.33
CA ARG A 288 0.50 15.47 16.14
C ARG A 288 1.17 14.87 17.36
N ILE A 289 0.50 14.92 18.52
CA ILE A 289 1.08 14.36 19.73
C ILE A 289 1.26 12.86 19.58
N SER A 290 2.04 12.25 20.48
CA SER A 290 2.27 10.81 20.43
C SER A 290 1.50 10.16 21.55
N ALA A 291 1.30 8.85 21.47
CA ALA A 291 0.55 8.19 22.53
C ALA A 291 1.30 8.41 23.85
N TYR A 292 2.63 8.26 23.80
CA TYR A 292 3.45 8.42 24.97
C TYR A 292 3.40 9.83 25.53
N SER A 293 3.39 10.80 24.64
CA SER A 293 3.34 12.17 25.13
C SER A 293 2.00 12.40 25.77
N ALA A 294 0.94 12.08 25.05
CA ALA A 294 -0.41 12.31 25.55
C ALA A 294 -0.53 11.74 26.93
N LEU A 295 0.01 10.55 27.06
CA LEU A 295 -0.04 9.84 28.32
C LEU A 295 0.53 10.68 29.47
N SER A 296 1.53 11.50 29.17
CA SER A 296 2.21 12.34 30.16
C SER A 296 1.60 13.75 30.30
N HIS A 297 0.50 13.97 29.59
CA HIS A 297 -0.19 15.25 29.61
C HIS A 297 -0.83 15.56 30.98
N PRO A 298 -0.75 16.82 31.40
CA PRO A 298 -1.31 17.29 32.67
C PRO A 298 -2.82 17.03 32.84
N TYR A 299 -3.47 16.48 31.82
CA TYR A 299 -4.89 16.17 31.92
C TYR A 299 -4.98 15.00 32.90
N PHE A 300 -4.05 14.05 32.75
CA PHE A 300 -4.04 12.88 33.60
C PHE A 300 -3.35 13.22 34.91
N GLN A 301 -3.16 14.53 35.12
CA GLN A 301 -2.51 15.12 36.30
C GLN A 301 -0.98 14.99 36.12
N GLY B 6 -35.11 -17.85 15.00
CA GLY B 6 -34.15 -18.52 14.08
C GLY B 6 -32.71 -18.06 14.22
N ASN B 7 -31.95 -18.16 13.13
CA ASN B 7 -30.54 -17.79 13.12
C ASN B 7 -30.19 -16.29 12.99
N GLU B 8 -30.91 -15.55 12.13
CA GLU B 8 -30.59 -14.14 12.00
C GLU B 8 -30.95 -13.40 13.27
N LEU B 9 -31.99 -13.83 13.99
CA LEU B 9 -32.31 -13.12 15.23
C LEU B 9 -31.20 -13.28 16.26
N ALA B 10 -30.67 -14.49 16.32
CA ALA B 10 -29.62 -14.84 17.25
C ALA B 10 -28.35 -14.08 16.95
N SER B 11 -28.02 -13.98 15.68
CA SER B 11 -26.80 -13.30 15.30
C SER B 11 -26.91 -11.80 15.55
N ALA B 12 -28.10 -11.26 15.35
CA ALA B 12 -28.35 -9.84 15.57
C ALA B 12 -28.22 -9.60 17.05
N ALA B 13 -28.72 -10.55 17.86
CA ALA B 13 -28.60 -10.43 19.33
C ALA B 13 -27.11 -10.53 19.71
N ALA B 14 -26.41 -11.47 19.09
CA ALA B 14 -25.00 -11.67 19.36
C ALA B 14 -24.17 -10.45 19.02
N ARG B 15 -24.28 -9.90 17.80
CA ARG B 15 -23.46 -8.73 17.50
C ARG B 15 -24.05 -7.48 18.12
N GLY B 16 -25.19 -7.64 18.78
CA GLY B 16 -25.85 -6.52 19.43
C GLY B 16 -26.34 -5.42 18.49
N ASP B 17 -26.97 -5.83 17.39
CA ASP B 17 -27.50 -4.94 16.37
C ASP B 17 -28.97 -4.72 16.79
N LEU B 18 -29.24 -3.71 17.63
CA LEU B 18 -30.59 -3.47 18.11
C LEU B 18 -31.55 -3.24 16.96
N GLU B 19 -31.10 -2.42 16.03
CA GLU B 19 -31.82 -2.03 14.82
C GLU B 19 -32.38 -3.26 14.10
N GLN B 20 -31.45 -4.05 13.57
CA GLN B 20 -31.70 -5.30 12.87
C GLN B 20 -32.53 -6.33 13.70
N LEU B 21 -32.17 -6.48 14.97
CA LEU B 21 -32.89 -7.37 15.88
C LEU B 21 -34.34 -6.95 15.91
N THR B 22 -34.56 -5.65 16.01
CA THR B 22 -35.91 -5.15 16.09
C THR B 22 -36.77 -5.39 14.85
N SER B 23 -36.19 -5.38 13.65
CA SER B 23 -36.97 -5.68 12.44
C SER B 23 -37.47 -7.09 12.64
N LEU B 24 -36.50 -8.00 12.67
CA LEU B 24 -36.77 -9.41 12.85
C LEU B 24 -37.85 -9.73 13.86
N LEU B 25 -37.91 -8.94 14.93
CA LEU B 25 -38.91 -9.15 15.96
C LEU B 25 -40.30 -8.59 15.60
N GLN B 26 -40.41 -8.01 14.41
CA GLN B 26 -41.69 -7.45 14.00
C GLN B 26 -42.41 -8.40 13.07
N ASN B 27 -41.69 -9.44 12.65
CA ASN B 27 -42.22 -10.42 11.72
C ASN B 27 -42.86 -11.62 12.40
N ASN B 28 -43.29 -11.45 13.65
CA ASN B 28 -43.93 -12.55 14.39
C ASN B 28 -43.15 -13.87 14.22
N VAL B 29 -41.86 -13.81 14.57
CA VAL B 29 -40.97 -14.96 14.49
C VAL B 29 -40.94 -15.60 15.87
N ASN B 30 -40.25 -16.74 16.01
CA ASN B 30 -40.20 -17.40 17.30
C ASN B 30 -38.95 -17.03 18.07
N VAL B 31 -39.12 -16.15 19.05
CA VAL B 31 -38.00 -15.69 19.86
C VAL B 31 -37.22 -16.81 20.56
N ASN B 32 -37.89 -17.93 20.82
CA ASN B 32 -37.27 -19.05 21.53
C ASN B 32 -36.61 -20.16 20.68
N ALA B 33 -36.65 -19.99 19.36
CA ALA B 33 -36.03 -20.95 18.45
C ALA B 33 -34.51 -20.94 18.59
N GLN B 34 -33.92 -22.13 18.51
CA GLN B 34 -32.46 -22.30 18.59
C GLN B 34 -31.75 -22.18 17.26
N ASN B 35 -30.54 -21.66 17.25
CA ASN B 35 -29.80 -21.52 16.00
C ASN B 35 -29.06 -22.81 15.71
N GLY B 36 -28.24 -22.80 14.67
CA GLY B 36 -27.50 -24.00 14.32
C GLY B 36 -26.51 -24.52 15.38
N PHE B 37 -26.40 -23.79 16.50
CA PHE B 37 -25.50 -24.18 17.58
C PHE B 37 -26.31 -24.57 18.80
N GLY B 38 -27.64 -24.67 18.62
CA GLY B 38 -28.55 -25.06 19.70
C GLY B 38 -28.77 -24.01 20.78
N ARG B 39 -28.59 -22.75 20.41
CA ARG B 39 -28.70 -21.65 21.35
C ARG B 39 -29.77 -20.62 20.87
N THR B 40 -30.40 -19.94 21.80
CA THR B 40 -31.42 -18.95 21.46
C THR B 40 -30.88 -17.53 21.51
N ALA B 41 -31.56 -16.61 20.83
CA ALA B 41 -31.11 -15.22 20.80
C ALA B 41 -30.89 -14.63 22.20
N LEU B 42 -31.81 -14.86 23.14
CA LEU B 42 -31.61 -14.31 24.48
C LEU B 42 -30.33 -14.87 25.13
N GLN B 43 -30.04 -16.14 24.89
CA GLN B 43 -28.87 -16.77 25.46
C GLN B 43 -27.54 -16.24 24.90
N VAL B 44 -27.44 -16.09 23.58
CA VAL B 44 -26.18 -15.61 23.00
C VAL B 44 -26.06 -14.08 22.87
N MET B 45 -27.05 -13.34 23.36
CA MET B 45 -27.08 -11.88 23.26
C MET B 45 -25.91 -11.15 23.88
N LYS B 46 -25.68 -9.97 23.33
CA LYS B 46 -24.63 -9.05 23.74
C LYS B 46 -24.95 -8.56 25.14
N LEU B 47 -24.41 -9.24 26.11
CA LEU B 47 -24.68 -8.89 27.50
C LEU B 47 -24.57 -7.43 27.97
N GLY B 48 -23.75 -6.60 27.34
CA GLY B 48 -23.63 -5.25 27.86
C GLY B 48 -24.78 -4.36 27.45
N ASN B 49 -25.67 -4.89 26.63
CA ASN B 49 -26.81 -4.14 26.11
C ASN B 49 -28.13 -4.57 26.74
N PRO B 50 -28.49 -3.97 27.87
CA PRO B 50 -29.75 -4.34 28.52
C PRO B 50 -30.98 -4.21 27.60
N GLU B 51 -30.93 -3.29 26.65
CA GLU B 51 -32.08 -3.12 25.77
C GLU B 51 -32.34 -4.32 24.85
N ILE B 52 -31.27 -5.03 24.44
CA ILE B 52 -31.43 -6.21 23.60
C ILE B 52 -32.26 -7.20 24.42
N ALA B 53 -31.88 -7.36 25.67
CA ALA B 53 -32.58 -8.29 26.51
C ALA B 53 -34.03 -7.88 26.70
N ARG B 54 -34.23 -6.62 27.07
CA ARG B 54 -35.58 -6.14 27.34
C ARG B 54 -36.52 -6.38 26.17
N ARG B 55 -36.10 -6.03 24.96
CA ARG B 55 -36.96 -6.27 23.83
C ARG B 55 -37.26 -7.74 23.63
N LEU B 56 -36.24 -8.60 23.66
CA LEU B 56 -36.54 -10.03 23.50
C LEU B 56 -37.52 -10.53 24.55
N LEU B 57 -37.28 -10.20 25.81
CA LEU B 57 -38.15 -10.59 26.91
C LEU B 57 -39.56 -10.11 26.61
N LEU B 58 -39.66 -8.86 26.22
CA LEU B 58 -40.94 -8.23 25.90
C LEU B 58 -41.70 -8.92 24.77
N ARG B 59 -41.03 -9.80 24.05
CA ARG B 59 -41.63 -10.57 22.94
C ARG B 59 -41.76 -12.09 23.25
N GLY B 60 -41.63 -12.46 24.53
CA GLY B 60 -41.78 -13.84 24.90
C GLY B 60 -40.55 -14.68 25.21
N ALA B 61 -39.35 -14.15 24.96
CA ALA B 61 -38.16 -14.92 25.25
C ALA B 61 -38.32 -15.42 26.66
N ASN B 62 -38.00 -16.71 26.85
CA ASN B 62 -38.07 -17.35 28.16
C ASN B 62 -36.69 -17.28 28.77
N PRO B 63 -36.53 -16.54 29.88
CA PRO B 63 -35.24 -16.39 30.55
C PRO B 63 -34.59 -17.66 31.15
N ASP B 64 -35.41 -18.57 31.66
CA ASP B 64 -34.89 -19.77 32.28
C ASP B 64 -34.44 -20.94 31.41
N LEU B 65 -34.39 -20.80 30.09
CA LEU B 65 -33.92 -21.90 29.24
C LEU B 65 -32.38 -22.04 29.36
N LYS B 66 -31.89 -23.26 29.58
CA LYS B 66 -30.44 -23.51 29.73
C LYS B 66 -29.99 -24.25 28.50
N ASP B 67 -28.76 -24.00 28.06
CA ASP B 67 -28.26 -24.64 26.84
C ASP B 67 -27.57 -26.00 27.06
N ARG B 68 -27.14 -26.66 25.97
CA ARG B 68 -26.47 -27.99 26.02
C ARG B 68 -25.49 -28.00 27.20
N THR B 69 -24.81 -26.87 27.42
CA THR B 69 -23.81 -26.77 28.50
C THR B 69 -24.36 -26.43 29.91
N GLY B 70 -25.68 -26.34 30.01
CA GLY B 70 -26.33 -26.07 31.29
C GLY B 70 -26.33 -24.66 31.85
N PHE B 71 -26.38 -23.63 30.99
CA PHE B 71 -26.40 -22.22 31.45
C PHE B 71 -27.60 -21.43 30.98
N ALA B 72 -28.00 -20.45 31.78
CA ALA B 72 -29.11 -19.55 31.45
C ALA B 72 -28.49 -18.12 31.29
N VAL B 73 -29.18 -17.19 30.65
CA VAL B 73 -28.54 -15.89 30.46
C VAL B 73 -28.12 -15.28 31.76
N ILE B 74 -28.97 -15.36 32.76
CA ILE B 74 -28.64 -14.73 34.02
C ILE B 74 -27.32 -15.26 34.59
N HIS B 75 -26.99 -16.50 34.26
CA HIS B 75 -25.69 -17.05 34.70
C HIS B 75 -24.57 -16.24 34.02
N ASP B 76 -24.51 -16.26 32.70
CA ASP B 76 -23.48 -15.51 31.97
C ASP B 76 -23.46 -13.99 32.26
N ALA B 77 -24.62 -13.37 32.48
CA ALA B 77 -24.63 -11.94 32.78
C ALA B 77 -23.97 -11.74 34.14
N ALA B 78 -24.44 -12.54 35.11
CA ALA B 78 -23.92 -12.50 36.47
C ALA B 78 -22.42 -12.76 36.45
N ARG B 79 -21.98 -13.68 35.59
CA ARG B 79 -20.54 -13.98 35.50
C ARG B 79 -19.73 -12.85 34.85
N ALA B 80 -20.38 -12.01 34.03
CA ALA B 80 -19.68 -10.93 33.37
C ALA B 80 -19.80 -9.63 34.13
N GLY B 81 -20.67 -9.64 35.15
CA GLY B 81 -20.87 -8.45 35.96
C GLY B 81 -21.73 -7.40 35.29
N PHE B 82 -22.67 -7.83 34.45
CA PHE B 82 -23.55 -6.86 33.78
C PHE B 82 -24.85 -6.83 34.57
N LEU B 83 -24.75 -6.10 35.68
CA LEU B 83 -25.84 -5.91 36.62
C LEU B 83 -27.14 -5.37 36.01
N ASP B 84 -27.05 -4.35 35.16
CA ASP B 84 -28.24 -3.79 34.55
C ASP B 84 -28.98 -4.85 33.77
N THR B 85 -28.23 -5.64 33.00
CA THR B 85 -28.82 -6.70 32.21
C THR B 85 -29.37 -7.74 33.17
N LEU B 86 -28.62 -8.07 34.21
CA LEU B 86 -29.12 -9.06 35.16
C LEU B 86 -30.41 -8.52 35.77
N GLN B 87 -30.42 -7.23 36.05
CA GLN B 87 -31.60 -6.62 36.63
C GLN B 87 -32.80 -6.57 35.69
N THR B 88 -32.60 -6.20 34.42
CA THR B 88 -33.72 -6.18 33.52
C THR B 88 -34.19 -7.64 33.32
N LEU B 89 -33.29 -8.61 33.49
CA LEU B 89 -33.72 -10.00 33.38
C LEU B 89 -34.71 -10.33 34.49
N LEU B 90 -34.39 -9.96 35.73
CA LEU B 90 -35.26 -10.22 36.87
C LEU B 90 -36.58 -9.47 36.65
N GLU B 91 -36.44 -8.24 36.21
CA GLU B 91 -37.58 -7.39 35.92
C GLU B 91 -38.61 -8.20 35.11
N PHE B 92 -38.16 -9.13 34.28
CA PHE B 92 -39.09 -9.96 33.48
C PHE B 92 -39.27 -11.37 34.04
N GLN B 93 -39.20 -11.48 35.36
CA GLN B 93 -39.42 -12.76 36.05
C GLN B 93 -38.40 -13.88 35.96
N ALA B 94 -37.17 -13.58 35.52
CA ALA B 94 -36.14 -14.60 35.46
C ALA B 94 -35.89 -15.11 36.88
N ASP B 95 -35.66 -16.41 37.01
CA ASP B 95 -35.44 -17.03 38.30
C ASP B 95 -34.03 -16.81 38.80
N VAL B 96 -33.94 -16.12 39.93
CA VAL B 96 -32.69 -15.77 40.59
C VAL B 96 -31.92 -16.95 41.09
N ASN B 97 -32.63 -18.04 41.36
CA ASN B 97 -31.99 -19.22 41.90
C ASN B 97 -31.80 -20.35 40.91
N ILE B 98 -32.05 -20.08 39.65
CA ILE B 98 -31.86 -21.11 38.64
C ILE B 98 -30.39 -21.54 38.77
N GLU B 99 -30.15 -22.85 38.90
CA GLU B 99 -28.78 -23.37 39.02
C GLU B 99 -28.26 -23.87 37.65
N ASP B 100 -26.95 -23.84 37.46
CA ASP B 100 -26.38 -24.32 36.20
C ASP B 100 -26.31 -25.81 36.32
N ASN B 101 -25.45 -26.48 35.58
CA ASN B 101 -25.42 -27.93 35.72
C ASN B 101 -24.47 -28.45 36.78
N GLU B 102 -23.79 -27.54 37.49
CA GLU B 102 -22.88 -27.89 38.59
C GLU B 102 -23.47 -27.36 39.89
N GLY B 103 -24.77 -27.02 39.81
CA GLY B 103 -25.48 -26.50 40.97
C GLY B 103 -25.12 -25.08 41.40
N ASN B 104 -24.80 -24.23 40.42
CA ASN B 104 -24.45 -22.84 40.70
C ASN B 104 -25.59 -21.90 40.48
N LEU B 105 -25.52 -20.79 41.20
CA LEU B 105 -26.53 -19.75 41.07
C LEU B 105 -25.80 -18.57 40.44
N PRO B 106 -26.55 -17.59 39.90
CA PRO B 106 -25.81 -16.47 39.32
C PRO B 106 -24.83 -15.96 40.39
N LEU B 107 -25.32 -15.89 41.63
CA LEU B 107 -24.53 -15.43 42.78
C LEU B 107 -23.17 -16.12 42.91
N HIS B 108 -23.15 -17.43 42.77
CA HIS B 108 -21.89 -18.15 42.84
C HIS B 108 -20.90 -17.55 41.86
N LEU B 109 -21.30 -17.52 40.59
CA LEU B 109 -20.48 -17.02 39.51
C LEU B 109 -20.06 -15.56 39.68
N ALA B 110 -20.95 -14.70 40.17
CA ALA B 110 -20.59 -13.31 40.41
C ALA B 110 -19.52 -13.25 41.51
N ALA B 111 -19.75 -14.03 42.57
CA ALA B 111 -18.83 -14.13 43.71
C ALA B 111 -17.47 -14.69 43.27
N LYS B 112 -17.52 -15.78 42.52
CA LYS B 112 -16.34 -16.43 41.98
C LYS B 112 -15.52 -15.43 41.11
N GLU B 113 -16.20 -14.47 40.49
CA GLU B 113 -15.53 -13.51 39.60
C GLU B 113 -15.17 -12.15 40.23
N GLY B 114 -15.54 -11.95 41.48
CA GLY B 114 -15.20 -10.71 42.16
C GLY B 114 -16.09 -9.53 41.91
N HIS B 115 -17.22 -9.75 41.22
CA HIS B 115 -18.14 -8.66 40.91
C HIS B 115 -18.91 -8.24 42.14
N LEU B 116 -18.25 -7.42 42.95
CA LEU B 116 -18.80 -6.92 44.21
C LEU B 116 -20.16 -6.21 44.11
N ARG B 117 -20.35 -5.35 43.13
CA ARG B 117 -21.63 -4.65 43.03
C ARG B 117 -22.73 -5.59 42.54
N VAL B 118 -22.35 -6.77 42.09
CA VAL B 118 -23.35 -7.73 41.64
C VAL B 118 -23.69 -8.62 42.83
N VAL B 119 -22.69 -8.88 43.68
CA VAL B 119 -22.93 -9.70 44.85
C VAL B 119 -23.77 -8.84 45.78
N GLU B 120 -23.35 -7.59 45.94
CA GLU B 120 -24.06 -6.60 46.74
C GLU B 120 -25.57 -6.71 46.43
N PHE B 121 -25.92 -6.50 45.16
CA PHE B 121 -27.31 -6.54 44.75
C PHE B 121 -28.05 -7.84 45.08
N LEU B 122 -27.45 -8.95 44.69
CA LEU B 122 -28.08 -10.24 44.93
C LEU B 122 -28.39 -10.44 46.40
N VAL B 123 -27.36 -10.28 47.22
CA VAL B 123 -27.48 -10.46 48.68
C VAL B 123 -28.55 -9.61 49.35
N LYS B 124 -28.58 -8.33 49.01
CA LYS B 124 -29.54 -7.39 49.60
C LYS B 124 -30.89 -7.16 48.89
N HIS B 125 -31.04 -7.52 47.61
CA HIS B 125 -32.32 -7.23 46.96
C HIS B 125 -33.00 -8.35 46.18
N THR B 126 -32.46 -9.56 46.24
CA THR B 126 -33.06 -10.66 45.50
C THR B 126 -33.32 -11.82 46.43
N ALA B 127 -34.15 -12.75 45.99
CA ALA B 127 -34.46 -13.93 46.79
C ALA B 127 -33.31 -14.96 46.67
N SER B 128 -32.17 -14.51 46.18
CA SER B 128 -31.03 -15.39 46.01
C SER B 128 -30.79 -16.22 47.25
N ASN B 129 -31.06 -17.51 47.12
CA ASN B 129 -30.85 -18.44 48.21
C ASN B 129 -29.34 -18.56 48.48
N VAL B 130 -28.85 -17.70 49.37
CA VAL B 130 -27.44 -17.63 49.77
C VAL B 130 -26.75 -18.94 50.17
N GLY B 131 -27.30 -19.53 51.23
CA GLY B 131 -26.76 -20.76 51.76
C GLY B 131 -26.60 -21.86 50.74
N HIS B 132 -27.24 -21.73 49.57
CA HIS B 132 -27.15 -22.79 48.57
C HIS B 132 -25.74 -23.27 48.31
N ARG B 133 -25.58 -24.60 48.32
CA ARG B 133 -24.29 -25.27 48.09
C ARG B 133 -24.35 -25.97 46.75
N ASN B 134 -23.32 -25.78 45.92
CA ASN B 134 -23.32 -26.41 44.61
C ASN B 134 -22.88 -27.85 44.76
N HIS B 135 -22.87 -28.55 43.64
CA HIS B 135 -22.49 -29.96 43.57
C HIS B 135 -21.15 -30.34 44.19
N LYS B 136 -20.31 -29.35 44.50
CA LYS B 136 -19.04 -29.64 45.16
C LYS B 136 -19.18 -29.30 46.63
N GLY B 137 -20.39 -28.89 47.01
CA GLY B 137 -20.70 -28.54 48.38
C GLY B 137 -20.38 -27.09 48.72
N ASP B 138 -19.80 -26.34 47.78
CA ASP B 138 -19.42 -24.95 48.02
C ASP B 138 -20.53 -23.93 47.99
N THR B 139 -20.21 -22.73 48.45
CA THR B 139 -21.15 -21.63 48.48
C THR B 139 -20.55 -20.48 47.70
N ALA B 140 -21.40 -19.50 47.38
CA ALA B 140 -20.94 -18.34 46.65
C ALA B 140 -19.76 -17.79 47.47
N CYS B 141 -20.03 -17.50 48.75
CA CYS B 141 -18.99 -16.98 49.63
C CYS B 141 -17.78 -17.91 49.72
N ASP B 142 -18.00 -19.22 49.69
CA ASP B 142 -16.90 -20.16 49.76
C ASP B 142 -16.02 -19.96 48.55
N LEU B 143 -16.67 -19.86 47.38
CA LEU B 143 -15.93 -19.67 46.13
C LEU B 143 -15.16 -18.37 46.11
N ALA B 144 -15.74 -17.34 46.73
CA ALA B 144 -15.08 -16.05 46.80
C ALA B 144 -13.78 -16.28 47.59
N ARG B 145 -13.91 -17.05 48.67
CA ARG B 145 -12.80 -17.37 49.55
C ARG B 145 -11.79 -18.22 48.79
N LEU B 146 -12.29 -19.26 48.13
CA LEU B 146 -11.45 -20.17 47.35
C LEU B 146 -10.81 -19.49 46.15
N TYR B 147 -11.24 -18.26 45.85
CA TYR B 147 -10.66 -17.55 44.72
C TYR B 147 -9.99 -16.23 45.05
N GLY B 148 -9.93 -15.89 46.33
CA GLY B 148 -9.28 -14.67 46.72
C GLY B 148 -10.13 -13.42 46.69
N ARG B 149 -11.36 -13.53 46.22
CA ARG B 149 -12.23 -12.36 46.18
C ARG B 149 -12.59 -11.89 47.58
N ASN B 150 -11.56 -11.76 48.42
CA ASN B 150 -11.71 -11.35 49.80
C ASN B 150 -12.63 -10.15 49.98
N GLU B 151 -12.40 -9.11 49.20
CA GLU B 151 -13.23 -7.91 49.26
C GLU B 151 -14.71 -8.33 49.23
N VAL B 152 -14.98 -9.29 48.38
CA VAL B 152 -16.32 -9.83 48.19
C VAL B 152 -16.72 -10.64 49.42
N VAL B 153 -15.81 -11.51 49.88
CA VAL B 153 -16.04 -12.35 51.06
C VAL B 153 -16.51 -11.48 52.22
N SER B 154 -15.71 -10.48 52.56
CA SER B 154 -16.05 -9.56 53.63
C SER B 154 -17.49 -9.06 53.49
N LEU B 155 -17.73 -8.19 52.51
CA LEU B 155 -19.07 -7.66 52.27
C LEU B 155 -20.12 -8.76 52.38
N MET B 156 -19.88 -9.86 51.67
CA MET B 156 -20.82 -10.95 51.67
C MET B 156 -21.17 -11.38 53.08
N GLN B 157 -20.16 -11.65 53.91
CA GLN B 157 -20.43 -12.07 55.29
C GLN B 157 -20.83 -10.92 56.22
N ALA B 158 -20.50 -9.70 55.85
CA ALA B 158 -20.89 -8.59 56.69
C ALA B 158 -22.40 -8.59 56.58
N ASN B 159 -22.92 -9.42 55.68
CA ASN B 159 -24.36 -9.53 55.41
C ASN B 159 -24.86 -10.98 55.49
N GLY B 160 -24.07 -11.93 54.97
CA GLY B 160 -24.45 -13.34 54.98
C GLY B 160 -23.62 -14.21 54.03
N LEU C 16 12.23 8.97 25.54
CA LEU C 16 12.59 7.70 26.23
C LEU C 16 11.97 6.47 25.57
N CYS C 17 11.78 6.51 24.26
CA CYS C 17 11.19 5.39 23.55
C CYS C 17 12.05 4.12 23.68
N GLU C 18 13.30 4.21 23.23
CA GLU C 18 14.21 3.07 23.29
C GLU C 18 14.26 2.36 24.60
N ASP C 19 14.79 3.05 25.61
CA ASP C 19 14.95 2.50 26.95
C ASP C 19 13.78 1.71 27.53
N ARG C 20 12.55 2.11 27.25
CA ARG C 20 11.40 1.39 27.78
C ARG C 20 11.07 0.10 27.08
N ILE C 21 11.24 0.06 25.76
CA ILE C 21 10.97 -1.17 25.04
C ILE C 21 11.99 -2.18 25.58
N PHE C 22 13.26 -1.79 25.60
CA PHE C 22 14.35 -2.65 26.10
C PHE C 22 13.94 -3.30 27.41
N TYR C 23 13.71 -2.46 28.42
CA TYR C 23 13.31 -2.96 29.72
C TYR C 23 12.25 -4.07 29.63
N ASN C 24 11.19 -3.89 28.83
CA ASN C 24 10.12 -4.90 28.69
C ASN C 24 10.56 -6.15 27.94
N ILE C 25 11.29 -5.95 26.84
CA ILE C 25 11.79 -7.06 26.06
C ILE C 25 12.54 -8.00 27.03
N LEU C 26 13.21 -7.43 28.01
CA LEU C 26 13.96 -8.24 28.95
C LEU C 26 13.09 -9.21 29.76
N GLU C 27 11.85 -8.85 30.02
CA GLU C 27 11.00 -9.73 30.83
C GLU C 27 10.51 -10.90 29.98
N ILE C 28 10.22 -10.63 28.73
CA ILE C 28 9.75 -11.64 27.77
C ILE C 28 10.86 -12.66 27.54
N GLU C 29 12.02 -12.12 27.22
CA GLU C 29 13.25 -12.80 26.95
C GLU C 29 13.35 -14.28 27.31
N PRO C 30 13.33 -14.61 28.62
CA PRO C 30 13.45 -16.02 29.03
C PRO C 30 12.54 -16.97 28.31
N ARG C 31 11.44 -16.47 27.78
CA ARG C 31 10.47 -17.28 27.05
C ARG C 31 11.04 -17.95 25.80
N PHE C 32 12.20 -17.51 25.29
CA PHE C 32 12.74 -18.13 24.09
C PHE C 32 14.02 -18.92 24.28
N LEU C 33 14.37 -19.10 25.56
CA LEU C 33 15.51 -19.85 25.98
C LEU C 33 15.37 -21.31 25.51
N THR C 34 16.47 -21.92 25.06
CA THR C 34 16.46 -23.30 24.58
C THR C 34 17.51 -24.07 25.36
N SER C 35 17.71 -25.33 25.02
CA SER C 35 18.69 -26.13 25.72
C SER C 35 19.33 -27.32 25.04
N ASP C 36 20.64 -27.23 25.12
CA ASP C 36 21.67 -28.12 24.64
C ASP C 36 21.47 -29.52 25.25
N SER C 37 20.83 -29.56 26.43
CA SER C 37 20.60 -30.79 27.18
C SER C 37 19.71 -31.82 26.54
N VAL C 38 18.99 -31.41 25.53
CA VAL C 38 18.07 -32.27 24.83
C VAL C 38 18.68 -33.50 24.13
N PHE C 39 19.75 -33.29 23.38
CA PHE C 39 20.35 -34.37 22.61
C PHE C 39 20.43 -35.81 23.12
N GLY C 40 21.51 -36.19 23.77
CA GLY C 40 21.58 -37.58 24.19
C GLY C 40 20.48 -38.11 25.07
N THR C 41 19.42 -37.36 25.27
CA THR C 41 18.35 -37.80 26.15
C THR C 41 17.00 -37.80 25.48
N PHE C 42 16.36 -36.63 25.41
CA PHE C 42 15.06 -36.51 24.77
C PHE C 42 15.25 -36.74 23.28
N GLN C 43 16.37 -36.31 22.71
CA GLN C 43 16.51 -36.54 21.29
C GLN C 43 16.81 -38.00 20.92
N GLN C 44 17.82 -38.60 21.52
CA GLN C 44 18.12 -40.02 21.25
C GLN C 44 18.77 -40.31 19.94
N SER C 45 18.09 -40.02 18.84
CA SER C 45 18.61 -40.25 17.50
C SER C 45 19.65 -39.16 17.07
N LEU C 46 19.53 -37.95 17.62
CA LEU C 46 20.42 -36.82 17.29
C LEU C 46 21.44 -36.47 18.36
N THR C 47 22.58 -35.90 17.91
CA THR C 47 23.67 -35.52 18.80
C THR C 47 24.05 -34.05 18.63
N SER C 48 24.57 -33.47 19.70
CA SER C 48 24.98 -32.09 19.68
C SER C 48 25.81 -31.78 18.41
N HIS C 49 26.73 -32.68 18.03
CA HIS C 49 27.56 -32.42 16.87
C HIS C 49 26.79 -32.40 15.56
N MET C 50 25.77 -33.27 15.45
CA MET C 50 24.96 -33.35 14.24
C MET C 50 24.24 -32.03 14.08
N ARG C 51 23.86 -31.47 15.22
CA ARG C 51 23.18 -30.19 15.27
C ARG C 51 24.13 -29.08 14.86
N LYS C 52 25.37 -29.17 15.32
CA LYS C 52 26.39 -28.19 14.95
C LYS C 52 26.63 -28.25 13.43
N LEU C 53 26.58 -29.44 12.87
CA LEU C 53 26.69 -29.59 11.43
C LEU C 53 25.47 -28.95 10.75
N LEU C 54 24.29 -29.46 11.05
CA LEU C 54 23.06 -28.90 10.45
C LEU C 54 23.05 -27.38 10.56
N GLY C 55 23.47 -26.90 11.73
CA GLY C 55 23.50 -25.48 12.04
C GLY C 55 24.45 -24.70 11.17
N THR C 56 25.62 -25.24 10.89
CA THR C 56 26.56 -24.52 10.05
C THR C 56 26.10 -24.57 8.60
N TRP C 57 25.47 -25.67 8.21
CA TRP C 57 24.96 -25.77 6.85
C TRP C 57 23.91 -24.70 6.66
N MET C 58 23.05 -24.56 7.66
CA MET C 58 22.01 -23.55 7.63
C MET C 58 22.72 -22.22 7.48
N PHE C 59 23.71 -21.99 8.31
CA PHE C 59 24.48 -20.73 8.27
C PHE C 59 24.98 -20.46 6.87
N SER C 60 25.45 -21.50 6.19
CA SER C 60 25.95 -21.39 4.83
C SER C 60 24.84 -20.84 3.94
N VAL C 61 23.87 -21.71 3.65
CA VAL C 61 22.70 -21.36 2.86
C VAL C 61 22.27 -19.91 3.04
N CYS C 62 22.31 -19.42 4.27
CA CYS C 62 21.90 -18.04 4.56
C CYS C 62 22.80 -16.92 4.08
N GLN C 63 23.86 -16.66 4.84
CA GLN C 63 24.81 -15.60 4.53
C GLN C 63 25.22 -15.75 3.03
N GLU C 64 25.02 -16.94 2.50
CA GLU C 64 25.31 -17.19 1.10
C GLU C 64 24.12 -16.70 0.24
N TYR C 65 22.96 -17.39 0.29
CA TYR C 65 21.76 -16.96 -0.50
C TYR C 65 21.31 -15.56 -0.15
N ASN C 66 22.22 -14.78 0.41
CA ASN C 66 21.99 -13.39 0.76
C ASN C 66 20.86 -13.10 1.75
N LEU C 67 20.90 -13.72 2.93
CA LEU C 67 19.85 -13.47 3.91
C LEU C 67 20.40 -12.68 5.07
N GLU C 68 19.58 -11.87 5.72
CA GLU C 68 20.04 -11.08 6.87
C GLU C 68 20.46 -12.01 8.04
N PRO C 69 21.36 -11.54 8.92
CA PRO C 69 21.74 -12.43 10.02
C PRO C 69 20.49 -12.86 10.80
N ASN C 70 19.54 -11.95 11.04
CA ASN C 70 18.30 -12.26 11.76
C ASN C 70 17.67 -13.59 11.36
N VAL C 71 17.61 -13.85 10.07
CA VAL C 71 17.05 -15.08 9.57
C VAL C 71 17.69 -16.36 10.15
N VAL C 72 19.00 -16.36 10.29
CA VAL C 72 19.69 -17.53 10.82
C VAL C 72 19.40 -17.63 12.30
N ALA C 73 19.46 -16.48 12.99
CA ALA C 73 19.26 -16.41 14.44
C ALA C 73 17.93 -16.98 14.85
N LEU C 74 16.92 -16.64 14.03
CA LEU C 74 15.57 -17.08 14.27
C LEU C 74 15.42 -18.52 13.83
N ALA C 75 15.89 -18.84 12.62
CA ALA C 75 15.79 -20.21 12.14
C ALA C 75 16.38 -21.19 13.16
N LEU C 76 17.45 -20.78 13.84
CA LEU C 76 18.08 -21.64 14.85
C LEU C 76 17.24 -21.70 16.12
N ASN C 77 16.57 -20.59 16.45
CA ASN C 77 15.72 -20.59 17.63
C ASN C 77 14.51 -21.50 17.44
N LEU C 78 13.93 -21.48 16.25
CA LEU C 78 12.79 -22.34 15.96
C LEU C 78 13.23 -23.80 16.00
N LEU C 79 14.37 -24.09 15.37
CA LEU C 79 14.89 -25.46 15.35
C LEU C 79 15.13 -25.98 16.77
N ASP C 80 15.77 -25.18 17.60
CA ASP C 80 16.04 -25.61 18.94
C ASP C 80 14.84 -25.58 19.89
N ARG C 81 13.86 -24.74 19.61
CA ARG C 81 12.65 -24.71 20.43
C ARG C 81 11.83 -25.91 19.98
N LEU C 82 11.92 -26.24 18.70
CA LEU C 82 11.20 -27.39 18.20
C LEU C 82 11.76 -28.66 18.84
N LEU C 83 13.09 -28.78 18.90
CA LEU C 83 13.72 -29.96 19.48
C LEU C 83 13.48 -30.14 20.98
N LEU C 84 12.75 -29.21 21.55
CA LEU C 84 12.45 -29.22 22.96
C LEU C 84 11.12 -29.94 23.19
N ILE C 85 10.34 -30.13 22.13
CA ILE C 85 9.04 -30.78 22.27
C ILE C 85 8.80 -31.90 21.23
N LYS C 86 9.68 -32.03 20.27
CA LYS C 86 9.48 -33.04 19.25
C LYS C 86 10.73 -33.86 19.00
N GLN C 87 10.58 -35.18 19.06
CA GLN C 87 11.74 -36.02 18.79
C GLN C 87 11.92 -36.08 17.28
N VAL C 88 13.05 -35.59 16.79
CA VAL C 88 13.34 -35.58 15.35
C VAL C 88 14.37 -36.63 14.94
N SER C 89 14.07 -37.37 13.88
CA SER C 89 14.94 -38.45 13.43
C SER C 89 16.13 -37.89 12.71
N LYS C 90 17.12 -38.76 12.54
CA LYS C 90 18.35 -38.41 11.84
C LYS C 90 18.03 -38.18 10.34
N GLU C 91 17.23 -39.07 9.77
CA GLU C 91 16.86 -38.97 8.35
C GLU C 91 16.14 -37.67 7.98
N HIS C 92 15.48 -37.07 8.96
CA HIS C 92 14.74 -35.86 8.71
C HIS C 92 15.22 -34.62 9.42
N PHE C 93 16.32 -34.74 10.16
CA PHE C 93 16.87 -33.60 10.87
C PHE C 93 16.98 -32.47 9.86
N GLN C 94 17.77 -32.70 8.81
CA GLN C 94 17.99 -31.67 7.80
C GLN C 94 16.75 -30.97 7.27
N LYS C 95 15.80 -31.73 6.73
CA LYS C 95 14.54 -31.20 6.21
C LYS C 95 13.92 -30.28 7.25
N THR C 96 13.99 -30.69 8.51
CA THR C 96 13.47 -29.92 9.61
C THR C 96 14.24 -28.58 9.68
N GLY C 97 15.56 -28.63 9.63
CA GLY C 97 16.32 -27.40 9.68
C GLY C 97 15.94 -26.50 8.52
N SER C 98 15.54 -27.11 7.40
CA SER C 98 15.16 -26.35 6.21
C SER C 98 13.86 -25.61 6.46
N ALA C 99 12.87 -26.30 7.02
CA ALA C 99 11.57 -25.71 7.31
C ALA C 99 11.79 -24.52 8.20
N CYS C 100 12.71 -24.63 9.15
CA CYS C 100 12.97 -23.48 10.03
C CYS C 100 13.48 -22.29 9.19
N LEU C 101 14.35 -22.59 8.22
CA LEU C 101 14.95 -21.60 7.32
C LEU C 101 13.86 -20.89 6.51
N LEU C 102 12.96 -21.68 5.95
CA LEU C 102 11.82 -21.18 5.17
C LEU C 102 11.02 -20.25 6.05
N VAL C 103 10.38 -20.81 7.08
CA VAL C 103 9.60 -19.98 8.00
C VAL C 103 10.40 -18.75 8.49
N ALA C 104 11.63 -18.95 8.97
CA ALA C 104 12.43 -17.82 9.47
C ALA C 104 12.58 -16.68 8.46
N SER C 105 12.79 -16.99 7.18
CA SER C 105 12.92 -15.90 6.21
C SER C 105 11.56 -15.34 5.82
N LYS C 106 10.52 -16.17 5.87
CA LYS C 106 9.19 -15.67 5.55
C LYS C 106 8.84 -14.61 6.58
N LEU C 107 9.48 -14.69 7.75
CA LEU C 107 9.23 -13.75 8.84
C LEU C 107 10.22 -12.63 8.93
N ARG C 108 11.36 -12.77 8.28
CA ARG C 108 12.39 -11.75 8.39
C ARG C 108 13.04 -11.20 7.13
N SER C 109 12.98 -11.89 6.00
CA SER C 109 13.67 -11.32 4.84
C SER C 109 12.73 -10.70 3.84
N LEU C 110 13.19 -9.62 3.21
CA LEU C 110 12.39 -8.94 2.20
C LEU C 110 12.35 -9.95 1.06
N THR C 111 13.39 -10.76 1.04
CA THR C 111 13.62 -11.77 0.02
C THR C 111 13.41 -13.18 0.52
N PRO C 112 12.20 -13.53 0.98
CA PRO C 112 12.03 -14.90 1.46
C PRO C 112 12.51 -15.98 0.49
N ILE C 113 13.45 -16.79 0.97
CA ILE C 113 14.05 -17.87 0.18
C ILE C 113 12.95 -18.83 -0.27
N SER C 114 13.09 -19.42 -1.45
CA SER C 114 12.06 -20.32 -1.98
C SER C 114 12.22 -21.81 -1.63
N THR C 115 11.09 -22.51 -1.67
CA THR C 115 11.07 -23.93 -1.38
C THR C 115 12.06 -24.62 -2.31
N SER C 116 11.83 -24.48 -3.61
CA SER C 116 12.69 -25.07 -4.62
C SER C 116 14.17 -24.77 -4.37
N SER C 117 14.44 -23.52 -4.03
CA SER C 117 15.78 -23.08 -3.72
C SER C 117 16.36 -23.92 -2.56
N LEU C 118 15.56 -24.14 -1.52
CA LEU C 118 15.99 -24.95 -0.39
C LEU C 118 16.16 -26.40 -0.79
N CYS C 119 15.13 -27.03 -1.35
CA CYS C 119 15.22 -28.43 -1.75
C CYS C 119 16.49 -28.67 -2.53
N TYR C 120 16.88 -27.67 -3.31
CA TYR C 120 18.09 -27.75 -4.11
C TYR C 120 19.32 -27.89 -3.22
N ALA C 121 19.66 -26.82 -2.50
CA ALA C 121 20.80 -26.82 -1.60
C ALA C 121 20.80 -28.03 -0.66
N ALA C 122 19.65 -28.68 -0.59
CA ALA C 122 19.46 -29.85 0.26
C ALA C 122 19.79 -31.11 -0.50
N ALA C 123 20.57 -30.96 -1.58
CA ALA C 123 20.96 -32.09 -2.41
C ALA C 123 19.72 -32.75 -2.98
N ASP C 124 18.63 -31.99 -2.98
CA ASP C 124 17.37 -32.52 -3.47
C ASP C 124 16.97 -33.76 -2.66
N SER C 125 17.50 -33.89 -1.44
CA SER C 125 17.22 -35.05 -0.60
C SER C 125 15.77 -35.17 -0.21
N PHE C 126 15.04 -34.05 -0.20
CA PHE C 126 13.63 -34.13 0.11
C PHE C 126 12.79 -33.37 -0.93
N SER C 127 11.53 -33.79 -1.06
CA SER C 127 10.56 -33.23 -2.01
C SER C 127 10.01 -31.88 -1.61
N ARG C 128 9.61 -31.08 -2.59
CA ARG C 128 9.01 -29.78 -2.29
C ARG C 128 7.77 -29.98 -1.40
N GLN C 129 6.97 -31.00 -1.68
CA GLN C 129 5.80 -31.23 -0.84
C GLN C 129 6.22 -31.50 0.58
N GLU C 130 7.17 -32.42 0.71
CA GLU C 130 7.71 -32.84 2.00
C GLU C 130 8.26 -31.71 2.84
N LEU C 131 8.85 -30.70 2.21
CA LEU C 131 9.37 -29.57 2.96
C LEU C 131 8.20 -28.74 3.44
N ILE C 132 7.18 -28.65 2.58
CA ILE C 132 5.95 -27.90 2.87
C ILE C 132 5.19 -28.55 4.01
N ASP C 133 5.23 -29.87 4.05
CA ASP C 133 4.54 -30.64 5.07
C ASP C 133 5.26 -30.50 6.39
N GLN C 134 6.54 -30.16 6.32
CA GLN C 134 7.30 -29.95 7.53
C GLN C 134 7.04 -28.54 8.02
N GLU C 135 6.76 -27.63 7.11
CA GLU C 135 6.48 -26.28 7.52
C GLU C 135 5.16 -26.30 8.28
N LYS C 136 4.17 -27.01 7.74
CA LYS C 136 2.87 -27.10 8.37
C LYS C 136 3.04 -27.74 9.77
N GLU C 137 3.89 -28.74 9.79
CA GLU C 137 4.22 -29.51 10.99
C GLU C 137 4.86 -28.62 12.03
N LEU C 138 5.88 -27.88 11.61
CA LEU C 138 6.61 -26.97 12.48
C LEU C 138 5.67 -25.98 13.08
N LEU C 139 4.77 -25.43 12.26
CA LEU C 139 3.82 -24.43 12.74
C LEU C 139 2.86 -25.02 13.75
N GLU C 140 2.46 -26.26 13.53
CA GLU C 140 1.57 -26.90 14.46
C GLU C 140 2.18 -27.22 15.81
N LYS C 141 3.40 -27.78 15.84
CA LYS C 141 4.02 -28.10 17.12
C LYS C 141 4.32 -26.82 17.94
N LEU C 142 4.67 -25.73 17.25
CA LEU C 142 4.98 -24.48 17.93
C LEU C 142 3.77 -23.60 18.07
N ALA C 143 2.64 -24.10 17.57
CA ALA C 143 1.38 -23.37 17.61
C ALA C 143 1.48 -21.93 17.11
N TRP C 144 2.02 -21.80 15.91
CA TRP C 144 2.18 -20.53 15.23
C TRP C 144 2.95 -19.45 15.95
N ARG C 145 3.62 -19.83 17.03
CA ARG C 145 4.44 -18.93 17.83
C ARG C 145 5.81 -18.96 17.19
N THR C 146 5.98 -18.23 16.09
CA THR C 146 7.21 -18.27 15.34
C THR C 146 8.17 -17.14 15.52
N GLU C 147 7.73 -16.09 16.19
CA GLU C 147 8.63 -14.97 16.48
C GLU C 147 9.27 -15.13 17.88
N ALA C 148 10.46 -14.55 18.04
CA ALA C 148 11.19 -14.59 19.29
C ALA C 148 12.07 -13.38 19.39
N VAL C 149 12.35 -12.98 20.63
CA VAL C 149 13.28 -11.89 20.90
C VAL C 149 14.63 -12.56 20.52
N LEU C 150 15.35 -11.99 19.59
CA LEU C 150 16.64 -12.57 19.22
C LEU C 150 17.84 -11.76 19.79
N ALA C 151 19.02 -12.39 19.89
CA ALA C 151 20.21 -11.66 20.35
C ALA C 151 20.58 -10.65 19.25
N THR C 152 20.30 -10.96 17.99
CA THR C 152 20.56 -10.01 16.93
C THR C 152 19.60 -8.83 17.05
N ASP C 153 18.41 -9.06 17.59
CA ASP C 153 17.47 -7.95 17.71
C ASP C 153 17.87 -6.89 18.73
N VAL C 154 18.78 -7.23 19.64
CA VAL C 154 19.18 -6.33 20.71
C VAL C 154 20.45 -5.53 20.49
N THR C 155 21.37 -6.08 19.68
CA THR C 155 22.70 -5.52 19.40
C THR C 155 22.76 -4.03 19.04
N SER C 156 21.75 -3.58 18.32
CA SER C 156 21.63 -2.19 17.91
C SER C 156 21.45 -1.28 19.12
N PHE C 157 20.33 -1.41 19.81
CA PHE C 157 20.12 -0.60 20.99
C PHE C 157 21.37 -0.51 21.90
N LEU C 158 22.01 -1.66 22.18
CA LEU C 158 23.19 -1.66 23.03
C LEU C 158 24.36 -0.97 22.32
N LEU C 159 24.61 -1.39 21.09
CA LEU C 159 25.70 -0.85 20.30
C LEU C 159 25.61 0.66 20.27
N LEU C 160 24.42 1.19 20.47
CA LEU C 160 24.19 2.62 20.44
C LEU C 160 24.57 3.29 21.72
N LYS C 161 24.28 2.64 22.84
CA LYS C 161 24.64 3.19 24.13
C LYS C 161 26.17 3.17 24.32
N LEU C 162 26.85 2.37 23.52
CA LEU C 162 28.30 2.29 23.61
C LEU C 162 28.92 3.25 22.64
N VAL C 163 28.74 2.96 21.36
CA VAL C 163 29.26 3.81 20.30
C VAL C 163 28.37 5.06 20.27
N GLY C 164 28.26 5.74 21.42
CA GLY C 164 27.44 6.94 21.55
C GLY C 164 26.74 7.52 20.31
N GLY C 165 27.53 8.17 19.46
CA GLY C 165 27.00 8.78 18.25
C GLY C 165 26.35 7.79 17.31
N SER C 166 26.23 8.20 16.05
CA SER C 166 25.60 7.35 15.04
C SER C 166 26.62 6.74 14.08
N GLN C 167 27.72 7.47 13.85
CA GLN C 167 28.76 7.00 12.97
C GLN C 167 29.34 5.70 13.50
N HIS C 168 29.58 4.74 12.61
CA HIS C 168 30.12 3.43 12.95
C HIS C 168 29.03 2.44 13.36
N LEU C 169 27.99 2.95 13.99
CA LEU C 169 26.90 2.12 14.46
C LEU C 169 26.48 1.01 13.51
N ASP C 170 26.80 1.13 12.22
CA ASP C 170 26.39 0.12 11.25
C ASP C 170 27.44 -0.92 10.94
N PHE C 171 28.69 -0.52 11.07
CA PHE C 171 29.76 -1.47 10.80
C PHE C 171 29.79 -2.51 11.91
N TRP C 172 29.79 -2.03 13.14
CA TRP C 172 29.83 -2.87 14.31
C TRP C 172 28.58 -3.71 14.47
N HIS C 173 27.42 -3.12 14.16
CA HIS C 173 26.16 -3.85 14.28
C HIS C 173 26.26 -5.06 13.39
N HIS C 174 26.54 -4.85 12.12
CA HIS C 174 26.63 -6.01 11.27
C HIS C 174 27.74 -6.95 11.71
N GLU C 175 28.80 -6.42 12.32
CA GLU C 175 29.89 -7.29 12.78
C GLU C 175 29.48 -8.17 13.97
N VAL C 176 29.02 -7.52 15.04
CA VAL C 176 28.56 -8.25 16.23
C VAL C 176 27.55 -9.34 15.84
N ASN C 177 26.50 -8.97 15.10
CA ASN C 177 25.47 -9.93 14.69
C ASN C 177 26.02 -11.12 13.91
N THR C 178 27.08 -10.94 13.16
CA THR C 178 27.65 -12.08 12.44
C THR C 178 28.35 -13.00 13.44
N LEU C 179 28.94 -12.43 14.47
CA LEU C 179 29.59 -13.25 15.47
C LEU C 179 28.49 -14.03 16.15
N ILE C 180 27.45 -13.32 16.62
CA ILE C 180 26.27 -13.85 17.31
C ILE C 180 25.73 -15.08 16.60
N THR C 181 25.59 -15.00 15.28
CA THR C 181 25.04 -16.13 14.55
C THR C 181 25.98 -17.28 14.62
N LYS C 182 27.28 -17.01 14.54
CA LYS C 182 28.26 -18.10 14.63
C LYS C 182 28.18 -18.79 15.99
N ALA C 183 28.03 -18.02 17.07
CA ALA C 183 27.94 -18.57 18.44
C ALA C 183 26.69 -19.42 18.61
N LEU C 184 25.65 -19.05 17.86
CA LEU C 184 24.38 -19.76 17.90
C LEU C 184 24.42 -21.09 17.21
N VAL C 185 25.36 -21.31 16.29
CA VAL C 185 25.44 -22.62 15.64
C VAL C 185 25.76 -23.64 16.73
N ASP C 186 26.36 -23.16 17.82
CA ASP C 186 26.65 -24.02 18.96
C ASP C 186 25.45 -23.98 19.89
N PRO C 187 24.79 -25.13 20.10
CA PRO C 187 23.60 -25.30 20.96
C PRO C 187 23.68 -24.85 22.43
N LEU C 188 24.90 -24.74 22.93
CA LEU C 188 25.17 -24.29 24.30
C LEU C 188 24.71 -22.81 24.42
N THR C 189 25.03 -22.01 23.39
CA THR C 189 24.69 -20.60 23.38
C THR C 189 23.21 -20.35 23.60
N GLY C 190 22.38 -21.22 23.01
CA GLY C 190 20.94 -21.10 23.13
C GLY C 190 20.33 -21.13 24.51
N SER C 191 21.15 -21.42 25.51
CA SER C 191 20.70 -21.48 26.91
C SER C 191 20.77 -20.06 27.50
N LEU C 192 21.34 -19.12 26.77
CA LEU C 192 21.48 -17.77 27.28
C LEU C 192 20.45 -16.72 26.76
N PRO C 193 20.14 -15.72 27.60
CA PRO C 193 19.21 -14.64 27.30
C PRO C 193 19.73 -13.85 26.10
N ALA C 194 18.79 -13.38 25.27
CA ALA C 194 19.13 -12.59 24.09
C ALA C 194 20.06 -11.42 24.47
N SER C 195 19.71 -10.72 25.57
CA SER C 195 20.46 -9.58 26.08
C SER C 195 21.90 -9.96 26.38
N ILE C 196 22.07 -11.06 27.10
CA ILE C 196 23.40 -11.54 27.42
C ILE C 196 24.19 -11.85 26.14
N ILE C 197 23.72 -12.80 25.33
CA ILE C 197 24.41 -13.13 24.09
C ILE C 197 24.79 -11.89 23.29
N SER C 198 23.87 -10.94 23.24
CA SER C 198 24.05 -9.68 22.52
C SER C 198 25.17 -8.81 23.08
N ALA C 199 25.14 -8.55 24.39
CA ALA C 199 26.20 -7.75 25.02
C ALA C 199 27.54 -8.50 24.92
N ALA C 200 27.53 -9.78 25.28
CA ALA C 200 28.73 -10.56 25.20
C ALA C 200 29.37 -10.38 23.82
N GLY C 201 28.55 -10.37 22.77
CA GLY C 201 29.08 -10.22 21.42
C GLY C 201 29.69 -8.86 21.18
N CYS C 202 29.01 -7.82 21.66
CA CYS C 202 29.51 -6.47 21.51
C CYS C 202 30.88 -6.48 22.16
N ALA C 203 30.90 -6.80 23.45
CA ALA C 203 32.14 -6.84 24.23
C ALA C 203 33.34 -7.48 23.52
N LEU C 204 33.12 -8.56 22.80
CA LEU C 204 34.17 -9.25 22.08
C LEU C 204 34.73 -8.53 20.84
N LEU C 205 33.96 -7.64 20.20
CA LEU C 205 34.44 -6.95 18.99
C LEU C 205 34.75 -5.46 19.05
N VAL C 206 33.85 -4.68 19.64
CA VAL C 206 34.00 -3.23 19.70
C VAL C 206 35.22 -2.75 20.48
N PRO C 207 36.15 -2.09 19.79
CA PRO C 207 37.40 -1.55 20.35
C PRO C 207 37.12 -0.40 21.32
N ALA C 208 37.98 -0.24 22.32
CA ALA C 208 37.76 0.81 23.31
C ALA C 208 37.86 2.23 22.77
N ASN C 209 38.46 2.40 21.60
CA ASN C 209 38.64 3.72 21.03
C ASN C 209 37.37 4.33 20.45
N VAL C 210 36.40 3.49 20.13
CA VAL C 210 35.16 3.98 19.56
C VAL C 210 34.12 4.11 20.66
N ILE C 211 34.54 4.05 21.92
CA ILE C 211 33.60 4.11 23.03
C ILE C 211 33.93 5.21 24.04
N PRO C 212 32.91 5.93 24.56
CA PRO C 212 33.04 7.01 25.55
C PRO C 212 33.96 6.76 26.73
N GLN C 213 34.11 7.76 27.59
CA GLN C 213 35.01 7.72 28.74
C GLN C 213 36.45 7.86 28.25
N GLY C 219 34.73 0.68 31.94
CA GLY C 219 34.96 -0.49 31.02
C GLY C 219 33.78 -0.82 30.12
N VAL C 220 33.99 -1.64 29.08
CA VAL C 220 32.91 -2.02 28.18
C VAL C 220 31.92 -2.96 28.84
N VAL C 221 32.45 -4.03 29.44
CA VAL C 221 31.65 -5.05 30.13
C VAL C 221 30.87 -4.48 31.31
N PRO C 222 31.52 -3.70 32.18
CA PRO C 222 30.81 -3.13 33.33
C PRO C 222 29.75 -2.11 32.85
N GLN C 223 30.00 -1.55 31.66
CA GLN C 223 29.12 -0.59 31.04
C GLN C 223 27.88 -1.33 30.53
N LEU C 224 28.08 -2.42 29.80
CA LEU C 224 26.97 -3.23 29.28
C LEU C 224 26.23 -3.87 30.44
N ALA C 225 27.01 -4.39 31.39
CA ALA C 225 26.46 -5.07 32.56
C ALA C 225 25.53 -4.14 33.30
N SER C 226 25.90 -2.86 33.31
CA SER C 226 25.11 -1.85 33.97
C SER C 226 23.78 -1.68 33.26
N ILE C 227 23.82 -1.73 31.92
CA ILE C 227 22.64 -1.59 31.09
C ILE C 227 21.74 -2.81 31.27
N LEU C 228 22.30 -4.01 31.13
CA LEU C 228 21.52 -5.23 31.28
C LEU C 228 21.03 -5.39 32.70
N GLY C 229 21.69 -4.70 33.61
CA GLY C 229 21.32 -4.78 35.01
C GLY C 229 21.79 -6.09 35.60
N CYS C 230 22.84 -6.67 35.03
CA CYS C 230 23.38 -7.95 35.54
C CYS C 230 24.73 -7.72 36.24
N ASP C 231 25.33 -8.80 36.75
CA ASP C 231 26.61 -8.66 37.43
C ASP C 231 27.69 -8.67 36.36
N VAL C 232 28.82 -8.02 36.64
CA VAL C 232 29.92 -7.99 35.70
C VAL C 232 30.46 -9.39 35.45
N SER C 233 30.48 -10.20 36.50
CA SER C 233 30.97 -11.59 36.44
C SER C 233 30.09 -12.46 35.54
N VAL C 234 28.79 -12.26 35.63
CA VAL C 234 27.85 -12.99 34.82
C VAL C 234 28.12 -12.69 33.36
N LEU C 235 28.19 -11.40 33.00
CA LEU C 235 28.44 -11.02 31.61
C LEU C 235 29.80 -11.54 31.12
N GLN C 236 30.81 -11.49 31.98
CA GLN C 236 32.13 -11.98 31.63
C GLN C 236 32.09 -13.47 31.32
N ALA C 237 31.39 -14.23 32.16
CA ALA C 237 31.25 -15.66 31.96
C ALA C 237 30.71 -15.92 30.54
N ALA C 238 29.68 -15.16 30.17
CA ALA C 238 29.03 -15.24 28.87
C ALA C 238 29.99 -14.90 27.74
N VAL C 239 30.82 -13.88 27.97
CA VAL C 239 31.81 -13.49 26.99
C VAL C 239 32.69 -14.70 26.74
N GLU C 240 33.33 -15.10 27.84
CA GLU C 240 34.22 -16.25 27.88
C GLU C 240 33.65 -17.46 27.15
N GLN C 241 32.41 -17.82 27.49
CA GLN C 241 31.74 -18.96 26.85
C GLN C 241 31.55 -18.80 25.36
N ILE C 242 30.88 -17.71 25.00
CA ILE C 242 30.61 -17.36 23.61
C ILE C 242 31.90 -17.26 22.83
N LEU C 243 32.96 -16.75 23.47
CA LEU C 243 34.24 -16.65 22.77
C LEU C 243 34.63 -18.04 22.28
N THR C 244 34.57 -19.02 23.19
CA THR C 244 34.92 -20.40 22.87
C THR C 244 34.08 -20.86 21.68
N SER C 245 32.76 -20.84 21.87
CA SER C 245 31.80 -21.25 20.85
C SER C 245 32.10 -20.65 19.47
N VAL C 246 32.31 -19.35 19.42
CA VAL C 246 32.54 -18.73 18.13
C VAL C 246 33.78 -19.27 17.44
N SER C 247 34.79 -19.57 18.24
CA SER C 247 36.05 -20.08 17.70
C SER C 247 35.85 -21.36 16.91
N ASP C 248 35.00 -22.24 17.41
CA ASP C 248 34.72 -23.52 16.78
C ASP C 248 34.06 -23.41 15.41
N PHE C 249 33.39 -22.31 15.16
CA PHE C 249 32.72 -22.18 13.89
C PHE C 249 33.71 -22.39 12.74
N ASP C 250 33.35 -23.23 11.79
CA ASP C 250 34.19 -23.50 10.64
C ASP C 250 33.37 -24.17 9.55
N LEU C 251 33.09 -23.39 8.52
CA LEU C 251 32.28 -23.81 7.39
C LEU C 251 32.80 -24.96 6.57
N ARG C 252 33.79 -25.67 7.06
CA ARG C 252 34.33 -26.79 6.30
C ARG C 252 33.47 -28.02 6.54
N ILE C 253 32.50 -28.17 5.62
CA ILE C 253 31.52 -29.24 5.51
C ILE C 253 31.52 -30.23 6.68
N ALA D 9 15.46 23.38 -19.20
CA ALA D 9 14.87 24.49 -20.00
C ALA D 9 14.63 25.71 -19.14
N ASP D 10 13.35 26.04 -18.92
CA ASP D 10 12.96 27.20 -18.10
C ASP D 10 13.41 28.53 -18.74
N GLN D 11 13.29 28.61 -20.05
CA GLN D 11 13.69 29.79 -20.80
C GLN D 11 13.30 29.39 -22.22
N GLN D 12 12.86 28.14 -22.38
CA GLN D 12 12.38 27.61 -23.66
C GLN D 12 10.88 27.42 -23.50
N TYR D 13 10.48 27.11 -22.28
CA TYR D 13 9.08 26.92 -21.96
C TYR D 13 8.60 28.11 -21.19
N GLU D 14 7.54 28.74 -21.70
CA GLU D 14 6.98 29.92 -21.09
C GLU D 14 5.54 29.69 -20.63
N CYS D 15 5.32 29.66 -19.32
CA CYS D 15 3.98 29.46 -18.76
C CYS D 15 3.03 30.58 -19.15
N VAL D 16 1.75 30.23 -19.25
CA VAL D 16 0.70 31.17 -19.62
C VAL D 16 -0.49 31.04 -18.69
N ALA D 17 -0.62 29.88 -18.04
CA ALA D 17 -1.76 29.62 -17.15
C ALA D 17 -1.61 28.40 -16.23
N GLU D 18 -2.03 28.54 -14.99
CA GLU D 18 -1.94 27.39 -14.11
C GLU D 18 -3.27 26.63 -14.28
N ILE D 19 -3.20 25.33 -14.54
CA ILE D 19 -4.42 24.55 -14.74
C ILE D 19 -4.94 23.95 -13.45
N GLY D 20 -4.03 23.62 -12.54
CA GLY D 20 -4.48 23.08 -11.29
C GLY D 20 -3.32 22.45 -10.62
N GLU D 21 -3.59 21.77 -9.52
CA GLU D 21 -2.53 21.07 -8.86
C GLU D 21 -3.13 19.84 -8.20
N GLY D 22 -2.37 18.76 -8.25
CA GLY D 22 -2.83 17.51 -7.67
C GLY D 22 -1.66 16.63 -7.31
N ALA D 23 -1.91 15.34 -7.39
CA ALA D 23 -0.91 14.37 -7.02
C ALA D 23 0.45 14.54 -7.66
N TYR D 24 0.54 15.26 -8.77
CA TYR D 24 1.84 15.34 -9.41
C TYR D 24 2.43 16.71 -9.45
N GLY D 25 1.97 17.57 -8.56
CA GLY D 25 2.50 18.93 -8.56
C GLY D 25 1.54 19.81 -9.31
N LYS D 26 1.97 21.02 -9.61
CA LYS D 26 1.15 21.97 -10.36
C LYS D 26 1.29 21.70 -11.84
N VAL D 27 0.17 21.88 -12.52
CA VAL D 27 0.06 21.65 -13.96
C VAL D 27 -0.17 22.98 -14.69
N PHE D 28 0.71 23.33 -15.60
CA PHE D 28 0.52 24.57 -16.33
C PHE D 28 0.37 24.35 -17.83
N LYS D 29 -0.04 25.42 -18.49
CA LYS D 29 -0.16 25.43 -19.92
C LYS D 29 0.96 26.42 -20.27
N ALA D 30 1.83 26.05 -21.19
CA ALA D 30 2.95 26.92 -21.55
C ALA D 30 3.21 26.90 -23.04
N ARG D 31 4.03 27.85 -23.51
CA ARG D 31 4.39 27.86 -24.93
C ARG D 31 5.75 27.16 -25.07
N ASP D 32 5.89 26.35 -26.12
CA ASP D 32 7.15 25.69 -26.42
C ASP D 32 7.81 26.70 -27.36
N LEU D 33 8.72 27.49 -26.80
CA LEU D 33 9.36 28.52 -27.58
C LEU D 33 10.33 28.02 -28.64
N LYS D 34 10.58 26.73 -28.71
CA LYS D 34 11.48 26.28 -29.75
C LYS D 34 10.76 25.47 -30.82
N ASN D 35 9.44 25.56 -30.81
CA ASN D 35 8.58 24.91 -31.79
C ASN D 35 7.36 25.76 -32.11
N GLY D 36 7.65 27.05 -32.32
CA GLY D 36 6.62 28.01 -32.67
C GLY D 36 5.64 28.35 -31.58
N GLY D 37 6.10 28.34 -30.32
CA GLY D 37 5.20 28.67 -29.22
C GLY D 37 3.95 27.83 -29.19
N ARG D 38 4.04 26.59 -29.65
CA ARG D 38 2.90 25.68 -29.65
C ARG D 38 2.62 25.35 -28.20
N PHE D 39 1.36 25.14 -27.84
CA PHE D 39 1.07 24.85 -26.44
C PHE D 39 1.60 23.52 -25.99
N VAL D 40 2.05 23.50 -24.75
CA VAL D 40 2.63 22.30 -24.19
C VAL D 40 2.22 22.28 -22.70
N ALA D 41 2.08 21.10 -22.12
CA ALA D 41 1.69 21.00 -20.71
C ALA D 41 2.87 20.69 -19.80
N LEU D 42 2.91 21.33 -18.64
CA LEU D 42 4.00 21.09 -17.71
C LEU D 42 3.55 20.64 -16.33
N LYS D 43 4.36 19.84 -15.67
CA LYS D 43 4.05 19.39 -14.32
C LYS D 43 5.25 19.77 -13.48
N ARG D 44 5.01 20.48 -12.38
CA ARG D 44 6.11 20.90 -11.53
C ARG D 44 6.02 20.41 -10.12
N VAL D 45 7.09 19.75 -9.70
CA VAL D 45 7.18 19.20 -8.34
C VAL D 45 8.40 19.77 -7.63
N ARG D 46 8.30 19.88 -6.32
CA ARG D 46 9.40 20.36 -5.50
C ARG D 46 9.92 19.09 -4.84
N VAL D 47 11.02 18.55 -5.34
CA VAL D 47 11.56 17.32 -4.77
C VAL D 47 12.45 17.61 -3.55
N GLN D 48 12.21 16.80 -2.51
CA GLN D 48 12.86 16.88 -1.22
C GLN D 48 14.10 16.01 -1.12
N THR D 49 15.25 16.63 -0.84
CA THR D 49 16.49 15.89 -0.70
C THR D 49 16.55 15.20 0.65
N GLY D 50 16.99 13.96 0.66
CA GLY D 50 17.11 13.23 1.91
C GLY D 50 18.58 12.99 2.19
N GLU D 51 18.88 12.24 3.24
CA GLU D 51 20.26 11.93 3.56
C GLU D 51 20.56 10.72 2.73
N GLU D 52 19.56 10.36 1.94
CA GLU D 52 19.65 9.22 1.03
C GLU D 52 19.73 9.76 -0.40
N GLY D 53 19.67 11.08 -0.52
CA GLY D 53 19.79 11.67 -1.83
C GLY D 53 18.48 11.97 -2.47
N MET D 54 18.33 11.54 -3.72
CA MET D 54 17.08 11.79 -4.45
C MET D 54 16.11 10.65 -4.10
N PRO D 55 14.86 11.01 -3.78
CA PRO D 55 13.77 10.10 -3.40
C PRO D 55 13.47 9.03 -4.44
N LEU D 56 13.54 7.76 -4.01
CA LEU D 56 13.27 6.63 -4.90
C LEU D 56 12.16 6.81 -5.92
N SER D 57 10.94 7.01 -5.44
CA SER D 57 9.79 7.16 -6.32
C SER D 57 9.98 8.23 -7.39
N THR D 58 10.44 9.41 -6.99
CA THR D 58 10.67 10.47 -7.96
C THR D 58 11.53 9.87 -9.06
N ILE D 59 12.67 9.32 -8.66
CA ILE D 59 13.54 8.69 -9.61
C ILE D 59 12.79 7.63 -10.42
N ARG D 60 12.11 6.71 -9.75
CA ARG D 60 11.40 5.61 -10.44
C ARG D 60 10.34 6.07 -11.42
N GLU D 61 9.55 7.05 -11.01
CA GLU D 61 8.49 7.51 -11.86
C GLU D 61 9.00 8.19 -13.11
N VAL D 62 9.94 9.13 -12.95
CA VAL D 62 10.49 9.82 -14.12
C VAL D 62 11.14 8.76 -15.01
N ALA D 63 11.86 7.82 -14.40
CA ALA D 63 12.54 6.75 -15.13
C ALA D 63 11.57 6.00 -16.02
N VAL D 64 10.38 5.72 -15.51
CA VAL D 64 9.38 4.97 -16.27
C VAL D 64 8.77 5.78 -17.39
N LEU D 65 8.44 7.03 -17.10
CA LEU D 65 7.90 7.87 -18.15
C LEU D 65 8.89 7.96 -19.32
N ARG D 66 10.12 8.37 -19.03
CA ARG D 66 11.17 8.46 -20.03
C ARG D 66 11.28 7.14 -20.80
N HIS D 67 11.16 6.03 -20.09
CA HIS D 67 11.35 4.78 -20.77
C HIS D 67 10.23 4.40 -21.74
N LEU D 68 9.00 4.55 -21.30
CA LEU D 68 7.86 4.22 -22.15
C LEU D 68 7.84 5.13 -23.37
N GLU D 69 8.48 6.29 -23.23
CA GLU D 69 8.52 7.31 -24.29
C GLU D 69 9.30 6.79 -25.48
N THR D 70 10.33 6.00 -25.18
CA THR D 70 11.18 5.39 -26.19
C THR D 70 10.30 4.72 -27.25
N PHE D 71 9.25 4.03 -26.80
CA PHE D 71 8.40 3.34 -27.73
C PHE D 71 7.46 4.24 -28.51
N GLU D 72 7.33 5.50 -28.10
CA GLU D 72 6.42 6.44 -28.78
C GLU D 72 5.07 5.88 -29.24
N HIS D 73 4.29 5.31 -28.30
CA HIS D 73 2.98 4.75 -28.65
C HIS D 73 2.07 5.93 -28.98
N PRO D 74 1.34 5.87 -30.10
CA PRO D 74 0.43 6.92 -30.55
C PRO D 74 -0.77 7.22 -29.62
N ASN D 75 -1.04 6.31 -28.68
CA ASN D 75 -2.19 6.51 -27.78
C ASN D 75 -1.86 6.88 -26.33
N VAL D 76 -0.63 7.31 -26.13
CA VAL D 76 -0.15 7.76 -24.84
C VAL D 76 0.40 9.17 -25.11
N VAL D 77 0.17 10.09 -24.20
CA VAL D 77 0.64 11.46 -24.40
C VAL D 77 2.18 11.51 -24.47
N ARG D 78 2.72 12.32 -25.37
CA ARG D 78 4.16 12.46 -25.49
C ARG D 78 4.77 13.22 -24.34
N LEU D 79 5.95 12.77 -23.88
CA LEU D 79 6.74 13.41 -22.84
C LEU D 79 7.92 14.04 -23.59
N PHE D 80 7.87 15.34 -23.87
CA PHE D 80 8.96 15.98 -24.59
C PHE D 80 10.26 16.20 -23.79
N ASP D 81 10.14 16.57 -22.52
CA ASP D 81 11.34 16.90 -21.79
C ASP D 81 11.29 16.82 -20.26
N VAL D 82 12.46 16.89 -19.64
CA VAL D 82 12.57 16.90 -18.17
C VAL D 82 13.58 17.98 -17.79
N CYS D 83 13.12 19.03 -17.11
CA CYS D 83 14.00 20.12 -16.71
C CYS D 83 14.27 20.12 -15.20
N THR D 84 15.49 20.47 -14.81
CA THR D 84 15.89 20.50 -13.40
C THR D 84 16.46 21.84 -12.94
N VAL D 85 16.02 22.30 -11.77
CA VAL D 85 16.47 23.55 -11.21
C VAL D 85 16.75 23.40 -9.73
N SER D 86 17.98 23.04 -9.39
CA SER D 86 18.37 22.86 -7.99
C SER D 86 18.52 24.20 -7.22
N ARG D 87 17.62 24.39 -6.28
CA ARG D 87 17.53 25.57 -5.40
C ARG D 87 18.68 25.60 -4.39
N THR D 88 18.56 24.76 -3.36
CA THR D 88 19.58 24.63 -2.33
C THR D 88 19.78 23.12 -2.27
N ASP D 89 20.28 22.59 -1.16
CA ASP D 89 20.41 21.14 -1.10
C ASP D 89 19.02 20.52 -0.98
N ARG D 90 18.32 20.85 0.10
CA ARG D 90 16.98 20.32 0.36
C ARG D 90 15.90 20.45 -0.73
N GLU D 91 16.10 21.29 -1.74
CA GLU D 91 15.11 21.44 -2.80
C GLU D 91 15.61 21.40 -4.23
N THR D 92 14.81 20.78 -5.09
CA THR D 92 15.10 20.72 -6.52
C THR D 92 13.77 20.86 -7.24
N LYS D 93 13.67 21.85 -8.11
CA LYS D 93 12.45 22.06 -8.88
C LYS D 93 12.49 21.19 -10.14
N LEU D 94 11.68 20.14 -10.13
CA LEU D 94 11.62 19.20 -11.22
C LEU D 94 10.44 19.55 -12.16
N THR D 95 10.71 19.59 -13.46
CA THR D 95 9.65 19.91 -14.43
C THR D 95 9.53 18.98 -15.63
N LEU D 96 8.35 18.38 -15.80
CA LEU D 96 8.10 17.50 -16.93
C LEU D 96 7.24 18.20 -17.99
N VAL D 97 7.71 18.15 -19.22
CA VAL D 97 7.06 18.76 -20.36
C VAL D 97 6.39 17.67 -21.20
N PHE D 98 5.10 17.82 -21.49
CA PHE D 98 4.35 16.83 -22.28
C PHE D 98 3.61 17.44 -23.48
N GLU D 99 3.16 16.59 -24.43
CA GLU D 99 2.38 17.16 -25.52
C GLU D 99 1.06 17.56 -24.91
N HIS D 100 0.45 18.63 -25.43
CA HIS D 100 -0.78 19.14 -24.88
C HIS D 100 -1.96 18.98 -25.85
N VAL D 101 -3.09 18.47 -25.39
CA VAL D 101 -4.27 18.33 -26.24
C VAL D 101 -5.32 19.12 -25.48
N ASP D 102 -5.77 20.25 -26.04
CA ASP D 102 -6.73 21.10 -25.33
C ASP D 102 -8.15 20.59 -25.30
N GLN D 103 -8.31 19.28 -25.25
CA GLN D 103 -9.65 18.68 -25.18
C GLN D 103 -9.57 17.28 -24.61
N ASP D 104 -10.50 16.95 -23.75
CA ASP D 104 -10.53 15.61 -23.17
C ASP D 104 -11.89 15.01 -23.52
N LEU D 105 -12.08 13.73 -23.17
CA LEU D 105 -13.31 13.01 -23.45
C LEU D 105 -14.57 13.77 -22.98
N THR D 106 -14.55 14.27 -21.75
CA THR D 106 -15.69 15.01 -21.22
C THR D 106 -16.03 16.22 -22.05
N THR D 107 -15.04 17.06 -22.37
CA THR D 107 -15.35 18.27 -23.14
C THR D 107 -15.93 17.92 -24.51
N TYR D 108 -15.55 16.76 -25.05
CA TYR D 108 -16.07 16.28 -26.33
C TYR D 108 -17.47 15.71 -26.22
N LEU D 109 -17.62 14.70 -25.38
CA LEU D 109 -18.92 14.04 -25.18
C LEU D 109 -20.03 15.01 -24.95
N ASP D 110 -19.88 15.90 -23.99
CA ASP D 110 -20.99 16.82 -23.75
C ASP D 110 -20.95 18.07 -24.65
N LYS D 111 -20.47 17.87 -25.88
CA LYS D 111 -20.37 18.93 -26.88
C LYS D 111 -20.98 18.47 -28.22
N VAL D 112 -21.03 17.15 -28.44
CA VAL D 112 -21.62 16.62 -29.66
C VAL D 112 -23.10 17.02 -29.75
N PRO D 113 -23.61 17.16 -30.98
CA PRO D 113 -25.00 17.51 -31.26
C PRO D 113 -25.91 16.45 -30.64
N GLU D 114 -27.20 16.74 -30.49
CA GLU D 114 -28.10 15.78 -29.83
C GLU D 114 -28.13 14.31 -30.22
N PRO D 115 -28.11 13.98 -31.53
CA PRO D 115 -28.16 12.54 -31.77
C PRO D 115 -27.24 11.75 -30.77
N GLY D 116 -26.00 12.23 -30.62
CA GLY D 116 -25.02 11.61 -29.72
C GLY D 116 -23.75 11.38 -30.52
N VAL D 117 -22.80 10.59 -30.00
CA VAL D 117 -21.56 10.28 -30.74
C VAL D 117 -21.81 9.18 -31.79
N PRO D 118 -21.30 9.37 -33.03
CA PRO D 118 -21.49 8.37 -34.07
C PRO D 118 -21.05 7.02 -33.52
N THR D 119 -21.83 5.97 -33.76
CA THR D 119 -21.45 4.67 -33.25
C THR D 119 -20.07 4.26 -33.75
N GLU D 120 -19.76 4.68 -34.96
CA GLU D 120 -18.48 4.31 -35.55
C GLU D 120 -17.33 5.04 -34.87
N THR D 121 -17.60 6.26 -34.42
CA THR D 121 -16.61 7.06 -33.69
C THR D 121 -16.36 6.45 -32.30
N ILE D 122 -17.44 5.96 -31.66
CA ILE D 122 -17.35 5.34 -30.34
C ILE D 122 -16.46 4.12 -30.43
N LYS D 123 -16.59 3.37 -31.52
CA LYS D 123 -15.78 2.19 -31.73
C LYS D 123 -14.33 2.59 -31.92
N ASP D 124 -14.11 3.58 -32.79
CA ASP D 124 -12.77 4.04 -33.10
C ASP D 124 -12.00 4.51 -31.88
N MET D 125 -12.65 5.35 -31.08
CA MET D 125 -12.07 5.90 -29.88
C MET D 125 -11.79 4.79 -28.89
N MET D 126 -12.79 3.95 -28.75
CA MET D 126 -12.74 2.86 -27.84
C MET D 126 -11.57 1.90 -28.17
N PHE D 127 -11.28 1.73 -29.47
CA PHE D 127 -10.23 0.82 -29.92
C PHE D 127 -8.88 1.37 -29.55
N GLN D 128 -8.72 2.66 -29.77
CA GLN D 128 -7.47 3.34 -29.46
C GLN D 128 -7.19 3.38 -27.96
N LEU D 129 -8.27 3.60 -27.20
CA LEU D 129 -8.19 3.67 -25.77
C LEU D 129 -7.59 2.36 -25.32
N LEU D 130 -8.20 1.24 -25.71
CA LEU D 130 -7.67 -0.08 -25.35
C LEU D 130 -6.27 -0.36 -25.92
N ARG D 131 -5.93 0.33 -27.00
CA ARG D 131 -4.62 0.17 -27.62
C ARG D 131 -3.55 0.68 -26.69
N GLY D 132 -3.72 1.94 -26.28
CA GLY D 132 -2.77 2.58 -25.38
C GLY D 132 -2.76 1.89 -24.03
N LEU D 133 -3.92 1.38 -23.60
CA LEU D 133 -3.99 0.72 -22.32
C LEU D 133 -3.25 -0.61 -22.38
N ASP D 134 -3.38 -1.35 -23.48
CA ASP D 134 -2.66 -2.61 -23.64
C ASP D 134 -1.14 -2.31 -23.57
N PHE D 135 -0.73 -1.24 -24.24
CA PHE D 135 0.68 -0.87 -24.22
C PHE D 135 1.17 -0.77 -22.75
N LEU D 136 0.52 0.07 -21.95
CA LEU D 136 0.94 0.23 -20.56
C LEU D 136 0.94 -1.08 -19.75
N HIS D 137 -0.10 -1.88 -19.87
CA HIS D 137 -0.15 -3.12 -19.10
C HIS D 137 1.02 -3.98 -19.50
N SER D 138 1.14 -4.30 -20.78
CA SER D 138 2.23 -5.14 -21.27
C SER D 138 3.64 -4.71 -20.77
N HIS D 139 3.79 -3.47 -20.28
CA HIS D 139 5.08 -3.06 -19.75
C HIS D 139 4.98 -2.93 -18.26
N ARG D 140 4.03 -3.69 -17.71
CA ARG D 140 3.78 -3.75 -16.28
C ARG D 140 3.39 -2.42 -15.64
N VAL D 141 2.66 -1.58 -16.36
CA VAL D 141 2.20 -0.31 -15.79
C VAL D 141 0.70 -0.30 -15.65
N VAL D 142 0.23 0.03 -14.45
CA VAL D 142 -1.21 0.14 -14.19
C VAL D 142 -1.50 1.62 -14.01
N HIS D 143 -2.55 2.09 -14.65
CA HIS D 143 -2.92 3.49 -14.58
C HIS D 143 -3.56 3.82 -13.23
N ARG D 144 -4.57 3.05 -12.86
CA ARG D 144 -5.26 3.20 -11.57
C ARG D 144 -6.17 4.43 -11.45
N ASP D 145 -6.16 5.32 -12.44
CA ASP D 145 -7.00 6.51 -12.36
C ASP D 145 -7.53 6.92 -13.73
N LEU D 146 -8.09 5.93 -14.42
CA LEU D 146 -8.66 6.13 -15.74
C LEU D 146 -10.05 6.81 -15.62
N LYS D 147 -10.11 8.12 -15.85
CA LYS D 147 -11.33 8.93 -15.77
C LYS D 147 -11.36 9.63 -17.12
N PRO D 148 -12.54 10.01 -17.66
CA PRO D 148 -12.59 10.69 -18.95
C PRO D 148 -11.74 11.97 -19.07
N GLN D 149 -11.51 12.64 -17.95
CA GLN D 149 -10.72 13.86 -18.04
C GLN D 149 -9.23 13.49 -18.22
N ASN D 150 -8.91 12.19 -18.13
CA ASN D 150 -7.53 11.72 -18.31
C ASN D 150 -7.42 11.09 -19.71
N ILE D 151 -8.47 11.27 -20.49
CA ILE D 151 -8.51 10.76 -21.86
C ILE D 151 -8.57 11.93 -22.84
N LEU D 152 -7.44 12.19 -23.46
CA LEU D 152 -7.37 13.32 -24.37
C LEU D 152 -7.88 12.93 -25.75
N VAL D 153 -8.52 13.91 -26.39
CA VAL D 153 -9.06 13.72 -27.73
C VAL D 153 -8.65 14.87 -28.64
N THR D 154 -7.79 14.57 -29.61
CA THR D 154 -7.34 15.60 -30.55
C THR D 154 -8.50 15.94 -31.45
N SER D 155 -8.38 17.04 -32.19
CA SER D 155 -9.42 17.50 -33.13
C SER D 155 -9.55 16.50 -34.29
N SER D 156 -8.49 15.77 -34.51
CA SER D 156 -8.44 14.76 -35.52
C SER D 156 -9.32 13.57 -35.07
N GLY D 157 -9.56 13.42 -33.77
CA GLY D 157 -10.35 12.31 -33.28
C GLY D 157 -9.48 11.22 -32.68
N GLN D 158 -8.22 11.55 -32.37
CA GLN D 158 -7.28 10.60 -31.77
C GLN D 158 -7.23 10.61 -30.23
N ILE D 159 -7.13 9.41 -29.67
CA ILE D 159 -7.10 9.20 -28.24
C ILE D 159 -5.71 9.11 -27.70
N LYS D 160 -5.44 9.91 -26.67
CA LYS D 160 -4.15 9.91 -25.98
C LYS D 160 -4.37 9.89 -24.45
N LEU D 161 -3.97 8.79 -23.81
CA LEU D 161 -4.11 8.60 -22.36
C LEU D 161 -3.17 9.50 -21.56
N ALA D 162 -3.70 10.22 -20.57
CA ALA D 162 -2.92 11.12 -19.72
C ALA D 162 -3.04 10.70 -18.27
N ASP D 163 -2.54 11.54 -17.37
CA ASP D 163 -2.56 11.25 -15.93
C ASP D 163 -2.10 12.46 -15.13
N PHE D 164 -2.92 13.49 -15.15
CA PHE D 164 -2.59 14.75 -14.47
C PHE D 164 -2.56 14.75 -12.94
N GLY D 165 -3.25 13.78 -12.33
CA GLY D 165 -3.29 13.70 -10.89
C GLY D 165 -4.24 14.74 -10.33
N LEU D 166 -5.12 15.26 -11.18
CA LEU D 166 -6.04 16.29 -10.73
C LEU D 166 -7.43 15.78 -10.45
N ALA D 167 -7.89 16.01 -9.22
CA ALA D 167 -9.20 15.56 -8.79
C ALA D 167 -10.26 16.60 -9.09
N ARG D 168 -11.47 16.18 -9.44
CA ARG D 168 -12.55 17.12 -9.68
C ARG D 168 -13.65 16.77 -8.68
N ILE D 169 -14.22 17.78 -8.02
CA ILE D 169 -15.28 17.50 -7.05
C ILE D 169 -16.65 17.73 -7.68
N TYR D 170 -17.60 16.85 -7.40
CA TYR D 170 -18.95 16.97 -7.90
C TYR D 170 -19.84 17.07 -6.68
N SER D 171 -20.80 17.99 -6.72
CA SER D 171 -21.71 18.18 -5.59
C SER D 171 -23.14 17.75 -5.86
N PHE D 172 -23.62 16.78 -5.08
CA PHE D 172 -24.98 16.30 -5.23
C PHE D 172 -26.02 17.32 -4.77
N GLN D 173 -26.93 17.62 -5.69
CA GLN D 173 -28.03 18.57 -5.50
C GLN D 173 -28.77 18.43 -4.15
N MET D 174 -29.72 17.50 -4.12
CA MET D 174 -30.56 17.22 -2.94
C MET D 174 -29.79 16.75 -1.71
N ALA D 175 -28.86 15.81 -1.92
CA ALA D 175 -28.08 15.24 -0.85
C ALA D 175 -27.16 16.20 -0.07
N LEU D 176 -26.69 17.26 -0.72
CA LEU D 176 -25.78 18.20 -0.05
C LEU D 176 -24.54 17.41 0.43
N THR D 177 -24.01 16.57 -0.47
CA THR D 177 -22.81 15.76 -0.21
C THR D 177 -22.01 15.94 -1.48
N SER D 178 -20.77 15.48 -1.48
CA SER D 178 -19.97 15.64 -2.68
C SER D 178 -18.96 14.52 -2.77
N VAL D 179 -18.42 14.29 -3.96
CA VAL D 179 -17.48 13.21 -4.18
C VAL D 179 -16.44 13.63 -5.16
N VAL D 180 -15.39 12.83 -5.25
CA VAL D 180 -14.33 13.07 -6.21
C VAL D 180 -14.72 12.13 -7.37
N VAL D 181 -15.00 12.71 -8.51
CA VAL D 181 -15.46 11.98 -9.69
C VAL D 181 -14.77 10.63 -10.02
N THR D 182 -13.49 10.52 -9.70
CA THR D 182 -12.78 9.29 -10.01
C THR D 182 -13.46 8.08 -9.34
N LEU D 183 -14.12 8.32 -8.20
CA LEU D 183 -14.83 7.27 -7.48
C LEU D 183 -15.77 6.52 -8.45
N TRP D 184 -16.43 7.26 -9.33
CA TRP D 184 -17.33 6.71 -10.32
C TRP D 184 -16.71 5.75 -11.38
N TYR D 185 -15.39 5.56 -11.34
CA TYR D 185 -14.71 4.69 -12.29
C TYR D 185 -13.86 3.67 -11.55
N ARG D 186 -13.83 3.78 -10.23
CA ARG D 186 -13.07 2.86 -9.41
C ARG D 186 -13.70 1.45 -9.41
N ALA D 187 -12.86 0.44 -9.65
CA ALA D 187 -13.28 -0.96 -9.67
C ALA D 187 -13.67 -1.44 -8.28
N PRO D 188 -14.49 -2.51 -8.21
CA PRO D 188 -14.93 -3.06 -6.93
C PRO D 188 -13.79 -3.55 -6.04
N GLU D 189 -12.79 -4.22 -6.61
CA GLU D 189 -11.69 -4.73 -5.79
C GLU D 189 -11.13 -3.58 -5.00
N VAL D 190 -11.03 -2.45 -5.70
CA VAL D 190 -10.48 -1.25 -5.09
C VAL D 190 -11.46 -0.76 -4.00
N LEU D 191 -12.72 -0.56 -4.36
CA LEU D 191 -13.69 -0.09 -3.39
C LEU D 191 -13.78 -0.97 -2.17
N LEU D 192 -13.57 -2.28 -2.37
CA LEU D 192 -13.64 -3.26 -1.29
C LEU D 192 -12.28 -3.40 -0.65
N GLN D 193 -11.38 -2.50 -1.03
CA GLN D 193 -10.03 -2.53 -0.49
C GLN D 193 -9.60 -3.97 -0.48
N SER D 194 -9.64 -4.59 -1.66
CA SER D 194 -9.24 -5.98 -1.81
C SER D 194 -8.01 -5.89 -2.72
N SER D 195 -8.03 -6.55 -3.87
CA SER D 195 -6.87 -6.47 -4.78
C SER D 195 -6.78 -5.12 -5.58
N TYR D 196 -5.58 -4.76 -6.05
CA TYR D 196 -5.42 -3.51 -6.80
C TYR D 196 -4.64 -3.72 -8.09
N ALA D 197 -4.75 -4.94 -8.63
CA ALA D 197 -4.07 -5.34 -9.87
C ALA D 197 -4.62 -4.77 -11.14
N THR D 198 -3.86 -5.02 -12.21
CA THR D 198 -4.15 -4.56 -13.56
C THR D 198 -5.59 -4.63 -14.14
N PRO D 199 -6.39 -5.62 -13.79
CA PRO D 199 -7.76 -5.64 -14.33
C PRO D 199 -8.55 -4.37 -13.92
N VAL D 200 -8.16 -3.81 -12.78
CA VAL D 200 -8.70 -2.58 -12.22
C VAL D 200 -9.05 -1.53 -13.34
N ASP D 201 -8.11 -1.35 -14.28
CA ASP D 201 -8.27 -0.41 -15.38
C ASP D 201 -9.35 -0.78 -16.38
N LEU D 202 -9.49 -2.07 -16.64
CA LEU D 202 -10.53 -2.55 -17.54
C LEU D 202 -11.92 -2.20 -17.03
N TRP D 203 -12.10 -2.28 -15.71
CA TRP D 203 -13.39 -1.91 -15.15
C TRP D 203 -13.70 -0.46 -15.52
N SER D 204 -12.67 0.37 -15.50
CA SER D 204 -12.89 1.75 -15.80
C SER D 204 -13.18 1.95 -17.27
N VAL D 205 -12.47 1.20 -18.11
CA VAL D 205 -12.65 1.27 -19.56
C VAL D 205 -14.13 1.02 -19.79
N GLY D 206 -14.62 -0.03 -19.13
CA GLY D 206 -16.02 -0.38 -19.22
C GLY D 206 -16.95 0.77 -18.85
N CYS D 207 -16.63 1.50 -17.78
CA CYS D 207 -17.46 2.63 -17.37
C CYS D 207 -17.42 3.75 -18.39
N ILE D 208 -16.22 4.00 -18.91
CA ILE D 208 -15.98 5.03 -19.94
C ILE D 208 -16.66 4.63 -21.23
N PHE D 209 -16.56 3.35 -21.57
CA PHE D 209 -17.22 2.81 -22.77
C PHE D 209 -18.74 3.13 -22.72
N ALA D 210 -19.37 2.78 -21.60
CA ALA D 210 -20.80 3.02 -21.40
C ALA D 210 -21.11 4.50 -21.48
N GLU D 211 -20.18 5.32 -20.99
CA GLU D 211 -20.40 6.75 -20.96
C GLU D 211 -20.43 7.42 -22.34
N MET D 212 -19.72 6.82 -23.31
CA MET D 212 -19.72 7.39 -24.65
C MET D 212 -21.15 7.37 -25.22
N PHE D 213 -21.88 6.29 -24.94
CA PHE D 213 -23.26 6.16 -25.40
C PHE D 213 -24.17 7.13 -24.64
N ARG D 214 -24.13 7.02 -23.31
CA ARG D 214 -24.96 7.84 -22.43
C ARG D 214 -24.62 9.34 -22.39
N ARG D 215 -23.35 9.69 -22.58
CA ARG D 215 -22.95 11.11 -22.49
C ARG D 215 -23.30 11.66 -21.07
N LYS D 216 -23.42 10.72 -20.13
CA LYS D 216 -23.72 10.93 -18.73
C LYS D 216 -23.07 9.70 -18.09
N PRO D 217 -22.46 9.83 -16.90
CA PRO D 217 -21.79 8.70 -16.21
C PRO D 217 -22.72 7.58 -15.71
N LEU D 218 -22.22 6.35 -15.75
CA LEU D 218 -23.08 5.21 -15.38
C LEU D 218 -23.35 5.03 -13.89
N PHE D 219 -22.31 4.93 -13.10
CA PHE D 219 -22.50 4.72 -11.67
C PHE D 219 -22.05 5.92 -10.82
N ARG D 220 -22.99 6.83 -10.56
CA ARG D 220 -22.71 8.04 -9.78
C ARG D 220 -22.88 7.86 -8.24
N GLY D 221 -22.00 7.07 -7.64
CA GLY D 221 -22.05 6.87 -6.20
C GLY D 221 -21.66 8.10 -5.36
N SER D 222 -22.13 8.10 -4.11
CA SER D 222 -21.89 9.20 -3.15
C SER D 222 -20.86 8.84 -2.07
N SER D 223 -20.46 7.58 -2.06
CA SER D 223 -19.50 7.07 -1.11
C SER D 223 -19.05 5.77 -1.73
N ASP D 224 -18.16 5.05 -1.05
CA ASP D 224 -17.71 3.81 -1.66
C ASP D 224 -18.65 2.63 -1.43
N VAL D 225 -19.48 2.71 -0.40
CA VAL D 225 -20.43 1.64 -0.11
C VAL D 225 -21.63 1.98 -0.98
N ASP D 226 -21.83 3.26 -1.27
CA ASP D 226 -22.96 3.68 -2.09
C ASP D 226 -22.61 3.28 -3.52
N GLN D 227 -21.36 3.52 -3.92
CA GLN D 227 -20.91 3.20 -5.28
C GLN D 227 -21.13 1.72 -5.54
N LEU D 228 -20.63 0.89 -4.65
CA LEU D 228 -20.78 -0.57 -4.74
C LEU D 228 -22.24 -0.99 -5.03
N GLY D 229 -23.17 -0.47 -4.21
CA GLY D 229 -24.58 -0.76 -4.39
C GLY D 229 -25.05 -0.36 -5.77
N LYS D 230 -24.72 0.87 -6.20
CA LYS D 230 -25.10 1.37 -7.52
C LYS D 230 -24.71 0.39 -8.60
N ILE D 231 -23.58 -0.26 -8.39
CA ILE D 231 -23.06 -1.22 -9.36
C ILE D 231 -23.82 -2.53 -9.30
N LEU D 232 -24.08 -2.98 -8.08
CA LEU D 232 -24.77 -4.25 -7.91
C LEU D 232 -26.21 -4.13 -8.36
N ASP D 233 -26.73 -2.91 -8.39
CA ASP D 233 -28.11 -2.70 -8.81
C ASP D 233 -28.22 -3.01 -10.27
N VAL D 234 -27.16 -2.71 -11.00
CA VAL D 234 -27.20 -2.95 -12.42
C VAL D 234 -26.71 -4.35 -12.74
N ILE D 235 -25.44 -4.63 -12.44
CA ILE D 235 -24.88 -5.93 -12.78
C ILE D 235 -25.41 -7.11 -11.97
N GLY D 236 -26.03 -6.82 -10.83
CA GLY D 236 -26.57 -7.90 -9.99
C GLY D 236 -25.61 -8.44 -8.95
N LEU D 237 -26.14 -8.94 -7.83
CA LEU D 237 -25.28 -9.47 -6.77
C LEU D 237 -24.41 -10.63 -7.23
N PRO D 238 -23.09 -10.54 -7.08
CA PRO D 238 -22.24 -11.65 -7.51
C PRO D 238 -22.54 -12.88 -6.68
N GLY D 239 -22.06 -14.02 -7.14
CA GLY D 239 -22.24 -15.26 -6.41
C GLY D 239 -21.13 -15.50 -5.40
N GLU D 240 -21.45 -16.26 -4.37
CA GLU D 240 -20.51 -16.60 -3.30
C GLU D 240 -19.10 -16.86 -3.85
N GLU D 241 -19.06 -17.49 -5.01
CA GLU D 241 -17.81 -17.82 -5.67
C GLU D 241 -17.06 -16.60 -6.21
N ASP D 242 -17.79 -15.56 -6.57
CA ASP D 242 -17.18 -14.35 -7.12
C ASP D 242 -16.84 -13.18 -6.19
N TRP D 243 -17.29 -13.24 -4.93
CA TRP D 243 -17.03 -12.17 -3.96
C TRP D 243 -15.69 -12.46 -3.33
N PRO D 244 -14.87 -11.41 -3.08
CA PRO D 244 -13.54 -11.52 -2.47
C PRO D 244 -13.55 -12.10 -1.04
N ARG D 245 -12.61 -12.99 -0.78
CA ARG D 245 -12.53 -13.57 0.56
C ARG D 245 -11.86 -12.59 1.52
N ASP D 246 -12.22 -12.73 2.78
CA ASP D 246 -11.66 -11.92 3.87
C ASP D 246 -11.63 -10.42 3.62
N VAL D 247 -12.82 -9.83 3.45
CA VAL D 247 -12.95 -8.41 3.16
C VAL D 247 -13.98 -7.78 4.14
N ALA D 248 -13.73 -6.54 4.57
CA ALA D 248 -14.64 -5.86 5.53
C ALA D 248 -16.11 -5.85 5.17
N LEU D 249 -16.47 -5.75 3.89
CA LEU D 249 -17.87 -5.77 3.47
C LEU D 249 -18.19 -7.06 2.72
N PRO D 250 -18.82 -8.02 3.42
CA PRO D 250 -19.23 -9.32 2.88
C PRO D 250 -20.43 -9.28 1.91
N ARG D 251 -20.51 -10.29 1.04
CA ARG D 251 -21.57 -10.42 0.04
C ARG D 251 -22.94 -10.24 0.68
N GLN D 252 -23.04 -10.71 1.91
CA GLN D 252 -24.27 -10.61 2.70
C GLN D 252 -24.60 -9.16 3.02
N ALA D 253 -23.61 -8.28 3.00
CA ALA D 253 -23.85 -6.87 3.30
C ALA D 253 -24.82 -6.19 2.33
N PHE D 254 -25.04 -6.77 1.15
CA PHE D 254 -25.92 -6.18 0.17
C PHE D 254 -27.07 -7.12 -0.13
N HIS D 255 -28.28 -6.66 0.13
CA HIS D 255 -29.46 -7.50 -0.11
C HIS D 255 -29.61 -7.90 -1.58
N SER D 256 -30.52 -8.83 -1.82
CA SER D 256 -30.82 -9.36 -3.15
C SER D 256 -30.85 -8.31 -4.24
N LYS D 257 -30.08 -8.57 -5.29
CA LYS D 257 -30.00 -7.66 -6.44
C LYS D 257 -30.21 -8.56 -7.65
N SER D 258 -31.17 -8.18 -8.49
CA SER D 258 -31.48 -8.96 -9.69
C SER D 258 -30.30 -8.91 -10.67
N ALA D 259 -30.42 -8.06 -11.67
CA ALA D 259 -29.41 -7.88 -12.71
C ALA D 259 -30.15 -7.32 -13.92
N GLN D 260 -30.43 -6.01 -13.89
CA GLN D 260 -31.13 -5.36 -14.97
C GLN D 260 -30.35 -5.46 -16.28
N PRO D 261 -31.04 -5.50 -17.44
CA PRO D 261 -30.38 -5.59 -18.75
C PRO D 261 -29.59 -4.30 -19.02
N ILE D 262 -28.27 -4.44 -19.09
CA ILE D 262 -27.40 -3.29 -19.27
C ILE D 262 -27.92 -2.23 -20.24
N GLU D 263 -28.45 -2.67 -21.38
CA GLU D 263 -28.97 -1.73 -22.38
C GLU D 263 -30.04 -0.81 -21.83
N LYS D 264 -30.59 -1.16 -20.67
CA LYS D 264 -31.62 -0.30 -20.09
C LYS D 264 -30.97 1.03 -19.76
N PHE D 265 -29.65 1.03 -19.63
CA PHE D 265 -28.94 2.25 -19.29
C PHE D 265 -27.98 2.71 -20.37
N VAL D 266 -27.28 1.77 -20.97
CA VAL D 266 -26.36 2.12 -22.04
C VAL D 266 -27.26 2.05 -23.24
N THR D 267 -28.20 2.98 -23.27
CA THR D 267 -29.18 3.07 -24.33
C THR D 267 -28.57 3.11 -25.72
N ASP D 268 -29.16 2.34 -26.61
CA ASP D 268 -28.74 2.33 -27.99
C ASP D 268 -27.44 1.57 -28.30
N ILE D 269 -26.89 0.87 -27.31
CA ILE D 269 -25.66 0.10 -27.56
C ILE D 269 -26.07 -1.06 -28.44
N ASP D 270 -25.12 -1.79 -28.99
CA ASP D 270 -25.47 -2.90 -29.85
C ASP D 270 -25.14 -4.23 -29.18
N GLU D 271 -25.49 -5.31 -29.88
CA GLU D 271 -25.27 -6.66 -29.40
C GLU D 271 -23.81 -7.03 -29.05
N LEU D 272 -22.85 -6.77 -29.94
CA LEU D 272 -21.48 -7.11 -29.59
C LEU D 272 -20.88 -6.10 -28.63
N GLY D 273 -21.41 -4.86 -28.69
CA GLY D 273 -20.95 -3.79 -27.82
C GLY D 273 -21.32 -4.19 -26.41
N LYS D 274 -22.57 -4.63 -26.27
CA LYS D 274 -23.07 -5.05 -25.00
C LYS D 274 -22.22 -6.17 -24.47
N ASP D 275 -21.82 -7.06 -25.35
CA ASP D 275 -21.01 -8.19 -24.90
C ASP D 275 -19.69 -7.71 -24.27
N LEU D 276 -18.96 -6.91 -25.03
CA LEU D 276 -17.68 -6.38 -24.58
C LEU D 276 -17.89 -5.60 -23.28
N LEU D 277 -18.81 -4.64 -23.31
CA LEU D 277 -19.12 -3.82 -22.15
C LEU D 277 -19.28 -4.65 -20.87
N LEU D 278 -20.02 -5.75 -20.93
CA LEU D 278 -20.19 -6.58 -19.72
C LEU D 278 -18.94 -7.39 -19.39
N LYS D 279 -18.07 -7.64 -20.36
CA LYS D 279 -16.84 -8.39 -20.05
C LYS D 279 -15.83 -7.48 -19.31
N CYS D 280 -16.02 -6.17 -19.48
CA CYS D 280 -15.22 -5.15 -18.84
C CYS D 280 -15.86 -4.97 -17.47
N LEU D 281 -17.17 -4.77 -17.48
CA LEU D 281 -17.93 -4.58 -16.25
C LEU D 281 -18.26 -5.90 -15.56
N THR D 282 -17.23 -6.71 -15.37
CA THR D 282 -17.30 -8.00 -14.68
C THR D 282 -16.73 -7.89 -13.23
N PHE D 283 -17.56 -8.20 -12.23
CA PHE D 283 -17.17 -8.10 -10.83
C PHE D 283 -15.90 -8.84 -10.46
N ASN D 284 -15.87 -10.14 -10.68
CA ASN D 284 -14.66 -10.91 -10.36
C ASN D 284 -13.48 -10.46 -11.25
N PRO D 285 -12.50 -9.75 -10.68
CA PRO D 285 -11.35 -9.28 -11.47
C PRO D 285 -10.59 -10.34 -12.28
N ALA D 286 -10.66 -11.60 -11.84
CA ALA D 286 -9.94 -12.69 -12.51
C ALA D 286 -10.68 -13.23 -13.74
N LYS D 287 -11.95 -12.87 -13.85
CA LYS D 287 -12.79 -13.27 -14.97
C LYS D 287 -13.11 -12.04 -15.85
N ARG D 288 -12.45 -10.92 -15.54
CA ARG D 288 -12.70 -9.72 -16.32
C ARG D 288 -11.76 -9.81 -17.51
N ILE D 289 -12.26 -9.32 -18.64
CA ILE D 289 -11.49 -9.38 -19.86
C ILE D 289 -10.19 -8.59 -19.73
N SER D 290 -9.27 -8.78 -20.67
CA SER D 290 -7.99 -8.08 -20.65
C SER D 290 -8.01 -7.02 -21.74
N ALA D 291 -7.07 -6.09 -21.70
CA ALA D 291 -7.01 -5.05 -22.72
C ALA D 291 -6.80 -5.75 -24.03
N TYR D 292 -5.81 -6.63 -24.06
CA TYR D 292 -5.49 -7.42 -25.26
C TYR D 292 -6.66 -8.28 -25.75
N SER D 293 -7.36 -8.95 -24.86
CA SER D 293 -8.49 -9.74 -25.32
C SER D 293 -9.51 -8.79 -25.95
N ALA D 294 -9.98 -7.81 -25.16
CA ALA D 294 -10.99 -6.85 -25.58
C ALA D 294 -10.68 -6.30 -26.97
N LEU D 295 -9.39 -6.09 -27.20
CA LEU D 295 -8.89 -5.55 -28.45
C LEU D 295 -9.23 -6.45 -29.63
N SER D 296 -9.18 -7.75 -29.41
CA SER D 296 -9.47 -8.76 -30.44
C SER D 296 -10.97 -9.13 -30.49
N HIS D 297 -11.80 -8.40 -29.78
CA HIS D 297 -13.22 -8.71 -29.71
C HIS D 297 -13.93 -8.44 -31.02
N PRO D 298 -14.87 -9.30 -31.42
CA PRO D 298 -15.62 -9.12 -32.65
C PRO D 298 -16.38 -7.79 -32.76
N TYR D 299 -16.31 -6.93 -31.75
CA TYR D 299 -16.97 -5.63 -31.81
C TYR D 299 -16.17 -4.73 -32.78
N PHE D 300 -14.86 -4.86 -32.73
CA PHE D 300 -13.96 -4.08 -33.60
C PHE D 300 -13.83 -4.82 -34.92
N GLN D 301 -14.68 -5.84 -35.07
CA GLN D 301 -14.76 -6.72 -36.25
C GLN D 301 -13.70 -7.87 -36.16
N GLY E 6 -9.29 39.08 -14.78
CA GLY E 6 -8.22 38.74 -13.78
C GLY E 6 -7.66 37.33 -13.94
N ASN E 7 -7.11 36.79 -12.84
CA ASN E 7 -6.50 35.44 -12.81
C ASN E 7 -7.49 34.25 -12.71
N GLU E 8 -8.54 34.36 -11.91
CA GLU E 8 -9.46 33.23 -11.80
C GLU E 8 -10.25 33.06 -13.09
N LEU E 9 -10.55 34.15 -13.80
CA LEU E 9 -11.28 34.02 -15.06
C LEU E 9 -10.44 33.25 -16.08
N ALA E 10 -9.17 33.61 -16.16
CA ALA E 10 -8.23 32.99 -17.07
C ALA E 10 -8.05 31.52 -16.75
N SER E 11 -8.00 31.21 -15.47
CA SER E 11 -7.77 29.83 -15.04
C SER E 11 -9.00 28.98 -15.30
N ALA E 12 -10.15 29.60 -15.18
CA ALA E 12 -11.37 28.87 -15.41
C ALA E 12 -11.41 28.58 -16.90
N ALA E 13 -11.04 29.58 -17.71
CA ALA E 13 -11.03 29.39 -19.17
C ALA E 13 -9.96 28.31 -19.52
N ALA E 14 -8.78 28.40 -18.92
CA ALA E 14 -7.76 27.40 -19.16
C ALA E 14 -8.22 25.95 -18.82
N ARG E 15 -8.81 25.74 -17.65
CA ARG E 15 -9.22 24.39 -17.34
C ARG E 15 -10.57 24.05 -17.96
N GLY E 16 -11.14 25.04 -18.65
CA GLY E 16 -12.41 24.86 -19.33
C GLY E 16 -13.60 24.63 -18.42
N ASP E 17 -13.60 25.33 -17.29
CA ASP E 17 -14.66 25.23 -16.29
C ASP E 17 -15.77 26.24 -16.70
N LEU E 18 -16.65 25.82 -17.62
CA LEU E 18 -17.70 26.71 -18.10
C LEU E 18 -18.48 27.33 -16.96
N GLU E 19 -18.93 26.47 -16.06
CA GLU E 19 -19.70 26.81 -14.86
C GLU E 19 -19.06 28.01 -14.11
N GLN E 20 -17.90 27.74 -13.55
CA GLN E 20 -17.08 28.69 -12.81
C GLN E 20 -16.79 29.99 -13.64
N LEU E 21 -16.44 29.78 -14.91
CA LEU E 21 -16.14 30.91 -15.81
C LEU E 21 -17.35 31.80 -15.89
N THR E 22 -18.53 31.17 -15.98
CA THR E 22 -19.77 31.91 -16.13
C THR E 22 -20.13 32.72 -14.90
N SER E 23 -19.79 32.22 -13.70
CA SER E 23 -20.05 32.99 -12.48
C SER E 23 -19.26 34.29 -12.67
N LEU E 24 -17.94 34.14 -12.67
CA LEU E 24 -17.02 35.26 -12.81
C LEU E 24 -17.47 36.31 -13.85
N LEU E 25 -18.01 35.85 -14.97
CA LEU E 25 -18.46 36.80 -15.99
C LEU E 25 -19.79 37.45 -15.65
N GLN E 26 -20.26 37.25 -14.43
CA GLN E 26 -21.54 37.84 -14.03
C GLN E 26 -21.25 38.97 -13.06
N ASN E 27 -20.01 39.06 -12.62
CA ASN E 27 -19.61 40.09 -11.67
C ASN E 27 -19.05 41.34 -12.34
N ASN E 28 -19.45 41.60 -13.59
CA ASN E 28 -18.95 42.78 -14.30
C ASN E 28 -17.45 42.97 -14.07
N VAL E 29 -16.65 41.99 -14.45
CA VAL E 29 -15.21 42.03 -14.30
C VAL E 29 -14.66 42.45 -15.67
N ASN E 30 -13.34 42.55 -15.81
CA ASN E 30 -12.77 42.91 -17.10
C ASN E 30 -12.29 41.69 -17.88
N VAL E 31 -13.04 41.29 -18.89
CA VAL E 31 -12.69 40.12 -19.69
C VAL E 31 -11.28 40.15 -20.33
N ASN E 32 -10.80 41.35 -20.67
CA ASN E 32 -9.49 41.53 -21.31
C ASN E 32 -8.27 41.70 -20.41
N ALA E 33 -8.46 41.51 -19.10
CA ALA E 33 -7.39 41.66 -18.11
C ALA E 33 -6.40 40.53 -18.22
N GLN E 34 -5.11 40.84 -18.10
CA GLN E 34 -4.09 39.82 -18.18
C GLN E 34 -3.74 39.17 -16.84
N ASN E 35 -3.52 37.86 -16.84
CA ASN E 35 -3.16 37.18 -15.62
C ASN E 35 -1.70 37.43 -15.24
N GLY E 36 -1.20 36.69 -14.26
CA GLY E 36 0.17 36.88 -13.85
C GLY E 36 1.21 36.40 -14.86
N PHE E 37 0.76 35.99 -16.04
CA PHE E 37 1.67 35.50 -17.07
C PHE E 37 1.53 36.39 -18.28
N GLY E 38 0.79 37.51 -18.11
CA GLY E 38 0.55 38.46 -19.18
C GLY E 38 -0.40 37.99 -20.26
N ARG E 39 -1.26 37.04 -19.93
CA ARG E 39 -2.22 36.50 -20.88
C ARG E 39 -3.67 36.69 -20.41
N THR E 40 -4.58 36.79 -21.36
CA THR E 40 -6.00 36.98 -21.10
C THR E 40 -6.74 35.65 -21.18
N ALA E 41 -7.91 35.59 -20.53
CA ALA E 41 -8.71 34.36 -20.53
C ALA E 41 -9.01 33.84 -21.96
N LEU E 42 -9.43 34.70 -22.87
CA LEU E 42 -9.71 34.20 -24.19
C LEU E 42 -8.45 33.55 -24.80
N GLN E 43 -7.27 34.13 -24.55
CA GLN E 43 -6.06 33.57 -25.12
C GLN E 43 -5.69 32.21 -24.55
N VAL E 44 -5.75 32.05 -23.23
CA VAL E 44 -5.35 30.78 -22.64
C VAL E 44 -6.45 29.75 -22.56
N MET E 45 -7.61 30.07 -23.15
CA MET E 45 -8.75 29.16 -23.10
C MET E 45 -8.55 27.74 -23.66
N LYS E 46 -9.39 26.84 -23.15
CA LYS E 46 -9.46 25.42 -23.52
C LYS E 46 -10.03 25.36 -24.94
N LEU E 47 -9.15 25.35 -25.92
CA LEU E 47 -9.56 25.37 -27.31
C LEU E 47 -10.61 24.40 -27.80
N GLY E 48 -10.74 23.25 -27.16
CA GLY E 48 -11.75 22.28 -27.60
C GLY E 48 -13.17 22.67 -27.25
N ASN E 49 -13.32 23.71 -26.43
CA ASN E 49 -14.64 24.14 -25.99
C ASN E 49 -15.12 25.44 -26.63
N PRO E 50 -15.73 25.34 -27.80
CA PRO E 50 -16.21 26.55 -28.45
C PRO E 50 -17.11 27.43 -27.58
N GLU E 51 -17.81 26.83 -26.61
CA GLU E 51 -18.70 27.61 -25.74
C GLU E 51 -17.97 28.58 -24.81
N ILE E 52 -16.77 28.19 -24.36
CA ILE E 52 -15.98 29.06 -23.49
C ILE E 52 -15.66 30.34 -24.23
N ALA E 53 -15.27 30.18 -25.49
CA ALA E 53 -14.94 31.31 -26.35
C ALA E 53 -16.20 32.15 -26.63
N ARG E 54 -17.29 31.50 -26.98
CA ARG E 54 -18.50 32.23 -27.28
C ARG E 54 -18.94 33.14 -26.13
N ARG E 55 -18.89 32.65 -24.91
CA ARG E 55 -19.28 33.49 -23.78
C ARG E 55 -18.31 34.64 -23.54
N LEU E 56 -17.00 34.39 -23.57
CA LEU E 56 -16.07 35.49 -23.37
C LEU E 56 -16.22 36.60 -24.44
N LEU E 57 -16.39 36.19 -25.70
CA LEU E 57 -16.55 37.15 -26.80
C LEU E 57 -17.80 37.95 -26.54
N LEU E 58 -18.85 37.23 -26.17
CA LEU E 58 -20.17 37.77 -25.87
C LEU E 58 -20.12 38.82 -24.76
N ARG E 59 -19.05 38.79 -23.98
CA ARG E 59 -18.88 39.74 -22.91
C ARG E 59 -17.74 40.76 -23.19
N GLY E 60 -17.40 40.94 -24.46
CA GLY E 60 -16.39 41.93 -24.78
C GLY E 60 -14.96 41.45 -25.01
N ALA E 61 -14.72 40.15 -24.85
CA ALA E 61 -13.37 39.68 -25.08
C ALA E 61 -12.95 40.13 -26.49
N ASN E 62 -11.77 40.76 -26.60
CA ASN E 62 -11.23 41.21 -27.88
C ASN E 62 -10.40 40.07 -28.45
N PRO E 63 -10.85 39.48 -29.57
CA PRO E 63 -10.17 38.37 -30.24
C PRO E 63 -8.79 38.64 -30.84
N ASP E 64 -8.55 39.86 -31.30
CA ASP E 64 -7.29 40.19 -31.92
C ASP E 64 -6.10 40.58 -31.04
N LEU E 65 -6.19 40.41 -29.72
CA LEU E 65 -5.06 40.75 -28.85
C LEU E 65 -4.01 39.64 -28.90
N LYS E 66 -2.75 40.00 -29.12
CA LYS E 66 -1.61 39.07 -29.23
C LYS E 66 -0.75 39.16 -27.99
N ASP E 67 -0.22 38.03 -27.53
CA ASP E 67 0.59 38.04 -26.30
C ASP E 67 2.10 38.37 -26.48
N ARG E 68 2.86 38.40 -25.38
CA ARG E 68 4.31 38.70 -25.42
C ARG E 68 4.95 37.93 -26.57
N THR E 69 4.52 36.69 -26.77
CA THR E 69 5.08 35.84 -27.85
C THR E 69 4.51 36.07 -29.27
N GLY E 70 3.59 37.04 -29.42
CA GLY E 70 3.01 37.40 -30.72
C GLY E 70 1.87 36.61 -31.32
N PHE E 71 1.06 35.96 -30.48
CA PHE E 71 -0.09 35.15 -30.95
C PHE E 71 -1.48 35.59 -30.48
N ALA E 72 -2.48 35.28 -31.30
CA ALA E 72 -3.88 35.59 -30.99
C ALA E 72 -4.56 34.22 -30.88
N VAL E 73 -5.77 34.14 -30.32
CA VAL E 73 -6.38 32.83 -30.15
C VAL E 73 -6.60 32.12 -31.46
N ILE E 74 -7.09 32.85 -32.45
CA ILE E 74 -7.35 32.22 -33.71
C ILE E 74 -6.10 31.53 -34.25
N HIS E 75 -4.92 32.05 -33.93
CA HIS E 75 -3.68 31.36 -34.35
C HIS E 75 -3.60 29.97 -33.67
N ASP E 76 -3.66 29.93 -32.35
CA ASP E 76 -3.59 28.66 -31.65
C ASP E 76 -4.72 27.70 -31.98
N ALA E 77 -5.92 28.22 -32.22
CA ALA E 77 -7.07 27.35 -32.57
C ALA E 77 -6.79 26.73 -33.93
N ALA E 78 -6.42 27.59 -34.88
CA ALA E 78 -6.08 27.16 -36.24
C ALA E 78 -4.98 26.12 -36.16
N ARG E 79 -4.00 26.35 -35.28
CA ARG E 79 -2.88 25.42 -35.13
C ARG E 79 -3.26 24.07 -34.49
N ALA E 80 -4.32 24.05 -33.70
CA ALA E 80 -4.77 22.83 -33.03
C ALA E 80 -5.81 22.08 -33.85
N GLY E 81 -6.39 22.76 -34.82
CA GLY E 81 -7.41 22.15 -35.64
C GLY E 81 -8.76 22.20 -34.97
N PHE E 82 -9.03 23.25 -34.19
CA PHE E 82 -10.35 23.34 -33.57
C PHE E 82 -11.20 24.30 -34.37
N LEU E 83 -11.66 23.75 -35.50
CA LEU E 83 -12.47 24.45 -36.47
C LEU E 83 -13.70 25.12 -35.88
N ASP E 84 -14.45 24.41 -35.04
CA ASP E 84 -15.61 25.04 -34.46
C ASP E 84 -15.22 26.30 -33.70
N THR E 85 -14.18 26.19 -32.88
CA THR E 85 -13.72 27.32 -32.09
C THR E 85 -13.27 28.43 -33.00
N LEU E 86 -12.51 28.08 -34.04
CA LEU E 86 -12.01 29.08 -34.98
C LEU E 86 -13.20 29.74 -35.64
N GLN E 87 -14.22 28.93 -35.86
CA GLN E 87 -15.41 29.46 -36.46
C GLN E 87 -16.19 30.38 -35.55
N THR E 88 -16.38 29.98 -34.29
CA THR E 88 -17.09 30.87 -33.40
C THR E 88 -16.27 32.14 -33.16
N LEU E 89 -14.97 32.10 -33.37
CA LEU E 89 -14.16 33.30 -33.19
C LEU E 89 -14.45 34.28 -34.31
N LEU E 90 -14.54 33.78 -35.53
CA LEU E 90 -14.82 34.64 -36.70
C LEU E 90 -16.22 35.19 -36.54
N GLU E 91 -17.12 34.31 -36.11
CA GLU E 91 -18.50 34.66 -35.86
C GLU E 91 -18.54 35.96 -35.05
N PHE E 92 -17.53 36.18 -34.22
CA PHE E 92 -17.47 37.41 -33.44
C PHE E 92 -16.46 38.42 -33.99
N GLN E 93 -16.34 38.45 -35.30
CA GLN E 93 -15.45 39.41 -35.95
C GLN E 93 -13.94 39.30 -35.76
N ALA E 94 -13.43 38.15 -35.36
CA ALA E 94 -11.99 38.02 -35.22
C ALA E 94 -11.38 38.16 -36.62
N ASP E 95 -10.21 38.80 -36.73
CA ASP E 95 -9.58 38.98 -38.02
C ASP E 95 -8.89 37.73 -38.52
N VAL E 96 -9.38 37.23 -39.64
CA VAL E 96 -8.88 36.03 -40.28
C VAL E 96 -7.47 36.20 -40.77
N ASN E 97 -7.08 37.46 -41.02
CA ASN E 97 -5.73 37.71 -41.55
C ASN E 97 -4.73 38.25 -40.54
N ILE E 98 -5.09 38.29 -39.26
CA ILE E 98 -4.17 38.74 -38.25
C ILE E 98 -2.89 37.87 -38.36
N GLU E 99 -1.73 38.51 -38.40
CA GLU E 99 -0.49 37.76 -38.51
C GLU E 99 0.13 37.60 -37.14
N ASP E 100 0.96 36.59 -36.95
CA ASP E 100 1.64 36.41 -35.69
C ASP E 100 2.86 37.31 -35.78
N ASN E 101 3.91 37.04 -35.02
CA ASN E 101 5.07 37.93 -35.13
C ASN E 101 6.09 37.53 -36.20
N GLU E 102 5.84 36.42 -36.89
CA GLU E 102 6.69 35.92 -37.98
C GLU E 102 5.91 36.09 -39.27
N GLY E 103 4.87 36.92 -39.24
CA GLY E 103 4.04 37.19 -40.40
C GLY E 103 3.16 36.02 -40.83
N ASN E 104 2.70 35.20 -39.88
CA ASN E 104 1.86 34.05 -40.21
C ASN E 104 0.40 34.31 -39.99
N LEU E 105 -0.42 33.60 -40.75
CA LEU E 105 -1.86 33.74 -40.65
C LEU E 105 -2.36 32.43 -40.07
N PRO E 106 -3.59 32.39 -39.56
CA PRO E 106 -4.05 31.11 -39.02
C PRO E 106 -3.84 30.02 -40.07
N LEU E 107 -4.11 30.38 -41.32
CA LEU E 107 -3.97 29.48 -42.47
C LEU E 107 -2.57 28.87 -42.58
N HIS E 108 -1.54 29.66 -42.36
CA HIS E 108 -0.18 29.13 -42.42
C HIS E 108 -0.05 27.98 -41.43
N LEU E 109 -0.44 28.25 -40.19
CA LEU E 109 -0.36 27.29 -39.11
C LEU E 109 -1.25 26.04 -39.27
N ALA E 110 -2.43 26.18 -39.88
CA ALA E 110 -3.32 25.04 -40.11
C ALA E 110 -2.67 24.16 -41.20
N ALA E 111 -2.12 24.85 -42.20
CA ALA E 111 -1.44 24.21 -43.32
C ALA E 111 -0.21 23.47 -42.83
N LYS E 112 0.63 24.18 -42.09
CA LYS E 112 1.85 23.64 -41.52
C LYS E 112 1.55 22.39 -40.68
N GLU E 113 0.38 22.34 -40.06
CA GLU E 113 0.02 21.21 -39.19
C GLU E 113 -0.75 20.07 -39.87
N GLY E 114 -1.13 20.24 -41.14
CA GLY E 114 -1.87 19.21 -41.85
C GLY E 114 -3.37 19.20 -41.62
N HIS E 115 -3.92 20.22 -40.96
CA HIS E 115 -5.35 20.26 -40.69
C HIS E 115 -6.15 20.60 -41.93
N LEU E 116 -6.39 19.57 -42.74
CA LEU E 116 -7.10 19.69 -44.02
C LEU E 116 -8.48 20.33 -43.97
N ARG E 117 -9.28 19.96 -43.00
CA ARG E 117 -10.62 20.52 -42.92
C ARG E 117 -10.57 21.95 -42.44
N VAL E 118 -9.42 22.40 -41.93
CA VAL E 118 -9.29 23.79 -41.49
C VAL E 118 -8.71 24.65 -42.62
N VAL E 119 -7.88 24.03 -43.46
CA VAL E 119 -7.38 24.74 -44.61
C VAL E 119 -8.58 24.83 -45.56
N GLU E 120 -9.26 23.70 -45.74
CA GLU E 120 -10.47 23.64 -46.56
C GLU E 120 -11.32 24.88 -46.28
N PHE E 121 -11.74 25.05 -45.03
CA PHE E 121 -12.60 26.17 -44.62
C PHE E 121 -12.04 27.56 -44.89
N LEU E 122 -10.79 27.79 -44.53
CA LEU E 122 -10.18 29.09 -44.73
C LEU E 122 -10.16 29.45 -46.21
N VAL E 123 -9.65 28.54 -47.02
CA VAL E 123 -9.57 28.75 -48.45
C VAL E 123 -10.89 29.04 -49.13
N LYS E 124 -11.94 28.31 -48.78
CA LYS E 124 -13.22 28.48 -49.43
C LYS E 124 -14.27 29.39 -48.79
N HIS E 125 -14.13 29.70 -47.49
CA HIS E 125 -15.15 30.51 -46.84
C HIS E 125 -14.70 31.70 -45.99
N THR E 126 -13.43 32.09 -46.13
CA THR E 126 -12.93 33.24 -45.37
C THR E 126 -12.16 34.21 -46.25
N ALA E 127 -11.96 35.43 -45.75
CA ALA E 127 -11.21 36.41 -46.49
C ALA E 127 -9.71 36.10 -46.37
N SER E 128 -9.38 34.93 -45.86
CA SER E 128 -7.98 34.58 -45.71
C SER E 128 -7.14 34.90 -46.95
N ASN E 129 -6.27 35.88 -46.79
CA ASN E 129 -5.38 36.26 -47.86
C ASN E 129 -4.32 35.15 -48.09
N VAL E 130 -4.67 34.23 -48.98
CA VAL E 130 -3.84 33.09 -49.36
C VAL E 130 -2.41 33.42 -49.78
N GLY E 131 -2.32 34.29 -50.78
CA GLY E 131 -1.04 34.67 -51.31
C GLY E 131 -0.08 35.24 -50.29
N HIS E 132 -0.57 35.57 -49.09
CA HIS E 132 0.30 36.14 -48.06
C HIS E 132 1.54 35.33 -47.74
N ARG E 133 2.68 36.01 -47.80
CA ARG E 133 4.00 35.42 -47.52
C ARG E 133 4.48 35.90 -46.16
N ASN E 134 4.98 34.98 -45.35
CA ASN E 134 5.45 35.36 -44.02
C ASN E 134 6.85 35.92 -44.13
N HIS E 135 7.39 36.32 -42.99
CA HIS E 135 8.72 36.90 -42.90
C HIS E 135 9.85 36.04 -43.49
N LYS E 136 9.58 34.79 -43.82
CA LYS E 136 10.62 33.96 -44.44
C LYS E 136 10.32 33.86 -45.91
N GLY E 137 9.29 34.58 -46.34
CA GLY E 137 8.90 34.57 -47.73
C GLY E 137 7.91 33.47 -48.10
N ASP E 138 7.70 32.53 -47.18
CA ASP E 138 6.80 31.42 -47.42
C ASP E 138 5.29 31.70 -47.44
N THR E 139 4.55 30.72 -47.93
CA THR E 139 3.09 30.75 -48.02
C THR E 139 2.54 29.57 -47.23
N ALA E 140 1.25 29.62 -46.95
CA ALA E 140 0.64 28.53 -46.23
C ALA E 140 0.98 27.29 -47.06
N CYS E 141 0.64 27.33 -48.35
CA CYS E 141 0.89 26.18 -49.21
C CYS E 141 2.36 25.77 -49.27
N ASP E 142 3.25 26.75 -49.25
CA ASP E 142 4.67 26.48 -49.27
C ASP E 142 5.03 25.70 -48.02
N LEU E 143 4.49 26.11 -46.88
CA LEU E 143 4.77 25.41 -45.62
C LEU E 143 4.24 24.00 -45.62
N ALA E 144 3.09 23.81 -46.28
CA ALA E 144 2.47 22.49 -46.38
C ALA E 144 3.47 21.62 -47.13
N ARG E 145 4.00 22.19 -48.20
CA ARG E 145 4.98 21.52 -49.06
C ARG E 145 6.29 21.26 -48.25
N LEU E 146 6.78 22.28 -47.57
CA LEU E 146 8.01 22.16 -46.76
C LEU E 146 7.85 21.22 -45.57
N TYR E 147 6.62 20.81 -45.29
CA TYR E 147 6.37 19.90 -44.17
C TYR E 147 5.77 18.56 -44.54
N GLY E 148 5.50 18.33 -45.82
CA GLY E 148 4.97 17.05 -46.23
C GLY E 148 3.45 16.95 -46.25
N ARG E 149 2.76 17.97 -45.77
CA ARG E 149 1.31 17.94 -45.78
C ARG E 149 0.77 17.94 -47.20
N ASN E 150 1.33 17.07 -48.01
CA ASN E 150 0.96 16.93 -49.42
C ASN E 150 -0.56 16.92 -49.64
N GLU E 151 -1.26 16.08 -48.89
CA GLU E 151 -2.71 15.99 -49.01
C GLU E 151 -3.28 17.40 -48.98
N VAL E 152 -2.73 18.22 -48.09
CA VAL E 152 -3.14 19.60 -47.91
C VAL E 152 -2.69 20.46 -49.09
N VAL E 153 -1.47 20.24 -49.53
CA VAL E 153 -0.92 20.97 -50.67
C VAL E 153 -1.85 20.79 -51.87
N SER E 154 -2.17 19.54 -52.19
CA SER E 154 -3.06 19.23 -53.29
C SER E 154 -4.34 20.04 -53.19
N LEU E 155 -5.14 19.75 -52.18
CA LEU E 155 -6.41 20.46 -51.98
C LEU E 155 -6.21 21.94 -52.08
N MET E 156 -5.21 22.44 -51.37
CA MET E 156 -4.97 23.86 -51.38
C MET E 156 -4.80 24.38 -52.79
N GLN E 157 -3.92 23.77 -53.58
CA GLN E 157 -3.73 24.23 -54.96
C GLN E 157 -4.83 23.83 -55.93
N ALA E 158 -5.65 22.86 -55.56
CA ALA E 158 -6.76 22.46 -56.41
C ALA E 158 -7.76 23.62 -56.29
N ASN E 159 -7.42 24.58 -55.44
CA ASN E 159 -8.21 25.78 -55.15
C ASN E 159 -7.40 27.07 -55.24
N GLY E 160 -6.14 27.04 -54.77
CA GLY E 160 -5.26 28.21 -54.76
C GLY E 160 -4.05 28.16 -53.81
N LEU F 16 0.06 -14.87 -26.36
CA LEU F 16 1.29 -14.35 -27.03
C LEU F 16 1.87 -13.11 -26.36
N CYS F 17 1.64 -13.00 -25.06
CA CYS F 17 2.16 -11.87 -24.29
C CYS F 17 3.68 -11.76 -24.43
N GLU F 18 4.40 -12.77 -23.93
CA GLU F 18 5.85 -12.76 -23.99
C GLU F 18 6.45 -12.33 -25.30
N ASP F 19 6.26 -13.16 -26.32
CA ASP F 19 6.79 -12.92 -27.66
C ASP F 19 6.68 -11.51 -28.24
N ARG F 20 5.60 -10.80 -27.92
CA ARG F 20 5.45 -9.46 -28.45
C ARG F 20 6.25 -8.38 -27.74
N ILE F 21 6.39 -8.50 -26.43
CA ILE F 21 7.16 -7.54 -25.67
C ILE F 21 8.60 -7.67 -26.18
N PHE F 22 9.12 -8.90 -26.18
CA PHE F 22 10.49 -9.20 -26.66
C PHE F 22 10.74 -8.48 -27.98
N TYR F 23 9.91 -8.79 -28.97
CA TYR F 23 10.05 -8.16 -30.27
C TYR F 23 10.25 -6.63 -30.15
N ASN F 24 9.41 -5.94 -29.36
CA ASN F 24 9.53 -4.48 -29.21
C ASN F 24 10.79 -4.08 -28.47
N ILE F 25 11.07 -4.76 -27.38
CA ILE F 25 12.27 -4.49 -26.60
C ILE F 25 13.46 -4.45 -27.52
N LEU F 26 13.45 -5.33 -28.52
CA LEU F 26 14.55 -5.38 -29.47
C LEU F 26 14.77 -4.08 -30.20
N GLU F 27 13.68 -3.40 -30.57
CA GLU F 27 13.79 -2.14 -31.28
C GLU F 27 14.36 -1.01 -30.41
N ILE F 28 13.98 -1.00 -29.14
CA ILE F 28 14.46 0.00 -28.18
C ILE F 28 15.96 -0.20 -27.89
N GLU F 29 16.30 -1.47 -27.64
CA GLU F 29 17.65 -1.96 -27.32
C GLU F 29 18.89 -1.13 -27.69
N PRO F 30 19.12 -0.89 -29.01
CA PRO F 30 20.30 -0.09 -29.40
C PRO F 30 20.43 1.24 -28.69
N ARG F 31 19.32 1.70 -28.11
CA ARG F 31 19.28 2.96 -27.39
C ARG F 31 20.15 2.97 -26.14
N PHE F 32 20.58 1.80 -25.68
CA PHE F 32 21.40 1.77 -24.47
C PHE F 32 22.84 1.30 -24.65
N LEU F 33 23.21 1.11 -25.91
CA LEU F 33 24.55 0.71 -26.28
C LEU F 33 25.54 1.73 -25.73
N THR F 34 26.71 1.27 -25.29
CA THR F 34 27.76 2.15 -24.79
C THR F 34 29.03 1.86 -25.58
N SER F 35 30.15 2.48 -25.20
CA SER F 35 31.38 2.25 -25.92
C SER F 35 32.71 2.44 -25.27
N ASP F 36 33.41 1.34 -25.33
CA ASP F 36 34.74 1.10 -24.86
C ASP F 36 35.71 2.16 -25.44
N SER F 37 35.39 2.65 -26.64
CA SER F 37 36.23 3.61 -27.34
C SER F 37 36.46 4.94 -26.67
N VAL F 38 35.67 5.23 -25.65
CA VAL F 38 35.75 6.50 -24.94
C VAL F 38 37.07 6.85 -24.24
N PHE F 39 37.63 5.85 -23.55
CA PHE F 39 38.81 6.07 -22.73
C PHE F 39 39.99 6.92 -23.14
N GLY F 40 40.97 6.37 -23.83
CA GLY F 40 42.12 7.19 -24.18
C GLY F 40 41.87 8.45 -24.99
N THR F 41 40.60 8.71 -25.33
CA THR F 41 40.22 9.85 -26.14
C THR F 41 39.34 10.87 -25.42
N PHE F 42 38.03 10.65 -25.42
CA PHE F 42 37.12 11.57 -24.77
C PHE F 42 37.34 11.59 -23.25
N GLN F 43 37.76 10.46 -22.68
CA GLN F 43 37.97 10.50 -21.24
C GLN F 43 39.27 11.16 -20.87
N GLN F 44 40.36 10.72 -21.48
CA GLN F 44 41.65 11.34 -21.22
C GLN F 44 42.30 10.97 -19.89
N SER F 45 41.64 11.33 -18.78
CA SER F 45 42.15 11.08 -17.43
C SER F 45 41.96 9.61 -17.01
N LEU F 46 41.00 8.92 -17.61
CA LEU F 46 40.68 7.54 -17.26
C LEU F 46 41.07 6.57 -18.36
N THR F 47 41.31 5.31 -17.97
CA THR F 47 41.70 4.24 -18.88
C THR F 47 40.83 3.02 -18.69
N SER F 48 40.73 2.24 -19.77
CA SER F 48 39.95 1.01 -19.79
C SER F 48 40.19 0.16 -18.53
N HIS F 49 41.44 0.07 -18.09
CA HIS F 49 41.73 -0.74 -16.93
C HIS F 49 41.21 -0.13 -15.63
N MET F 50 41.28 1.20 -15.50
CA MET F 50 40.80 1.87 -14.29
C MET F 50 39.29 1.62 -14.15
N ARG F 51 38.64 1.48 -15.31
CA ARG F 51 37.21 1.22 -15.41
C ARG F 51 36.98 -0.22 -14.98
N LYS F 52 37.81 -1.14 -15.48
CA LYS F 52 37.71 -2.56 -15.11
C LYS F 52 37.89 -2.71 -13.61
N LEU F 53 38.75 -1.89 -13.02
CA LEU F 53 38.93 -1.93 -11.58
C LEU F 53 37.64 -1.43 -10.90
N LEU F 54 37.27 -0.17 -11.14
CA LEU F 54 36.07 0.41 -10.55
C LEU F 54 34.92 -0.55 -10.73
N GLY F 55 34.83 -1.11 -11.93
CA GLY F 55 33.78 -2.04 -12.30
C GLY F 55 33.70 -3.22 -11.35
N THR F 56 34.81 -3.89 -11.15
CA THR F 56 34.83 -5.04 -10.27
C THR F 56 34.55 -4.63 -8.81
N TRP F 57 35.06 -3.47 -8.41
CA TRP F 57 34.81 -3.02 -7.05
C TRP F 57 33.32 -2.85 -6.88
N MET F 58 32.66 -2.35 -7.93
CA MET F 58 31.22 -2.17 -7.88
C MET F 58 30.58 -3.56 -7.76
N PHE F 59 31.05 -4.49 -8.58
CA PHE F 59 30.56 -5.85 -8.56
C PHE F 59 30.66 -6.42 -7.16
N SER F 60 31.78 -6.17 -6.50
CA SER F 60 31.98 -6.63 -5.13
C SER F 60 30.82 -6.09 -4.30
N VAL F 61 30.89 -4.79 -3.99
CA VAL F 61 29.88 -4.10 -3.20
C VAL F 61 28.48 -4.66 -3.38
N CYS F 62 28.16 -5.02 -4.63
CA CYS F 62 26.83 -5.57 -4.94
C CYS F 62 26.55 -6.98 -4.46
N GLN F 63 27.00 -7.96 -5.24
CA GLN F 63 26.77 -9.37 -4.91
C GLN F 63 27.15 -9.63 -3.42
N GLU F 64 27.91 -8.70 -2.84
CA GLU F 64 28.28 -8.81 -1.44
C GLU F 64 27.16 -8.22 -0.60
N TYR F 65 26.96 -6.88 -0.63
CA TYR F 65 25.88 -6.24 0.13
C TYR F 65 24.51 -6.75 -0.24
N ASN F 66 24.45 -7.97 -0.79
CA ASN F 66 23.19 -8.63 -1.15
C ASN F 66 22.29 -7.87 -2.13
N LEU F 67 22.81 -7.57 -3.33
CA LEU F 67 22.01 -6.87 -4.34
C LEU F 67 21.80 -7.76 -5.56
N GLU F 68 20.62 -7.66 -6.16
CA GLU F 68 20.28 -8.47 -7.35
C GLU F 68 21.26 -8.21 -8.50
N PRO F 69 21.48 -9.24 -9.36
CA PRO F 69 22.41 -8.97 -10.46
C PRO F 69 21.99 -7.70 -11.24
N ASN F 70 20.69 -7.56 -11.52
CA ASN F 70 20.18 -6.39 -12.24
C ASN F 70 20.86 -5.11 -11.78
N VAL F 71 20.89 -4.89 -10.47
CA VAL F 71 21.52 -3.69 -9.96
C VAL F 71 22.91 -3.37 -10.53
N VAL F 72 23.75 -4.39 -10.64
CA VAL F 72 25.09 -4.22 -11.17
C VAL F 72 25.03 -3.91 -12.68
N ALA F 73 24.21 -4.69 -13.38
CA ALA F 73 24.06 -4.53 -14.81
C ALA F 73 23.63 -3.12 -15.17
N LEU F 74 22.77 -2.54 -14.34
CA LEU F 74 22.27 -1.20 -14.56
C LEU F 74 23.28 -0.17 -14.09
N ALA F 75 23.84 -0.36 -12.91
CA ALA F 75 24.81 0.62 -12.45
C ALA F 75 25.93 0.77 -13.49
N LEU F 76 26.32 -0.32 -14.13
CA LEU F 76 27.37 -0.25 -15.13
C LEU F 76 26.93 0.48 -16.37
N ASN F 77 25.67 0.27 -16.78
CA ASN F 77 25.11 0.96 -17.95
C ASN F 77 25.04 2.48 -17.71
N LEU F 78 24.65 2.89 -16.52
CA LEU F 78 24.54 4.29 -16.16
C LEU F 78 25.92 4.92 -16.18
N LEU F 79 26.89 4.19 -15.63
CA LEU F 79 28.27 4.64 -15.56
C LEU F 79 28.84 4.82 -16.95
N ASP F 80 28.68 3.81 -17.80
CA ASP F 80 29.20 3.89 -19.14
C ASP F 80 28.42 4.80 -20.09
N ARG F 81 27.14 5.04 -19.81
CA ARG F 81 26.36 5.95 -20.63
C ARG F 81 26.73 7.35 -20.20
N LEU F 82 27.10 7.50 -18.93
CA LEU F 82 27.52 8.80 -18.41
C LEU F 82 28.88 9.20 -19.02
N LEU F 83 29.81 8.25 -19.04
CA LEU F 83 31.15 8.51 -19.59
C LEU F 83 31.13 8.81 -21.08
N LEU F 84 29.95 8.68 -21.67
CA LEU F 84 29.78 8.92 -23.08
C LEU F 84 29.43 10.39 -23.30
N ILE F 85 29.17 11.14 -22.23
CA ILE F 85 28.81 12.57 -22.36
C ILE F 85 29.44 13.46 -21.31
N LYS F 86 30.02 12.85 -20.29
CA LYS F 86 30.68 13.64 -19.27
C LYS F 86 32.14 13.19 -19.01
N GLN F 87 33.08 14.14 -19.07
CA GLN F 87 34.47 13.80 -18.81
C GLN F 87 34.64 13.68 -17.30
N VAL F 88 35.02 12.49 -16.85
CA VAL F 88 35.19 12.24 -15.41
C VAL F 88 36.67 12.13 -14.99
N SER F 89 37.01 12.83 -13.90
CA SER F 89 38.38 12.82 -13.39
C SER F 89 38.70 11.52 -12.66
N LYS F 90 39.98 11.28 -12.50
CA LYS F 90 40.48 10.11 -11.81
C LYS F 90 40.04 10.22 -10.34
N GLU F 91 40.31 11.38 -9.74
CA GLU F 91 39.94 11.62 -8.34
C GLU F 91 38.46 11.35 -7.99
N HIS F 92 37.61 11.45 -8.99
CA HIS F 92 36.20 11.26 -8.72
C HIS F 92 35.55 10.09 -9.47
N PHE F 93 36.38 9.32 -10.19
CA PHE F 93 35.84 8.18 -10.93
C PHE F 93 35.00 7.41 -9.94
N GLN F 94 35.66 6.93 -8.89
CA GLN F 94 34.99 6.13 -7.88
C GLN F 94 33.66 6.63 -7.38
N LYS F 95 33.65 7.84 -6.81
CA LYS F 95 32.44 8.46 -6.28
C LYS F 95 31.31 8.38 -7.33
N THR F 96 31.70 8.55 -8.60
CA THR F 96 30.79 8.48 -9.74
C THR F 96 30.19 7.07 -9.90
N GLY F 97 31.02 6.04 -9.78
CA GLY F 97 30.51 4.69 -9.88
C GLY F 97 29.60 4.40 -8.70
N SER F 98 29.84 5.10 -7.58
CA SER F 98 29.03 4.94 -6.37
C SER F 98 27.64 5.49 -6.65
N ALA F 99 27.59 6.72 -7.15
CA ALA F 99 26.33 7.33 -7.50
C ALA F 99 25.56 6.38 -8.44
N CYS F 100 26.25 5.76 -9.39
CA CYS F 100 25.57 4.82 -10.29
C CYS F 100 24.99 3.66 -9.48
N LEU F 101 25.70 3.26 -8.43
CA LEU F 101 25.26 2.14 -7.57
C LEU F 101 24.00 2.52 -6.77
N LEU F 102 24.04 3.75 -6.24
CA LEU F 102 22.93 4.28 -5.47
C LEU F 102 21.71 4.26 -6.37
N VAL F 103 21.72 5.11 -7.40
CA VAL F 103 20.61 5.20 -8.35
C VAL F 103 20.16 3.80 -8.85
N ALA F 104 21.12 3.01 -9.34
CA ALA F 104 20.77 1.69 -9.85
C ALA F 104 19.98 0.86 -8.87
N SER F 105 20.33 0.91 -7.58
CA SER F 105 19.57 0.11 -6.62
C SER F 105 18.25 0.79 -6.22
N LYS F 106 18.22 2.12 -6.26
CA LYS F 106 16.97 2.80 -5.94
C LYS F 106 15.96 2.45 -7.02
N LEU F 107 16.44 1.91 -8.14
CA LEU F 107 15.58 1.54 -9.25
C LEU F 107 15.37 0.07 -9.37
N ARG F 108 16.19 -0.73 -8.68
CA ARG F 108 16.05 -2.16 -8.83
C ARG F 108 16.03 -3.05 -7.62
N SER F 109 16.49 -2.59 -6.46
CA SER F 109 16.47 -3.49 -5.32
C SER F 109 15.35 -3.16 -4.33
N LEU F 110 14.82 -4.21 -3.69
CA LEU F 110 13.77 -4.03 -2.69
C LEU F 110 14.49 -3.38 -1.53
N THR F 111 15.79 -3.68 -1.47
CA THR F 111 16.74 -3.21 -0.46
C THR F 111 17.70 -2.14 -0.98
N PRO F 112 17.18 -0.97 -1.39
CA PRO F 112 18.13 0.03 -1.87
C PRO F 112 19.26 0.33 -0.89
N ILE F 113 20.49 0.16 -1.37
CA ILE F 113 21.67 0.40 -0.55
C ILE F 113 21.72 1.85 -0.11
N SER F 114 22.24 2.11 1.09
CA SER F 114 22.30 3.47 1.65
C SER F 114 23.55 4.30 1.27
N THR F 115 23.41 5.62 1.37
CA THR F 115 24.51 6.53 1.09
C THR F 115 25.65 6.16 2.02
N SER F 116 25.41 6.29 3.32
CA SER F 116 26.38 5.96 4.37
C SER F 116 27.04 4.59 4.14
N SER F 117 26.24 3.59 3.80
CA SER F 117 26.76 2.27 3.51
C SER F 117 27.80 2.37 2.37
N LEU F 118 27.48 3.17 1.34
CA LEU F 118 28.40 3.35 0.20
C LEU F 118 29.65 4.12 0.62
N CYS F 119 29.47 5.36 1.10
CA CYS F 119 30.60 6.18 1.55
C CYS F 119 31.57 5.30 2.35
N TYR F 120 31.02 4.35 3.10
CA TYR F 120 31.80 3.44 3.91
C TYR F 120 32.69 2.59 3.00
N ALA F 121 32.10 1.64 2.28
CA ALA F 121 32.86 0.74 1.38
C ALA F 121 33.76 1.53 0.44
N ALA F 122 33.58 2.85 0.46
CA ALA F 122 34.36 3.76 -0.37
C ALA F 122 35.55 4.29 0.43
N ALA F 123 35.96 3.55 1.45
CA ALA F 123 37.07 3.95 2.30
C ALA F 123 36.79 5.35 2.83
N ASP F 124 35.52 5.71 2.87
CA ASP F 124 35.12 7.02 3.35
C ASP F 124 35.81 8.14 2.56
N SER F 125 36.33 7.79 1.39
CA SER F 125 37.01 8.77 0.56
C SER F 125 36.16 9.99 0.22
N PHE F 126 34.85 9.82 0.12
CA PHE F 126 34.01 10.98 -0.17
C PHE F 126 32.87 11.13 0.83
N SER F 127 32.42 12.36 1.00
CA SER F 127 31.36 12.73 1.94
C SER F 127 29.98 12.32 1.48
N ARG F 128 29.08 12.14 2.44
CA ARG F 128 27.69 11.79 2.16
C ARG F 128 27.10 12.87 1.25
N GLN F 129 27.34 14.15 1.57
CA GLN F 129 26.82 15.21 0.72
C GLN F 129 27.29 15.04 -0.70
N GLU F 130 28.61 14.90 -0.84
CA GLU F 130 29.29 14.74 -2.12
C GLU F 130 28.77 13.59 -2.97
N LEU F 131 28.37 12.50 -2.34
CA LEU F 131 27.82 11.40 -3.12
C LEU F 131 26.44 11.82 -3.61
N ILE F 132 25.72 12.53 -2.76
CA ILE F 132 24.38 13.02 -3.06
C ILE F 132 24.39 14.04 -4.17
N ASP F 133 25.43 14.87 -4.18
CA ASP F 133 25.58 15.90 -5.20
C ASP F 133 25.95 15.27 -6.54
N GLN F 134 26.51 14.06 -6.48
CA GLN F 134 26.87 13.31 -7.69
C GLN F 134 25.63 12.61 -8.23
N GLU F 135 24.70 12.27 -7.34
CA GLU F 135 23.47 11.62 -7.76
C GLU F 135 22.66 12.67 -8.49
N LYS F 136 22.58 13.88 -7.92
CA LYS F 136 21.84 14.97 -8.56
C LYS F 136 22.52 15.24 -9.91
N GLU F 137 23.84 15.18 -9.90
CA GLU F 137 24.66 15.43 -11.08
C GLU F 137 24.38 14.36 -12.15
N LEU F 138 24.44 13.11 -11.74
CA LEU F 138 24.21 11.99 -12.64
C LEU F 138 22.82 12.09 -13.27
N LEU F 139 21.82 12.40 -12.45
CA LEU F 139 20.45 12.49 -12.93
C LEU F 139 20.32 13.61 -13.96
N GLU F 140 21.05 14.70 -13.74
CA GLU F 140 21.01 15.85 -14.65
C GLU F 140 21.67 15.61 -16.01
N LYS F 141 22.88 15.05 -16.03
CA LYS F 141 23.54 14.77 -17.28
C LYS F 141 22.74 13.73 -18.09
N LEU F 142 22.11 12.77 -17.44
CA LEU F 142 21.34 11.78 -18.17
C LEU F 142 19.89 12.17 -18.36
N ALA F 143 19.51 13.32 -17.79
CA ALA F 143 18.15 13.83 -17.85
C ALA F 143 17.10 12.82 -17.34
N TRP F 144 17.37 12.31 -16.14
CA TRP F 144 16.49 11.36 -15.48
C TRP F 144 16.12 10.10 -16.24
N ARG F 145 16.86 9.84 -17.33
CA ARG F 145 16.66 8.65 -18.14
C ARG F 145 17.57 7.59 -17.51
N THR F 146 17.12 7.02 -16.41
CA THR F 146 17.94 6.06 -15.68
C THR F 146 17.67 4.57 -15.92
N GLU F 147 16.58 4.26 -16.61
CA GLU F 147 16.26 2.87 -16.92
C GLU F 147 16.76 2.52 -18.32
N ALA F 148 17.08 1.25 -18.51
CA ALA F 148 17.55 0.76 -19.76
C ALA F 148 17.20 -0.71 -19.88
N VAL F 149 17.09 -1.20 -21.11
CA VAL F 149 16.85 -2.62 -21.35
C VAL F 149 18.22 -3.21 -20.96
N LEU F 150 18.23 -4.23 -20.11
CA LEU F 150 19.51 -4.83 -19.73
C LEU F 150 19.64 -6.23 -20.34
N ALA F 151 20.83 -6.80 -20.31
CA ALA F 151 20.99 -8.17 -20.81
C ALA F 151 20.34 -9.05 -19.73
N THR F 152 20.54 -8.72 -18.45
CA THR F 152 19.92 -9.52 -17.40
C THR F 152 18.38 -9.51 -17.56
N ASP F 153 17.84 -8.43 -18.10
CA ASP F 153 16.39 -8.36 -18.29
C ASP F 153 15.86 -9.26 -19.40
N VAL F 154 16.75 -9.84 -20.20
CA VAL F 154 16.32 -10.69 -21.30
C VAL F 154 16.52 -12.21 -21.10
N THR F 155 17.51 -12.56 -20.28
CA THR F 155 17.89 -13.96 -20.03
C THR F 155 16.74 -14.91 -19.73
N SER F 156 15.80 -14.44 -18.92
CA SER F 156 14.63 -15.22 -18.56
C SER F 156 13.90 -15.65 -19.83
N PHE F 157 13.21 -14.72 -20.47
CA PHE F 157 12.48 -15.03 -21.70
C PHE F 157 13.20 -16.01 -22.63
N LEU F 158 14.51 -15.80 -22.81
CA LEU F 158 15.29 -16.69 -23.67
C LEU F 158 15.44 -18.04 -23.02
N LEU F 159 15.90 -17.99 -21.78
CA LEU F 159 16.15 -19.18 -20.97
C LEU F 159 14.91 -20.07 -20.94
N LEU F 160 13.75 -19.46 -21.14
CA LEU F 160 12.48 -20.17 -21.14
C LEU F 160 12.20 -20.85 -22.45
N LYS F 161 12.65 -20.24 -23.53
CA LYS F 161 12.45 -20.84 -24.84
C LYS F 161 13.40 -22.02 -25.05
N LEU F 162 14.45 -22.09 -24.24
CA LEU F 162 15.42 -23.17 -24.35
C LEU F 162 15.03 -24.27 -23.36
N VAL F 163 15.11 -23.96 -22.08
CA VAL F 163 14.75 -24.90 -21.02
C VAL F 163 13.21 -25.00 -21.00
N GLY F 164 12.62 -25.33 -22.15
CA GLY F 164 11.18 -25.45 -22.33
C GLY F 164 10.25 -25.28 -21.14
N GLY F 165 10.22 -26.30 -20.28
CA GLY F 165 9.39 -26.27 -19.09
C GLY F 165 9.73 -25.18 -18.10
N SER F 166 9.34 -25.39 -16.84
CA SER F 166 9.59 -24.40 -15.80
C SER F 166 10.73 -24.81 -14.85
N GLN F 167 10.85 -26.11 -14.60
CA GLN F 167 11.88 -26.63 -13.70
C GLN F 167 13.26 -26.24 -14.23
N HIS F 168 14.15 -25.86 -13.32
CA HIS F 168 15.52 -25.43 -13.66
C HIS F 168 15.61 -23.96 -14.05
N LEU F 169 14.56 -23.46 -14.70
CA LEU F 169 14.50 -22.09 -15.16
C LEU F 169 15.07 -21.06 -14.18
N ASP F 170 15.13 -21.38 -12.89
CA ASP F 170 15.65 -20.41 -11.93
C ASP F 170 17.11 -20.62 -11.64
N PHE F 171 17.56 -21.87 -11.71
CA PHE F 171 18.97 -22.12 -11.45
C PHE F 171 19.78 -21.44 -12.54
N TRP F 172 19.42 -21.74 -13.79
CA TRP F 172 20.11 -21.20 -14.95
C TRP F 172 19.99 -19.68 -15.11
N HIS F 173 18.81 -19.16 -14.78
CA HIS F 173 18.60 -17.74 -14.88
C HIS F 173 19.62 -17.04 -13.99
N HIS F 174 19.61 -17.33 -12.69
CA HIS F 174 20.57 -16.69 -11.82
C HIS F 174 22.03 -16.99 -12.22
N GLU F 175 22.28 -18.13 -12.85
CA GLU F 175 23.64 -18.45 -13.25
C GLU F 175 24.07 -17.56 -14.43
N VAL F 176 23.32 -17.62 -15.52
CA VAL F 176 23.61 -16.81 -16.70
C VAL F 176 23.80 -15.32 -16.34
N ASN F 177 22.83 -14.71 -15.67
CA ASN F 177 22.91 -13.32 -15.26
C ASN F 177 24.16 -13.01 -14.43
N THR F 178 24.68 -13.99 -13.69
CA THR F 178 25.88 -13.71 -12.90
C THR F 178 27.07 -13.64 -13.87
N LEU F 179 27.03 -14.47 -14.90
CA LEU F 179 28.10 -14.46 -15.89
C LEU F 179 28.02 -13.08 -16.56
N ILE F 180 26.83 -12.74 -17.05
CA ILE F 180 26.52 -11.47 -17.72
C ILE F 180 27.12 -10.29 -16.96
N THR F 181 26.87 -10.20 -15.66
CA THR F 181 27.43 -9.10 -14.88
C THR F 181 28.96 -9.10 -14.92
N LYS F 182 29.57 -10.29 -14.89
CA LYS F 182 31.02 -10.37 -14.94
C LYS F 182 31.52 -9.79 -16.28
N ALA F 183 30.96 -10.30 -17.39
CA ALA F 183 31.32 -9.84 -18.74
C ALA F 183 31.18 -8.31 -18.88
N LEU F 184 30.19 -7.75 -18.18
CA LEU F 184 29.95 -6.33 -18.22
C LEU F 184 31.05 -5.52 -17.52
N VAL F 185 31.72 -6.09 -16.52
CA VAL F 185 32.76 -5.29 -15.87
C VAL F 185 33.79 -4.88 -16.93
N ASP F 186 33.83 -5.64 -18.03
CA ASP F 186 34.72 -5.33 -19.15
C ASP F 186 33.90 -4.46 -20.10
N PRO F 187 34.32 -3.18 -20.25
CA PRO F 187 33.69 -2.16 -21.10
C PRO F 187 33.48 -2.54 -22.55
N LEU F 188 34.17 -3.59 -23.02
CA LEU F 188 34.04 -4.03 -24.41
C LEU F 188 32.62 -4.57 -24.64
N THR F 189 32.13 -5.32 -23.67
CA THR F 189 30.81 -5.94 -23.72
C THR F 189 29.72 -4.91 -23.96
N GLY F 190 29.86 -3.77 -23.27
CA GLY F 190 28.91 -2.68 -23.36
C GLY F 190 28.52 -2.24 -24.75
N SER F 191 29.32 -2.63 -25.74
CA SER F 191 29.08 -2.26 -27.13
C SER F 191 28.07 -3.19 -27.76
N LEU F 192 27.64 -4.20 -27.00
CA LEU F 192 26.70 -5.17 -27.53
C LEU F 192 25.25 -5.08 -27.07
N PRO F 193 24.31 -5.45 -27.97
CA PRO F 193 22.85 -5.45 -27.73
C PRO F 193 22.50 -6.35 -26.56
N ALA F 194 21.59 -5.88 -25.69
CA ALA F 194 21.18 -6.67 -24.53
C ALA F 194 20.84 -8.11 -24.94
N SER F 195 20.10 -8.25 -26.04
CA SER F 195 19.69 -9.56 -26.58
C SER F 195 20.89 -10.46 -26.83
N ILE F 196 21.89 -9.91 -27.53
CA ILE F 196 23.11 -10.64 -27.86
C ILE F 196 23.82 -11.07 -26.58
N ILE F 197 24.26 -10.11 -25.78
CA ILE F 197 24.95 -10.43 -24.52
C ILE F 197 24.21 -11.52 -23.74
N SER F 198 22.88 -11.38 -23.68
CA SER F 198 22.01 -12.31 -22.97
C SER F 198 22.04 -13.75 -23.56
N ALA F 199 21.86 -13.88 -24.88
CA ALA F 199 21.90 -15.20 -25.55
C ALA F 199 23.29 -15.79 -25.45
N ALA F 200 24.29 -14.96 -25.73
CA ALA F 200 25.68 -15.39 -25.66
C ALA F 200 25.94 -16.00 -24.28
N GLY F 201 25.36 -15.40 -23.24
CA GLY F 201 25.56 -15.91 -21.89
C GLY F 201 24.86 -17.24 -21.67
N CYS F 202 23.63 -17.36 -22.17
CA CYS F 202 22.89 -18.60 -22.05
C CYS F 202 23.81 -19.64 -22.65
N ALA F 203 24.08 -19.48 -23.96
CA ALA F 203 24.92 -20.38 -24.73
C ALA F 203 26.16 -20.90 -23.99
N LEU F 204 26.83 -20.02 -23.27
CA LEU F 204 28.01 -20.45 -22.52
C LEU F 204 27.76 -21.33 -21.27
N LEU F 205 26.55 -21.33 -20.71
CA LEU F 205 26.29 -22.13 -19.50
C LEU F 205 25.32 -23.31 -19.53
N VAL F 206 24.17 -23.11 -20.17
CA VAL F 206 23.13 -24.14 -20.26
C VAL F 206 23.56 -25.39 -21.05
N PRO F 207 23.66 -26.54 -20.35
CA PRO F 207 24.04 -27.84 -20.93
C PRO F 207 22.99 -28.36 -21.93
N ALA F 208 23.43 -29.05 -22.98
CA ALA F 208 22.50 -29.57 -24.00
C ALA F 208 21.47 -30.60 -23.49
N ASN F 209 21.73 -31.16 -22.32
CA ASN F 209 20.83 -32.16 -21.74
C ASN F 209 19.55 -31.57 -21.15
N VAL F 210 19.57 -30.26 -20.83
CA VAL F 210 18.39 -29.61 -20.26
C VAL F 210 17.61 -28.88 -21.36
N ILE F 211 17.99 -29.12 -22.62
CA ILE F 211 17.36 -28.44 -23.75
C ILE F 211 16.73 -29.39 -24.79
N PRO F 212 15.52 -29.04 -25.29
CA PRO F 212 14.76 -29.82 -26.29
C PRO F 212 15.59 -30.38 -27.46
N GLN F 213 14.93 -31.13 -28.34
CA GLN F 213 15.57 -31.78 -29.49
C GLN F 213 16.41 -32.97 -28.99
N GLY F 219 21.07 -26.98 -32.95
CA GLY F 219 22.14 -26.43 -32.07
C GLY F 219 21.60 -25.36 -31.13
N VAL F 220 22.37 -25.01 -30.11
CA VAL F 220 21.96 -23.98 -29.14
C VAL F 220 22.04 -22.61 -29.75
N VAL F 221 23.21 -22.31 -30.29
CA VAL F 221 23.47 -21.03 -30.94
C VAL F 221 22.56 -20.76 -32.16
N PRO F 222 22.39 -21.75 -33.04
CA PRO F 222 21.52 -21.51 -34.21
C PRO F 222 20.07 -21.34 -33.75
N GLN F 223 19.77 -21.90 -32.58
CA GLN F 223 18.44 -21.84 -31.96
C GLN F 223 18.20 -20.45 -31.40
N LEU F 224 19.16 -19.95 -30.63
CA LEU F 224 19.09 -18.61 -30.06
C LEU F 224 19.15 -17.59 -31.18
N ALA F 225 20.11 -17.79 -32.09
CA ALA F 225 20.30 -16.88 -33.21
C ALA F 225 19.00 -16.77 -33.98
N SER F 226 18.26 -17.87 -34.04
CA SER F 226 16.97 -17.88 -34.75
C SER F 226 15.94 -17.05 -34.02
N ILE F 227 16.03 -17.04 -32.69
CA ILE F 227 15.13 -16.28 -31.84
C ILE F 227 15.45 -14.79 -31.97
N LEU F 228 16.72 -14.44 -31.74
CA LEU F 228 17.17 -13.06 -31.85
C LEU F 228 16.99 -12.53 -33.26
N GLY F 229 16.92 -13.44 -34.23
CA GLY F 229 16.77 -13.05 -35.62
C GLY F 229 18.10 -12.57 -36.19
N CYS F 230 19.22 -12.99 -35.60
CA CYS F 230 20.54 -12.59 -36.08
C CYS F 230 21.23 -13.72 -36.85
N ASP F 231 22.47 -13.51 -37.25
CA ASP F 231 23.20 -14.55 -37.97
C ASP F 231 23.91 -15.39 -36.92
N VAL F 232 24.11 -16.67 -37.22
CA VAL F 232 24.79 -17.56 -36.28
C VAL F 232 26.23 -17.09 -36.01
N SER F 233 26.85 -16.53 -37.06
CA SER F 233 28.22 -16.04 -36.99
C SER F 233 28.31 -14.89 -36.00
N VAL F 234 27.33 -13.99 -36.11
CA VAL F 234 27.24 -12.83 -35.25
C VAL F 234 27.18 -13.26 -33.79
N LEU F 235 26.26 -14.18 -33.49
CA LEU F 235 26.11 -14.67 -32.12
C LEU F 235 27.38 -15.39 -31.64
N GLN F 236 27.97 -16.18 -32.53
CA GLN F 236 29.18 -16.91 -32.19
C GLN F 236 30.30 -15.98 -31.77
N ALA F 237 30.48 -14.92 -32.56
CA ALA F 237 31.49 -13.91 -32.26
C ALA F 237 31.31 -13.43 -30.82
N ALA F 238 30.08 -13.04 -30.50
CA ALA F 238 29.72 -12.53 -29.18
C ALA F 238 30.05 -13.55 -28.10
N VAL F 239 29.77 -14.81 -28.41
CA VAL F 239 30.05 -15.88 -27.46
C VAL F 239 31.55 -15.80 -27.21
N GLU F 240 32.28 -15.96 -28.30
CA GLU F 240 33.73 -15.92 -28.30
C GLU F 240 34.26 -14.77 -27.48
N GLN F 241 33.78 -13.55 -27.78
CA GLN F 241 34.21 -12.35 -27.08
C GLN F 241 33.93 -12.36 -25.58
N ILE F 242 32.65 -12.57 -25.28
CA ILE F 242 32.18 -12.62 -23.91
C ILE F 242 32.91 -13.70 -23.14
N LEU F 243 33.18 -14.83 -23.80
CA LEU F 243 33.91 -15.90 -23.15
C LEU F 243 35.23 -15.35 -22.61
N THR F 244 35.98 -14.68 -23.47
CA THR F 244 37.27 -14.11 -23.08
C THR F 244 37.08 -13.19 -21.88
N SER F 245 36.22 -12.19 -22.07
CA SER F 245 35.90 -11.18 -21.05
C SER F 245 35.62 -11.77 -19.67
N VAL F 246 34.75 -12.78 -19.64
CA VAL F 246 34.37 -13.42 -18.39
C VAL F 246 35.57 -14.07 -17.71
N SER F 247 36.41 -14.72 -18.52
CA SER F 247 37.59 -15.36 -18.00
C SER F 247 38.44 -14.40 -17.15
N ASP F 248 38.61 -13.19 -17.64
CA ASP F 248 39.40 -12.18 -16.96
C ASP F 248 38.90 -11.81 -15.59
N PHE F 249 37.60 -11.96 -15.37
CA PHE F 249 37.06 -11.57 -14.08
C PHE F 249 37.84 -12.21 -12.95
N ASP F 250 38.28 -11.39 -12.01
CA ASP F 250 39.01 -11.88 -10.85
C ASP F 250 38.94 -10.87 -9.71
N LEU F 251 38.11 -11.18 -8.73
CA LEU F 251 37.89 -10.33 -7.55
C LEU F 251 39.12 -9.98 -6.71
N ARG F 252 40.30 -10.41 -7.15
CA ARG F 252 41.51 -10.13 -6.37
C ARG F 252 41.92 -8.68 -6.47
N ILE F 253 41.37 -7.90 -5.54
CA ILE F 253 41.57 -6.45 -5.37
C ILE F 253 42.33 -5.72 -6.49
#